data_5ZYS
# 
_entry.id   5ZYS 
# 
_audit_conform.dict_name       mmcif_pdbx.dic 
_audit_conform.dict_version    5.387 
_audit_conform.dict_location   http://mmcif.pdb.org/dictionaries/ascii/mmcif_pdbx.dic 
# 
loop_
_database_2.database_id 
_database_2.database_code 
_database_2.pdbx_database_accession 
_database_2.pdbx_DOI 
PDB   5ZYS         pdb_00005zys 10.2210/pdb5zys/pdb 
WWPDB D_1300007881 ?            ?                   
# 
loop_
_pdbx_audit_revision_history.ordinal 
_pdbx_audit_revision_history.data_content_type 
_pdbx_audit_revision_history.major_revision 
_pdbx_audit_revision_history.minor_revision 
_pdbx_audit_revision_history.revision_date 
1 'Structure model' 1 0 2019-01-23 
2 'Structure model' 2 0 2019-12-11 
3 'Structure model' 2 1 2024-03-27 
# 
loop_
_pdbx_audit_revision_details.ordinal 
_pdbx_audit_revision_details.revision_ordinal 
_pdbx_audit_revision_details.data_content_type 
_pdbx_audit_revision_details.provider 
_pdbx_audit_revision_details.type 
_pdbx_audit_revision_details.description 
_pdbx_audit_revision_details.details 
1 1 'Structure model' repository 'Initial release'        ?                      ? 
2 2 'Structure model' author     'Coordinate replacement' 'Sequence discrepancy' 
;there is one residue mismatch the nephrin sequence. So we replaced the previous sequence (LPFELPGHLV) with the real sequence (LPFELRGHLV) used in the crystal experiment.
;
# 
loop_
_pdbx_audit_revision_group.ordinal 
_pdbx_audit_revision_group.revision_ordinal 
_pdbx_audit_revision_group.data_content_type 
_pdbx_audit_revision_group.group 
1 2 'Structure model' 'Atomic model'           
2 2 'Structure model' 'Data collection'        
3 2 'Structure model' 'Derived calculations'   
4 2 'Structure model' 'Polymer sequence'       
5 2 'Structure model' 'Refinement description' 
6 2 'Structure model' 'Structure summary'      
7 3 'Structure model' 'Data collection'        
8 3 'Structure model' 'Database references'    
# 
loop_
_pdbx_audit_revision_category.ordinal 
_pdbx_audit_revision_category.revision_ordinal 
_pdbx_audit_revision_category.data_content_type 
_pdbx_audit_revision_category.category 
1  2 'Structure model' atom_site               
2  2 'Structure model' diffrn                  
3  2 'Structure model' entity                  
4  2 'Structure model' entity_poly             
5  2 'Structure model' entity_poly_seq         
6  2 'Structure model' pdbx_nonpoly_scheme     
7  2 'Structure model' pdbx_poly_seq_scheme    
8  2 'Structure model' pdbx_struct_sheet_hbond 
9  2 'Structure model' refine                  
10 2 'Structure model' refine_hist             
11 2 'Structure model' refine_ls_shell         
12 2 'Structure model' reflns                  
13 2 'Structure model' software                
14 2 'Structure model' struct_sheet_range      
15 3 'Structure model' chem_comp_atom          
16 3 'Structure model' chem_comp_bond          
17 3 'Structure model' database_2              
# 
loop_
_pdbx_audit_revision_item.ordinal 
_pdbx_audit_revision_item.revision_ordinal 
_pdbx_audit_revision_item.data_content_type 
_pdbx_audit_revision_item.item 
1  2 'Structure model' '_diffrn.pdbx_serial_crystal_experiment'          
2  2 'Structure model' '_entity.formula_weight'                          
3  2 'Structure model' '_entity_poly.pdbx_seq_one_letter_code'           
4  2 'Structure model' '_entity_poly.pdbx_seq_one_letter_code_can'       
5  2 'Structure model' '_entity_poly_seq.mon_id'                         
6  2 'Structure model' '_pdbx_nonpoly_scheme.asym_id'                    
7  2 'Structure model' '_pdbx_nonpoly_scheme.auth_seq_num'               
8  2 'Structure model' '_pdbx_nonpoly_scheme.ndb_seq_num'                
9  2 'Structure model' '_pdbx_nonpoly_scheme.pdb_seq_num'                
10 2 'Structure model' '_pdbx_nonpoly_scheme.pdb_strand_id'              
11 2 'Structure model' '_pdbx_poly_seq_scheme.auth_mon_id'               
12 2 'Structure model' '_pdbx_poly_seq_scheme.mon_id'                    
13 2 'Structure model' '_pdbx_poly_seq_scheme.pdb_mon_id'                
14 2 'Structure model' '_pdbx_struct_sheet_hbond.range_1_auth_comp_id'   
15 2 'Structure model' '_pdbx_struct_sheet_hbond.range_1_auth_seq_id'    
16 2 'Structure model' '_pdbx_struct_sheet_hbond.range_1_label_comp_id'  
17 2 'Structure model' '_pdbx_struct_sheet_hbond.range_1_label_seq_id'   
18 2 'Structure model' '_pdbx_struct_sheet_hbond.range_2_auth_comp_id'   
19 2 'Structure model' '_pdbx_struct_sheet_hbond.range_2_auth_seq_id'    
20 2 'Structure model' '_pdbx_struct_sheet_hbond.range_2_label_comp_id'  
21 2 'Structure model' '_pdbx_struct_sheet_hbond.range_2_label_seq_id'   
22 2 'Structure model' '_refine.ls_number_reflns_R_work'                 
23 2 'Structure model' '_refine.overall_FOM_work_R_set'                  
24 2 'Structure model' '_refine.pdbx_R_Free_selection_details'           
25 2 'Structure model' '_refine.pdbx_method_to_determine_struct'         
26 2 'Structure model' '_refine.pdbx_stereochemistry_target_values'      
27 2 'Structure model' '_refine.solvent_model_details'                   
28 2 'Structure model' '_refine_hist.number_atoms_total'                 
29 2 'Structure model' '_refine_hist.pdbx_number_atoms_protein'          
30 2 'Structure model' '_refine_ls_shell.d_res_high'                     
31 2 'Structure model' '_refine_ls_shell.d_res_low'                      
32 2 'Structure model' '_refine_ls_shell.number_reflns_all'              
33 2 'Structure model' '_refine_ls_shell.pdbx_total_number_of_bins_used' 
34 2 'Structure model' '_reflns.pdbx_number_measured_all'                
35 2 'Structure model' '_software.classification'                        
36 2 'Structure model' '_software.name'                                  
37 2 'Structure model' '_software.version'                               
38 2 'Structure model' '_struct_sheet_range.end_auth_comp_id'            
39 2 'Structure model' '_struct_sheet_range.end_auth_seq_id'             
40 2 'Structure model' '_struct_sheet_range.end_label_comp_id'           
41 2 'Structure model' '_struct_sheet_range.end_label_seq_id'            
42 3 'Structure model' '_database_2.pdbx_DOI'                            
43 3 'Structure model' '_database_2.pdbx_database_accession'             
# 
_pdbx_database_status.status_code                     REL 
_pdbx_database_status.status_code_sf                  REL 
_pdbx_database_status.status_code_mr                  ? 
_pdbx_database_status.entry_id                        5ZYS 
_pdbx_database_status.recvd_initial_deposition_date   2018-05-28 
_pdbx_database_status.SG_entry                        N 
_pdbx_database_status.deposit_site                    PDBJ 
_pdbx_database_status.process_site                    PDBJ 
_pdbx_database_status.status_code_cs                  ? 
_pdbx_database_status.methods_development_category    ? 
_pdbx_database_status.pdb_format_compatible           Y 
_pdbx_database_status.status_code_nmr_data            ? 
# 
loop_
_audit_author.name 
_audit_author.pdbx_ordinal 
_audit_author.identifier_ORCID 
'Weng, Z.F.'  1 ? 
'Shng, Y.'    2 ? 
'Zhu, J.W.'   3 ? 
'Zhang, R.G.' 4 ? 
# 
_citation.abstract                  ? 
_citation.abstract_id_CAS           ? 
_citation.book_id_ISBN              ? 
_citation.book_publisher            ? 
_citation.book_publisher_city       ? 
_citation.book_title                ? 
_citation.coordinate_linkage        ? 
_citation.country                   ? 
_citation.database_id_Medline       ? 
_citation.details                   ? 
_citation.id                        primary 
_citation.journal_abbrev            'J. Am. Soc. Nephrol.' 
_citation.journal_id_ASTM           ? 
_citation.journal_id_CSD            ? 
_citation.journal_id_ISSN           1533-3450 
_citation.journal_full              ? 
_citation.journal_issue             ? 
_citation.journal_volume            29 
_citation.language                  ? 
_citation.page_first                2362 
_citation.page_last                 2371 
_citation.title                     
'Structural Basis of Highly Specific Interaction between Nephrin and MAGI1 in Slit Diaphragm Assembly and Signaling.' 
_citation.year                      2018 
_citation.database_id_CSD           ? 
_citation.pdbx_database_id_DOI      10.1681/ASN.2017121275 
_citation.pdbx_database_id_PubMed   30006415 
_citation.unpublished_flag          ? 
# 
loop_
_citation_author.citation_id 
_citation_author.name 
_citation_author.ordinal 
_citation_author.identifier_ORCID 
primary 'Weng, Z.'  1 ? 
primary 'Shang, Y.' 2 ? 
primary 'Ji, Z.'    3 ? 
primary 'Ye, F.'    4 ? 
primary 'Lin, L.'   5 ? 
primary 'Zhang, R.' 6 ? 
primary 'Zhu, J.'   7 ? 
# 
loop_
_entity.id 
_entity.type 
_entity.src_method 
_entity.pdbx_description 
_entity.formula_weight 
_entity.pdbx_number_of_molecules 
_entity.pdbx_ec 
_entity.pdbx_mutation 
_entity.pdbx_fragment 
_entity.details 
1 polymer man 'Membrane-associated guanylate kinase, WW and PDZ domain-containing protein 1' 10576.033 1  ? ? ? ? 
2 polymer syn Nephrin                                                                        1182.414  1  ? ? ? ? 
3 water   nat water                                                                          18.015    88 ? ? ? ? 
# 
_entity_name_com.entity_id   1 
_entity_name_com.name        'BAI1-associated protein 1,BAP-1,Membrane-associated guanylate kinase inverted 1,MAGI-1' 
# 
loop_
_entity_poly.entity_id 
_entity_poly.type 
_entity_poly.nstd_linkage 
_entity_poly.nstd_monomer 
_entity_poly.pdbx_seq_one_letter_code 
_entity_poly.pdbx_seq_one_letter_code_can 
_entity_poly.pdbx_strand_id 
_entity_poly.pdbx_target_identifier 
1 'polypeptide(L)' no no 
;GPGSIPDYQEQDIFLWRKETGFGFRILGGNEPGEPIYIGHIVPLGAADTDGRLRSGDELICVDGTPVIGKSHQLVVQLMQ
QAAKQGHVNLTVRRKVV
;
;GPGSIPDYQEQDIFLWRKETGFGFRILGGNEPGEPIYIGHIVPLGAADTDGRLRSGDELICVDGTPVIGKSHQLVVQLMQ
QAAKQGHVNLTVRRKVV
;
A ? 
2 'polypeptide(L)' no no LPFELRGHLV                                                                                           
LPFELRGHLV                                                                                           B ? 
# 
_pdbx_entity_nonpoly.entity_id   3 
_pdbx_entity_nonpoly.name        water 
_pdbx_entity_nonpoly.comp_id     HOH 
# 
loop_
_entity_poly_seq.entity_id 
_entity_poly_seq.num 
_entity_poly_seq.mon_id 
_entity_poly_seq.hetero 
1 1  GLY n 
1 2  PRO n 
1 3  GLY n 
1 4  SER n 
1 5  ILE n 
1 6  PRO n 
1 7  ASP n 
1 8  TYR n 
1 9  GLN n 
1 10 GLU n 
1 11 GLN n 
1 12 ASP n 
1 13 ILE n 
1 14 PHE n 
1 15 LEU n 
1 16 TRP n 
1 17 ARG n 
1 18 LYS n 
1 19 GLU n 
1 20 THR n 
1 21 GLY n 
1 22 PHE n 
1 23 GLY n 
1 24 PHE n 
1 25 ARG n 
1 26 ILE n 
1 27 LEU n 
1 28 GLY n 
1 29 GLY n 
1 30 ASN n 
1 31 GLU n 
1 32 PRO n 
1 33 GLY n 
1 34 GLU n 
1 35 PRO n 
1 36 ILE n 
1 37 TYR n 
1 38 ILE n 
1 39 GLY n 
1 40 HIS n 
1 41 ILE n 
1 42 VAL n 
1 43 PRO n 
1 44 LEU n 
1 45 GLY n 
1 46 ALA n 
1 47 ALA n 
1 48 ASP n 
1 49 THR n 
1 50 ASP n 
1 51 GLY n 
1 52 ARG n 
1 53 LEU n 
1 54 ARG n 
1 55 SER n 
1 56 GLY n 
1 57 ASP n 
1 58 GLU n 
1 59 LEU n 
1 60 ILE n 
1 61 CYS n 
1 62 VAL n 
1 63 ASP n 
1 64 GLY n 
1 65 THR n 
1 66 PRO n 
1 67 VAL n 
1 68 ILE n 
1 69 GLY n 
1 70 LYS n 
1 71 SER n 
1 72 HIS n 
1 73 GLN n 
1 74 LEU n 
1 75 VAL n 
1 76 VAL n 
1 77 GLN n 
1 78 LEU n 
1 79 MET n 
1 80 GLN n 
1 81 GLN n 
1 82 ALA n 
1 83 ALA n 
1 84 LYS n 
1 85 GLN n 
1 86 GLY n 
1 87 HIS n 
1 88 VAL n 
1 89 ASN n 
1 90 LEU n 
1 91 THR n 
1 92 VAL n 
1 93 ARG n 
1 94 ARG n 
1 95 LYS n 
1 96 VAL n 
1 97 VAL n 
2 1  LEU n 
2 2  PRO n 
2 3  PHE n 
2 4  GLU n 
2 5  LEU n 
2 6  ARG n 
2 7  GLY n 
2 8  HIS n 
2 9  LEU n 
2 10 VAL n 
# 
_entity_src_gen.entity_id                          1 
_entity_src_gen.pdbx_src_id                        1 
_entity_src_gen.pdbx_alt_source_flag               sample 
_entity_src_gen.pdbx_seq_type                      'Biological sequence' 
_entity_src_gen.pdbx_beg_seq_num                   1 
_entity_src_gen.pdbx_end_seq_num                   97 
_entity_src_gen.gene_src_common_name               Mouse 
_entity_src_gen.gene_src_genus                     ? 
_entity_src_gen.pdbx_gene_src_gene                 'Magi1, Baiap1, Bap1' 
_entity_src_gen.gene_src_species                   ? 
_entity_src_gen.gene_src_strain                    ? 
_entity_src_gen.gene_src_tissue                    ? 
_entity_src_gen.gene_src_tissue_fraction           ? 
_entity_src_gen.gene_src_details                   ? 
_entity_src_gen.pdbx_gene_src_fragment             ? 
_entity_src_gen.pdbx_gene_src_scientific_name      'Mus musculus' 
_entity_src_gen.pdbx_gene_src_ncbi_taxonomy_id     10090 
_entity_src_gen.pdbx_gene_src_variant              ? 
_entity_src_gen.pdbx_gene_src_cell_line            ? 
_entity_src_gen.pdbx_gene_src_atcc                 ? 
_entity_src_gen.pdbx_gene_src_organ                ? 
_entity_src_gen.pdbx_gene_src_organelle            ? 
_entity_src_gen.pdbx_gene_src_cell                 ? 
_entity_src_gen.pdbx_gene_src_cellular_location    ? 
_entity_src_gen.host_org_common_name               ? 
_entity_src_gen.pdbx_host_org_scientific_name      'Escherichia coli BL21(DE3)' 
_entity_src_gen.pdbx_host_org_ncbi_taxonomy_id     469008 
_entity_src_gen.host_org_genus                     ? 
_entity_src_gen.pdbx_host_org_gene                 ? 
_entity_src_gen.pdbx_host_org_organ                ? 
_entity_src_gen.host_org_species                   ? 
_entity_src_gen.pdbx_host_org_tissue               ? 
_entity_src_gen.pdbx_host_org_tissue_fraction      ? 
_entity_src_gen.pdbx_host_org_strain               ? 
_entity_src_gen.pdbx_host_org_variant              ? 
_entity_src_gen.pdbx_host_org_cell_line            ? 
_entity_src_gen.pdbx_host_org_atcc                 ? 
_entity_src_gen.pdbx_host_org_culture_collection   ? 
_entity_src_gen.pdbx_host_org_cell                 ? 
_entity_src_gen.pdbx_host_org_organelle            ? 
_entity_src_gen.pdbx_host_org_cellular_location    ? 
_entity_src_gen.pdbx_host_org_vector_type          ? 
_entity_src_gen.pdbx_host_org_vector               ? 
_entity_src_gen.host_org_details                   ? 
_entity_src_gen.expression_system_id               ? 
_entity_src_gen.plasmid_name                       ? 
_entity_src_gen.plasmid_details                    ? 
_entity_src_gen.pdbx_description                   ? 
# 
_pdbx_entity_src_syn.entity_id              2 
_pdbx_entity_src_syn.pdbx_src_id            1 
_pdbx_entity_src_syn.pdbx_alt_source_flag   sample 
_pdbx_entity_src_syn.pdbx_beg_seq_num       1 
_pdbx_entity_src_syn.pdbx_end_seq_num       10 
_pdbx_entity_src_syn.organism_scientific    'Mus musculus' 
_pdbx_entity_src_syn.organism_common_name   ? 
_pdbx_entity_src_syn.ncbi_taxonomy_id       10090 
_pdbx_entity_src_syn.details                ? 
# 
loop_
_chem_comp.id 
_chem_comp.type 
_chem_comp.mon_nstd_flag 
_chem_comp.name 
_chem_comp.pdbx_synonyms 
_chem_comp.formula 
_chem_comp.formula_weight 
ALA 'L-peptide linking' y ALANINE         ? 'C3 H7 N O2'     89.093  
ARG 'L-peptide linking' y ARGININE        ? 'C6 H15 N4 O2 1' 175.209 
ASN 'L-peptide linking' y ASPARAGINE      ? 'C4 H8 N2 O3'    132.118 
ASP 'L-peptide linking' y 'ASPARTIC ACID' ? 'C4 H7 N O4'     133.103 
CYS 'L-peptide linking' y CYSTEINE        ? 'C3 H7 N O2 S'   121.158 
GLN 'L-peptide linking' y GLUTAMINE       ? 'C5 H10 N2 O3'   146.144 
GLU 'L-peptide linking' y 'GLUTAMIC ACID' ? 'C5 H9 N O4'     147.129 
GLY 'peptide linking'   y GLYCINE         ? 'C2 H5 N O2'     75.067  
HIS 'L-peptide linking' y HISTIDINE       ? 'C6 H10 N3 O2 1' 156.162 
HOH non-polymer         . WATER           ? 'H2 O'           18.015  
ILE 'L-peptide linking' y ISOLEUCINE      ? 'C6 H13 N O2'    131.173 
LEU 'L-peptide linking' y LEUCINE         ? 'C6 H13 N O2'    131.173 
LYS 'L-peptide linking' y LYSINE          ? 'C6 H15 N2 O2 1' 147.195 
MET 'L-peptide linking' y METHIONINE      ? 'C5 H11 N O2 S'  149.211 
PHE 'L-peptide linking' y PHENYLALANINE   ? 'C9 H11 N O2'    165.189 
PRO 'L-peptide linking' y PROLINE         ? 'C5 H9 N O2'     115.130 
SER 'L-peptide linking' y SERINE          ? 'C3 H7 N O3'     105.093 
THR 'L-peptide linking' y THREONINE       ? 'C4 H9 N O3'     119.119 
TRP 'L-peptide linking' y TRYPTOPHAN      ? 'C11 H12 N2 O2'  204.225 
TYR 'L-peptide linking' y TYROSINE        ? 'C9 H11 N O3'    181.189 
VAL 'L-peptide linking' y VALINE          ? 'C5 H11 N O2'    117.146 
# 
loop_
_pdbx_poly_seq_scheme.asym_id 
_pdbx_poly_seq_scheme.entity_id 
_pdbx_poly_seq_scheme.seq_id 
_pdbx_poly_seq_scheme.mon_id 
_pdbx_poly_seq_scheme.ndb_seq_num 
_pdbx_poly_seq_scheme.pdb_seq_num 
_pdbx_poly_seq_scheme.auth_seq_num 
_pdbx_poly_seq_scheme.pdb_mon_id 
_pdbx_poly_seq_scheme.auth_mon_id 
_pdbx_poly_seq_scheme.pdb_strand_id 
_pdbx_poly_seq_scheme.pdb_ins_code 
_pdbx_poly_seq_scheme.hetero 
A 1 1  GLY 1  822  ?    ?   ?   A . n 
A 1 2  PRO 2  823  ?    ?   ?   A . n 
A 1 3  GLY 3  824  ?    ?   ?   A . n 
A 1 4  SER 4  825  ?    ?   ?   A . n 
A 1 5  ILE 5  826  ?    ?   ?   A . n 
A 1 6  PRO 6  827  ?    ?   ?   A . n 
A 1 7  ASP 7  828  828  ASP ASP A . n 
A 1 8  TYR 8  829  829  TYR TYR A . n 
A 1 9  GLN 9  830  830  GLN GLN A . n 
A 1 10 GLU 10 831  831  GLU GLU A . n 
A 1 11 GLN 11 832  832  GLN GLN A . n 
A 1 12 ASP 12 833  833  ASP ASP A . n 
A 1 13 ILE 13 834  834  ILE ILE A . n 
A 1 14 PHE 14 835  835  PHE PHE A . n 
A 1 15 LEU 15 836  836  LEU LEU A . n 
A 1 16 TRP 16 837  837  TRP TRP A . n 
A 1 17 ARG 17 838  838  ARG ARG A . n 
A 1 18 LYS 18 839  839  LYS LYS A . n 
A 1 19 GLU 19 840  840  GLU GLU A . n 
A 1 20 THR 20 841  841  THR THR A . n 
A 1 21 GLY 21 842  842  GLY GLY A . n 
A 1 22 PHE 22 843  843  PHE PHE A . n 
A 1 23 GLY 23 844  844  GLY GLY A . n 
A 1 24 PHE 24 845  845  PHE PHE A . n 
A 1 25 ARG 25 846  846  ARG ARG A . n 
A 1 26 ILE 26 847  847  ILE ILE A . n 
A 1 27 LEU 27 848  848  LEU LEU A . n 
A 1 28 GLY 28 849  849  GLY GLY A . n 
A 1 29 GLY 29 850  850  GLY GLY A . n 
A 1 30 ASN 30 851  851  ASN ASN A . n 
A 1 31 GLU 31 852  852  GLU GLU A . n 
A 1 32 PRO 32 853  853  PRO PRO A . n 
A 1 33 GLY 33 854  854  GLY GLY A . n 
A 1 34 GLU 34 855  855  GLU GLU A . n 
A 1 35 PRO 35 856  856  PRO PRO A . n 
A 1 36 ILE 36 857  857  ILE ILE A . n 
A 1 37 TYR 37 858  858  TYR TYR A . n 
A 1 38 ILE 38 859  859  ILE ILE A . n 
A 1 39 GLY 39 860  860  GLY GLY A . n 
A 1 40 HIS 40 861  861  HIS HIS A . n 
A 1 41 ILE 41 862  862  ILE ILE A . n 
A 1 42 VAL 42 863  863  VAL VAL A . n 
A 1 43 PRO 43 864  864  PRO PRO A . n 
A 1 44 LEU 44 865  865  LEU LEU A . n 
A 1 45 GLY 45 866  866  GLY GLY A . n 
A 1 46 ALA 46 867  867  ALA ALA A . n 
A 1 47 ALA 47 868  868  ALA ALA A . n 
A 1 48 ASP 48 869  869  ASP ASP A . n 
A 1 49 THR 49 870  870  THR THR A . n 
A 1 50 ASP 50 871  871  ASP ASP A . n 
A 1 51 GLY 51 872  872  GLY GLY A . n 
A 1 52 ARG 52 873  873  ARG ARG A . n 
A 1 53 LEU 53 874  874  LEU LEU A . n 
A 1 54 ARG 54 875  875  ARG ARG A . n 
A 1 55 SER 55 876  876  SER SER A . n 
A 1 56 GLY 56 877  877  GLY GLY A . n 
A 1 57 ASP 57 878  878  ASP ASP A . n 
A 1 58 GLU 58 879  879  GLU GLU A . n 
A 1 59 LEU 59 880  880  LEU LEU A . n 
A 1 60 ILE 60 881  881  ILE ILE A . n 
A 1 61 CYS 61 882  882  CYS CYS A . n 
A 1 62 VAL 62 883  883  VAL VAL A . n 
A 1 63 ASP 63 884  884  ASP ASP A . n 
A 1 64 GLY 64 885  885  GLY GLY A . n 
A 1 65 THR 65 886  886  THR THR A . n 
A 1 66 PRO 66 887  887  PRO PRO A . n 
A 1 67 VAL 67 888  888  VAL VAL A . n 
A 1 68 ILE 68 889  889  ILE ILE A . n 
A 1 69 GLY 69 890  890  GLY GLY A . n 
A 1 70 LYS 70 891  891  LYS LYS A . n 
A 1 71 SER 71 892  892  SER SER A . n 
A 1 72 HIS 72 893  893  HIS HIS A . n 
A 1 73 GLN 73 894  894  GLN GLN A . n 
A 1 74 LEU 74 895  895  LEU LEU A . n 
A 1 75 VAL 75 896  896  VAL VAL A . n 
A 1 76 VAL 76 897  897  VAL VAL A . n 
A 1 77 GLN 77 898  898  GLN GLN A . n 
A 1 78 LEU 78 899  899  LEU LEU A . n 
A 1 79 MET 79 900  900  MET MET A . n 
A 1 80 GLN 80 901  901  GLN GLN A . n 
A 1 81 GLN 81 902  902  GLN GLN A . n 
A 1 82 ALA 82 903  903  ALA ALA A . n 
A 1 83 ALA 83 904  904  ALA ALA A . n 
A 1 84 LYS 84 905  905  LYS LYS A . n 
A 1 85 GLN 85 906  906  GLN GLN A . n 
A 1 86 GLY 86 907  907  GLY GLY A . n 
A 1 87 HIS 87 908  908  HIS HIS A . n 
A 1 88 VAL 88 909  909  VAL VAL A . n 
A 1 89 ASN 89 910  910  ASN ASN A . n 
A 1 90 LEU 90 911  911  LEU LEU A . n 
A 1 91 THR 91 912  912  THR THR A . n 
A 1 92 VAL 92 913  913  VAL VAL A . n 
A 1 93 ARG 93 914  914  ARG ARG A . n 
A 1 94 ARG 94 915  915  ARG ARG A . n 
A 1 95 LYS 95 916  916  LYS LYS A . n 
A 1 96 VAL 96 917  917  VAL VAL A . n 
A 1 97 VAL 97 918  ?    ?   ?   A . n 
B 2 1  LEU 1  1247 1247 LEU LEU B . n 
B 2 2  PRO 2  1248 1248 PRO PRO B . n 
B 2 3  PHE 3  1249 1249 PHE PHE B . n 
B 2 4  GLU 4  1250 1250 GLU GLU B . n 
B 2 5  LEU 5  1251 1251 LEU LEU B . n 
B 2 6  ARG 6  1252 1252 ARG ARG B . n 
B 2 7  GLY 7  1253 1253 GLY GLY B . n 
B 2 8  HIS 8  1254 1254 HIS HIS B . n 
B 2 9  LEU 9  1255 1255 LEU LEU B . n 
B 2 10 VAL 10 1256 1256 VAL VAL B . n 
# 
loop_
_pdbx_nonpoly_scheme.asym_id 
_pdbx_nonpoly_scheme.entity_id 
_pdbx_nonpoly_scheme.mon_id 
_pdbx_nonpoly_scheme.ndb_seq_num 
_pdbx_nonpoly_scheme.pdb_seq_num 
_pdbx_nonpoly_scheme.auth_seq_num 
_pdbx_nonpoly_scheme.pdb_mon_id 
_pdbx_nonpoly_scheme.auth_mon_id 
_pdbx_nonpoly_scheme.pdb_strand_id 
_pdbx_nonpoly_scheme.pdb_ins_code 
C 3 HOH 1  1001 67  HOH HOH A . 
C 3 HOH 2  1002 27  HOH HOH A . 
C 3 HOH 3  1003 60  HOH HOH A . 
C 3 HOH 4  1004 26  HOH HOH A . 
C 3 HOH 5  1005 44  HOH HOH A . 
C 3 HOH 6  1006 83  HOH HOH A . 
C 3 HOH 7  1007 30  HOH HOH A . 
C 3 HOH 8  1008 17  HOH HOH A . 
C 3 HOH 9  1009 65  HOH HOH A . 
C 3 HOH 10 1010 11  HOH HOH A . 
C 3 HOH 11 1011 2   HOH HOH A . 
C 3 HOH 12 1012 4   HOH HOH A . 
C 3 HOH 13 1013 58  HOH HOH A . 
C 3 HOH 14 1014 63  HOH HOH A . 
C 3 HOH 15 1015 16  HOH HOH A . 
C 3 HOH 16 1016 13  HOH HOH A . 
C 3 HOH 17 1017 9   HOH HOH A . 
C 3 HOH 18 1018 6   HOH HOH A . 
C 3 HOH 19 1019 54  HOH HOH A . 
C 3 HOH 20 1020 8   HOH HOH A . 
C 3 HOH 21 1021 21  HOH HOH A . 
C 3 HOH 22 1022 5   HOH HOH A . 
C 3 HOH 23 1023 25  HOH HOH A . 
C 3 HOH 24 1024 33  HOH HOH A . 
C 3 HOH 25 1025 18  HOH HOH A . 
C 3 HOH 26 1026 1   HOH HOH A . 
C 3 HOH 27 1027 71  HOH HOH A . 
C 3 HOH 28 1028 36  HOH HOH A . 
C 3 HOH 29 1029 37  HOH HOH A . 
C 3 HOH 30 1030 99  HOH HOH A . 
C 3 HOH 31 1031 23  HOH HOH A . 
C 3 HOH 32 1032 14  HOH HOH A . 
C 3 HOH 33 1033 69  HOH HOH A . 
C 3 HOH 34 1034 29  HOH HOH A . 
C 3 HOH 35 1035 34  HOH HOH A . 
C 3 HOH 36 1036 10  HOH HOH A . 
C 3 HOH 37 1037 66  HOH HOH A . 
C 3 HOH 38 1038 43  HOH HOH A . 
C 3 HOH 39 1039 86  HOH HOH A . 
C 3 HOH 40 1040 46  HOH HOH A . 
C 3 HOH 41 1041 22  HOH HOH A . 
C 3 HOH 42 1042 41  HOH HOH A . 
C 3 HOH 43 1043 28  HOH HOH A . 
C 3 HOH 44 1044 7   HOH HOH A . 
C 3 HOH 45 1045 45  HOH HOH A . 
C 3 HOH 46 1046 19  HOH HOH A . 
C 3 HOH 47 1047 31  HOH HOH A . 
C 3 HOH 48 1048 57  HOH HOH A . 
C 3 HOH 49 1049 48  HOH HOH A . 
C 3 HOH 50 1050 62  HOH HOH A . 
C 3 HOH 51 1051 15  HOH HOH A . 
C 3 HOH 52 1052 88  HOH HOH A . 
C 3 HOH 53 1053 39  HOH HOH A . 
C 3 HOH 54 1054 38  HOH HOH A . 
C 3 HOH 55 1055 82  HOH HOH A . 
C 3 HOH 56 1056 40  HOH HOH A . 
C 3 HOH 57 1057 12  HOH HOH A . 
C 3 HOH 58 1058 49  HOH HOH A . 
C 3 HOH 59 1059 50  HOH HOH A . 
C 3 HOH 60 1060 80  HOH HOH A . 
C 3 HOH 61 1061 78  HOH HOH A . 
C 3 HOH 62 1062 52  HOH HOH A . 
C 3 HOH 63 1063 85  HOH HOH A . 
C 3 HOH 64 1064 59  HOH HOH A . 
C 3 HOH 65 1065 76  HOH HOH A . 
C 3 HOH 66 1066 61  HOH HOH A . 
C 3 HOH 67 1067 96  HOH HOH A . 
C 3 HOH 68 1068 106 HOH HOH A . 
C 3 HOH 69 1069 53  HOH HOH A . 
C 3 HOH 70 1070 98  HOH HOH A . 
C 3 HOH 71 1071 77  HOH HOH A . 
C 3 HOH 72 1072 94  HOH HOH A . 
C 3 HOH 73 1073 95  HOH HOH A . 
C 3 HOH 74 1074 79  HOH HOH A . 
C 3 HOH 75 1075 103 HOH HOH A . 
C 3 HOH 76 1076 72  HOH HOH A . 
C 3 HOH 77 1077 42  HOH HOH A . 
D 3 HOH 1  1301 75  HOH HOH B . 
D 3 HOH 2  1302 24  HOH HOH B . 
D 3 HOH 3  1303 3   HOH HOH B . 
D 3 HOH 4  1304 20  HOH HOH B . 
D 3 HOH 5  1305 56  HOH HOH B . 
D 3 HOH 6  1306 32  HOH HOH B . 
D 3 HOH 7  1307 35  HOH HOH B . 
D 3 HOH 8  1308 51  HOH HOH B . 
D 3 HOH 9  1309 84  HOH HOH B . 
D 3 HOH 10 1310 87  HOH HOH B . 
D 3 HOH 11 1311 70  HOH HOH B . 
# 
loop_
_pdbx_unobs_or_zero_occ_atoms.id 
_pdbx_unobs_or_zero_occ_atoms.PDB_model_num 
_pdbx_unobs_or_zero_occ_atoms.polymer_flag 
_pdbx_unobs_or_zero_occ_atoms.occupancy_flag 
_pdbx_unobs_or_zero_occ_atoms.auth_asym_id 
_pdbx_unobs_or_zero_occ_atoms.auth_comp_id 
_pdbx_unobs_or_zero_occ_atoms.auth_seq_id 
_pdbx_unobs_or_zero_occ_atoms.PDB_ins_code 
_pdbx_unobs_or_zero_occ_atoms.auth_atom_id 
_pdbx_unobs_or_zero_occ_atoms.label_alt_id 
_pdbx_unobs_or_zero_occ_atoms.label_asym_id 
_pdbx_unobs_or_zero_occ_atoms.label_comp_id 
_pdbx_unobs_or_zero_occ_atoms.label_seq_id 
_pdbx_unobs_or_zero_occ_atoms.label_atom_id 
1  1 Y 1 A GLN 830 ? CG  ? A GLN 9  CG  
2  1 Y 1 A GLN 830 ? CD  ? A GLN 9  CD  
3  1 Y 1 A GLN 830 ? OE1 ? A GLN 9  OE1 
4  1 Y 1 A GLN 830 ? NE2 ? A GLN 9  NE2 
5  1 Y 1 A LYS 905 ? CG  ? A LYS 84 CG  
6  1 Y 1 A LYS 905 ? CD  ? A LYS 84 CD  
7  1 Y 1 A LYS 905 ? CE  ? A LYS 84 CE  
8  1 Y 1 A LYS 905 ? NZ  ? A LYS 84 NZ  
9  1 Y 1 A LYS 916 ? CG  ? A LYS 95 CG  
10 1 Y 1 A LYS 916 ? CD  ? A LYS 95 CD  
11 1 Y 1 A LYS 916 ? CE  ? A LYS 95 CE  
12 1 Y 1 A LYS 916 ? NZ  ? A LYS 95 NZ  
# 
loop_
_software.citation_id 
_software.classification 
_software.compiler_name 
_software.compiler_version 
_software.contact_author 
_software.contact_author_email 
_software.date 
_software.description 
_software.dependencies 
_software.hardware 
_software.language 
_software.location 
_software.mods 
_software.name 
_software.os 
_software.os_version 
_software.type 
_software.version 
_software.pdbx_ordinal 
? refinement        ? ? ? ? ? ? ? ? ? ? ? PHENIX      ? ? ? 1.8.4_1496 1 
? 'data scaling'    ? ? ? ? ? ? ? ? ? ? ? HKL-3000    ? ? ? .          2 
? 'data extraction' ? ? ? ? ? ? ? ? ? ? ? PDB_EXTRACT ? ? ? 3.24       3 
? 'data reduction'  ? ? ? ? ? ? ? ? ? ? ? d*TREK      ? ? ? .          4 
? phasing           ? ? ? ? ? ? ? ? ? ? ? PHASER      ? ? ? .          5 
# 
_cell.angle_alpha                  90.000 
_cell.angle_alpha_esd              ? 
_cell.angle_beta                   90.000 
_cell.angle_beta_esd               ? 
_cell.angle_gamma                  90.000 
_cell.angle_gamma_esd              ? 
_cell.entry_id                     5ZYS 
_cell.details                      ? 
_cell.formula_units_Z              ? 
_cell.length_a                     93.731 
_cell.length_a_esd                 ? 
_cell.length_b                     93.731 
_cell.length_b_esd                 ? 
_cell.length_c                     93.731 
_cell.length_c_esd                 ? 
_cell.volume                       ? 
_cell.volume_esd                   ? 
_cell.Z_PDB                        24 
_cell.reciprocal_angle_alpha       ? 
_cell.reciprocal_angle_beta        ? 
_cell.reciprocal_angle_gamma       ? 
_cell.reciprocal_angle_alpha_esd   ? 
_cell.reciprocal_angle_beta_esd    ? 
_cell.reciprocal_angle_gamma_esd   ? 
_cell.reciprocal_length_a          ? 
_cell.reciprocal_length_b          ? 
_cell.reciprocal_length_c          ? 
_cell.reciprocal_length_a_esd      ? 
_cell.reciprocal_length_b_esd      ? 
_cell.reciprocal_length_c_esd      ? 
_cell.pdbx_unique_axis             ? 
# 
_symmetry.entry_id                         5ZYS 
_symmetry.cell_setting                     ? 
_symmetry.Int_Tables_number                197 
_symmetry.space_group_name_Hall            ? 
_symmetry.space_group_name_H-M             'I 2 3' 
_symmetry.pdbx_full_space_group_name_H-M   ? 
# 
_exptl.absorpt_coefficient_mu     ? 
_exptl.absorpt_correction_T_max   ? 
_exptl.absorpt_correction_T_min   ? 
_exptl.absorpt_correction_type    ? 
_exptl.absorpt_process_details    ? 
_exptl.entry_id                   5ZYS 
_exptl.crystals_number            1 
_exptl.details                    ? 
_exptl.method                     'X-RAY DIFFRACTION' 
_exptl.method_details             ? 
# 
_exptl_crystal.colour                      ? 
_exptl_crystal.density_diffrn              ? 
_exptl_crystal.density_Matthews            3.09 
_exptl_crystal.density_method              ? 
_exptl_crystal.density_percent_sol         60.24 
_exptl_crystal.description                 ? 
_exptl_crystal.F_000                       ? 
_exptl_crystal.id                          1 
_exptl_crystal.preparation                 ? 
_exptl_crystal.size_max                    ? 
_exptl_crystal.size_mid                    ? 
_exptl_crystal.size_min                    ? 
_exptl_crystal.size_rad                    ? 
_exptl_crystal.colour_lustre               ? 
_exptl_crystal.colour_modifier             ? 
_exptl_crystal.colour_primary              ? 
_exptl_crystal.density_meas                ? 
_exptl_crystal.density_meas_esd            ? 
_exptl_crystal.density_meas_gt             ? 
_exptl_crystal.density_meas_lt             ? 
_exptl_crystal.density_meas_temp           ? 
_exptl_crystal.density_meas_temp_esd       ? 
_exptl_crystal.density_meas_temp_gt        ? 
_exptl_crystal.density_meas_temp_lt        ? 
_exptl_crystal.pdbx_crystal_image_url      ? 
_exptl_crystal.pdbx_crystal_image_format   ? 
_exptl_crystal.pdbx_mosaicity              ? 
_exptl_crystal.pdbx_mosaicity_esd          ? 
# 
_exptl_crystal_grow.apparatus       ? 
_exptl_crystal_grow.atmosphere      ? 
_exptl_crystal_grow.crystal_id      1 
_exptl_crystal_grow.details         ? 
_exptl_crystal_grow.method          'VAPOR DIFFUSION, SITTING DROP' 
_exptl_crystal_grow.method_ref      ? 
_exptl_crystal_grow.pH              ? 
_exptl_crystal_grow.pressure        ? 
_exptl_crystal_grow.pressure_esd    ? 
_exptl_crystal_grow.seeding         ? 
_exptl_crystal_grow.seeding_ref     ? 
_exptl_crystal_grow.temp            277 
_exptl_crystal_grow.temp_details    ? 
_exptl_crystal_grow.temp_esd        ? 
_exptl_crystal_grow.time            ? 
_exptl_crystal_grow.pdbx_details    
;0.5M sodium chloride ,
0.01M magnesium chloride hexahydrate ,            0.01Mhexadecyltrimethylammonium bromide
;
_exptl_crystal_grow.pdbx_pH_range   ? 
# 
_diffrn.ambient_environment              ? 
_diffrn.ambient_temp                     100 
_diffrn.ambient_temp_details             ? 
_diffrn.ambient_temp_esd                 ? 
_diffrn.crystal_id                       1 
_diffrn.crystal_support                  ? 
_diffrn.crystal_treatment                ? 
_diffrn.details                          ? 
_diffrn.id                               1 
_diffrn.ambient_pressure                 ? 
_diffrn.ambient_pressure_esd             ? 
_diffrn.ambient_pressure_gt              ? 
_diffrn.ambient_pressure_lt              ? 
_diffrn.ambient_temp_gt                  ? 
_diffrn.ambient_temp_lt                  ? 
_diffrn.pdbx_serial_crystal_experiment   N 
# 
_diffrn_detector.details                      ? 
_diffrn_detector.detector                     PIXEL 
_diffrn_detector.diffrn_id                    1 
_diffrn_detector.type                         'DECTRIS PILATUS3 X 1M' 
_diffrn_detector.area_resol_mean              ? 
_diffrn_detector.dtime                        ? 
_diffrn_detector.pdbx_frames_total            ? 
_diffrn_detector.pdbx_collection_time_total   ? 
_diffrn_detector.pdbx_collection_date         2016-03-13 
_diffrn_detector.pdbx_frequency               ? 
# 
_diffrn_radiation.collimation                      ? 
_diffrn_radiation.diffrn_id                        1 
_diffrn_radiation.filter_edge                      ? 
_diffrn_radiation.inhomogeneity                    ? 
_diffrn_radiation.monochromator                    ? 
_diffrn_radiation.polarisn_norm                    ? 
_diffrn_radiation.polarisn_ratio                   ? 
_diffrn_radiation.probe                            ? 
_diffrn_radiation.type                             ? 
_diffrn_radiation.xray_symbol                      ? 
_diffrn_radiation.wavelength_id                    1 
_diffrn_radiation.pdbx_monochromatic_or_laue_m_l   M 
_diffrn_radiation.pdbx_wavelength_list             ? 
_diffrn_radiation.pdbx_wavelength                  ? 
_diffrn_radiation.pdbx_diffrn_protocol             'SINGLE WAVELENGTH' 
_diffrn_radiation.pdbx_analyzer                    ? 
_diffrn_radiation.pdbx_scattering_type             x-ray 
# 
_diffrn_radiation_wavelength.id           1 
_diffrn_radiation_wavelength.wavelength   0.97853 
_diffrn_radiation_wavelength.wt           1.0 
# 
_diffrn_source.current                     ? 
_diffrn_source.details                     ? 
_diffrn_source.diffrn_id                   1 
_diffrn_source.power                       ? 
_diffrn_source.size                        ? 
_diffrn_source.source                      SYNCHROTRON 
_diffrn_source.target                      ? 
_diffrn_source.type                        'NFPSS BEAMLINE BL18U' 
_diffrn_source.voltage                     ? 
_diffrn_source.take-off_angle              ? 
_diffrn_source.pdbx_wavelength_list        0.97853 
_diffrn_source.pdbx_wavelength             ? 
_diffrn_source.pdbx_synchrotron_beamline   BL18U 
_diffrn_source.pdbx_synchrotron_site       NFPSS 
# 
_reflns.B_iso_Wilson_estimate            18.680 
_reflns.entry_id                         5ZYS 
_reflns.data_reduction_details           ? 
_reflns.data_reduction_method            ? 
_reflns.d_resolution_high                1.780 
_reflns.d_resolution_low                 50.000 
_reflns.details                          ? 
_reflns.limit_h_max                      ? 
_reflns.limit_h_min                      ? 
_reflns.limit_k_max                      ? 
_reflns.limit_k_min                      ? 
_reflns.limit_l_max                      ? 
_reflns.limit_l_min                      ? 
_reflns.number_all                       ? 
_reflns.number_obs                       13086 
_reflns.observed_criterion               ? 
_reflns.observed_criterion_F_max         ? 
_reflns.observed_criterion_F_min         ? 
_reflns.observed_criterion_I_max         ? 
_reflns.observed_criterion_I_min         ? 
_reflns.observed_criterion_sigma_F       ? 
_reflns.observed_criterion_sigma_I       ? 
_reflns.percent_possible_obs             98.100 
_reflns.R_free_details                   ? 
_reflns.Rmerge_F_all                     ? 
_reflns.Rmerge_F_obs                     ? 
_reflns.Friedel_coverage                 ? 
_reflns.number_gt                        ? 
_reflns.threshold_expression             ? 
_reflns.pdbx_redundancy                  3.900 
_reflns.pdbx_Rmerge_I_obs                0.069 
_reflns.pdbx_Rmerge_I_all                ? 
_reflns.pdbx_Rsym_value                  ? 
_reflns.pdbx_netI_over_av_sigmaI         ? 
_reflns.pdbx_netI_over_sigmaI            6.200 
_reflns.pdbx_res_netI_over_av_sigmaI_2   ? 
_reflns.pdbx_res_netI_over_sigmaI_2      ? 
_reflns.pdbx_chi_squared                 0.754 
_reflns.pdbx_scaling_rejects             ? 
_reflns.pdbx_d_res_high_opt              ? 
_reflns.pdbx_d_res_low_opt               ? 
_reflns.pdbx_d_res_opt_method            ? 
_reflns.phase_calculation_details        ? 
_reflns.pdbx_Rrim_I_all                  0.079 
_reflns.pdbx_Rpim_I_all                  0.037 
_reflns.pdbx_d_opt                       ? 
_reflns.pdbx_number_measured_all         51381 
_reflns.pdbx_diffrn_id                   1 
_reflns.pdbx_ordinal                     1 
_reflns.pdbx_CC_half                     ? 
_reflns.pdbx_CC_star                     ? 
_reflns.pdbx_R_split                     ? 
# 
loop_
_reflns_shell.d_res_high 
_reflns_shell.d_res_low 
_reflns_shell.meanI_over_sigI_all 
_reflns_shell.meanI_over_sigI_obs 
_reflns_shell.number_measured_all 
_reflns_shell.number_measured_obs 
_reflns_shell.number_possible 
_reflns_shell.number_unique_all 
_reflns_shell.number_unique_obs 
_reflns_shell.percent_possible_all 
_reflns_shell.percent_possible_obs 
_reflns_shell.Rmerge_F_all 
_reflns_shell.Rmerge_F_obs 
_reflns_shell.Rmerge_I_all 
_reflns_shell.Rmerge_I_obs 
_reflns_shell.meanI_over_sigI_gt 
_reflns_shell.meanI_over_uI_all 
_reflns_shell.meanI_over_uI_gt 
_reflns_shell.number_measured_gt 
_reflns_shell.number_unique_gt 
_reflns_shell.percent_possible_gt 
_reflns_shell.Rmerge_F_gt 
_reflns_shell.Rmerge_I_gt 
_reflns_shell.pdbx_redundancy 
_reflns_shell.pdbx_Rsym_value 
_reflns_shell.pdbx_chi_squared 
_reflns_shell.pdbx_netI_over_sigmaI_all 
_reflns_shell.pdbx_netI_over_sigmaI_obs 
_reflns_shell.pdbx_Rrim_I_all 
_reflns_shell.pdbx_Rpim_I_all 
_reflns_shell.pdbx_rejects 
_reflns_shell.pdbx_ordinal 
_reflns_shell.pdbx_diffrn_id 
_reflns_shell.pdbx_CC_half 
_reflns_shell.pdbx_CC_star 
_reflns_shell.pdbx_R_split 
1.780 1.810  ? ? ? ? ? ? 683 99.900 ? ? ? ? 0.172 ? ? ? ? ? ? ? ? 3.600 ? 0.567 ? ? 0.202 0.102 ? 1  1 0.952 ? ? 
1.810 1.840  ? ? ? ? ? ? 631 99.200 ? ? ? ? 0.167 ? ? ? ? ? ? ? ? 4.000 ? 0.583 ? ? 0.192 0.093 ? 2  1 0.962 ? ? 
1.840 1.880  ? ? ? ? ? ? 658 99.100 ? ? ? ? 0.165 ? ? ? ? ? ? ? ? 4.100 ? 0.674 ? ? 0.189 0.091 ? 3  1 0.960 ? ? 
1.880 1.920  ? ? ? ? ? ? 648 98.500 ? ? ? ? 0.143 ? ? ? ? ? ? ? ? 4.000 ? 0.722 ? ? 0.164 0.079 ? 4  1 0.975 ? ? 
1.920 1.960  ? ? ? ? ? ? 656 98.900 ? ? ? ? 0.132 ? ? ? ? ? ? ? ? 3.900 ? 0.675 ? ? 0.153 0.074 ? 5  1 0.975 ? ? 
1.960 2.000  ? ? ? ? ? ? 639 98.900 ? ? ? ? 0.127 ? ? ? ? ? ? ? ? 3.900 ? 0.713 ? ? 0.147 0.072 ? 6  1 0.968 ? ? 
2.000 2.050  ? ? ? ? ? ? 670 99.400 ? ? ? ? 0.114 ? ? ? ? ? ? ? ? 3.700 ? 0.739 ? ? 0.132 0.065 ? 7  1 0.975 ? ? 
2.050 2.110  ? ? ? ? ? ? 649 99.800 ? ? ? ? 0.102 ? ? ? ? ? ? ? ? 3.800 ? 0.772 ? ? 0.117 0.057 ? 8  1 0.987 ? ? 
2.110 2.170  ? ? ? ? ? ? 651 99.500 ? ? ? ? 0.100 ? ? ? ? ? ? ? ? 4.000 ? 0.789 ? ? 0.115 0.055 ? 9  1 0.981 ? ? 
2.170 2.240  ? ? ? ? ? ? 663 99.400 ? ? ? ? 0.092 ? ? ? ? ? ? ? ? 4.000 ? 0.744 ? ? 0.106 0.051 ? 10 1 0.982 ? ? 
2.240 2.320  ? ? ? ? ? ? 677 99.100 ? ? ? ? 0.089 ? ? ? ? ? ? ? ? 4.000 ? 0.777 ? ? 0.102 0.049 ? 11 1 0.982 ? ? 
2.320 2.420  ? ? ? ? ? ? 626 97.400 ? ? ? ? 0.085 ? ? ? ? ? ? ? ? 3.900 ? 0.794 ? ? 0.098 0.047 ? 12 1 0.987 ? ? 
2.420 2.530  ? ? ? ? ? ? 664 98.500 ? ? ? ? 0.078 ? ? ? ? ? ? ? ? 3.700 ? 0.689 ? ? 0.091 0.045 ? 13 1 0.988 ? ? 
2.530 2.660  ? ? ? ? ? ? 646 99.500 ? ? ? ? 0.075 ? ? ? ? ? ? ? ? 4.000 ? 0.701 ? ? 0.086 0.041 ? 14 1 0.986 ? ? 
2.660 2.830  ? ? ? ? ? ? 668 98.700 ? ? ? ? 0.073 ? ? ? ? ? ? ? ? 4.000 ? 0.713 ? ? 0.082 0.038 ? 15 1 0.988 ? ? 
2.830 3.040  ? ? ? ? ? ? 660 97.900 ? ? ? ? 0.067 ? ? ? ? ? ? ? ? 4.000 ? 0.808 ? ? 0.076 0.035 ? 16 1 0.992 ? ? 
3.040 3.350  ? ? ? ? ? ? 634 96.100 ? ? ? ? 0.062 ? ? ? ? ? ? ? ? 3.800 ? 0.809 ? ? 0.071 0.034 ? 17 1 0.991 ? ? 
3.350 3.830  ? ? ? ? ? ? 655 97.200 ? ? ? ? 0.057 ? ? ? ? ? ? ? ? 4.100 ? 0.926 ? ? 0.065 0.030 ? 18 1 0.991 ? ? 
3.830 4.830  ? ? ? ? ? ? 640 93.700 ? ? ? ? 0.057 ? ? ? ? ? ? ? ? 4.000 ? 0.976 ? ? 0.065 0.030 ? 19 1 0.993 ? ? 
4.830 50.000 ? ? ? ? ? ? 668 92.800 ? ? ? ? 0.057 ? ? ? ? ? ? ? ? 4.000 ? 0.875 ? ? 0.064 0.030 ? 20 1 0.994 ? ? 
# 
_refine.aniso_B[1][1]                            ? 
_refine.aniso_B[1][2]                            ? 
_refine.aniso_B[1][3]                            ? 
_refine.aniso_B[2][2]                            ? 
_refine.aniso_B[2][3]                            ? 
_refine.aniso_B[3][3]                            ? 
_refine.B_iso_max                                91.850 
_refine.B_iso_mean                               22.7400 
_refine.B_iso_min                                9.860 
_refine.correlation_coeff_Fo_to_Fc               ? 
_refine.correlation_coeff_Fo_to_Fc_free          ? 
_refine.details                                  ? 
_refine.diff_density_max                         ? 
_refine.diff_density_max_esd                     ? 
_refine.diff_density_min                         ? 
_refine.diff_density_min_esd                     ? 
_refine.diff_density_rms                         ? 
_refine.diff_density_rms_esd                     ? 
_refine.entry_id                                 5ZYS 
_refine.pdbx_refine_id                           'X-RAY DIFFRACTION' 
_refine.ls_abs_structure_details                 ? 
_refine.ls_abs_structure_Flack                   ? 
_refine.ls_abs_structure_Flack_esd               ? 
_refine.ls_abs_structure_Rogers                  ? 
_refine.ls_abs_structure_Rogers_esd              ? 
_refine.ls_d_res_high                            1.7800 
_refine.ls_d_res_low                             46.8650 
_refine.ls_extinction_coef                       ? 
_refine.ls_extinction_coef_esd                   ? 
_refine.ls_extinction_expression                 ? 
_refine.ls_extinction_method                     ? 
_refine.ls_goodness_of_fit_all                   ? 
_refine.ls_goodness_of_fit_all_esd               ? 
_refine.ls_goodness_of_fit_obs                   ? 
_refine.ls_goodness_of_fit_obs_esd               ? 
_refine.ls_hydrogen_treatment                    ? 
_refine.ls_matrix_type                           ? 
_refine.ls_number_constraints                    ? 
_refine.ls_number_parameters                     ? 
_refine.ls_number_reflns_all                     ? 
_refine.ls_number_reflns_obs                     13083 
_refine.ls_number_reflns_R_free                  639 
_refine.ls_number_reflns_R_work                  12444 
_refine.ls_number_restraints                     ? 
_refine.ls_percent_reflns_obs                    98.1200 
_refine.ls_percent_reflns_R_free                 4.8800 
_refine.ls_R_factor_all                          ? 
_refine.ls_R_factor_obs                          0.1822 
_refine.ls_R_factor_R_free                       0.2044 
_refine.ls_R_factor_R_free_error                 ? 
_refine.ls_R_factor_R_free_error_details         ? 
_refine.ls_R_factor_R_work                       0.1812 
_refine.ls_R_Fsqd_factor_obs                     ? 
_refine.ls_R_I_factor_obs                        ? 
_refine.ls_redundancy_reflns_all                 ? 
_refine.ls_redundancy_reflns_obs                 ? 
_refine.ls_restrained_S_all                      ? 
_refine.ls_restrained_S_obs                      ? 
_refine.ls_shift_over_esd_max                    ? 
_refine.ls_shift_over_esd_mean                   ? 
_refine.ls_structure_factor_coef                 ? 
_refine.ls_weighting_details                     ? 
_refine.ls_weighting_scheme                      ? 
_refine.ls_wR_factor_all                         ? 
_refine.ls_wR_factor_obs                         ? 
_refine.ls_wR_factor_R_free                      ? 
_refine.ls_wR_factor_R_work                      ? 
_refine.occupancy_max                            ? 
_refine.occupancy_min                            ? 
_refine.solvent_model_details                    'FLAT BULK SOLVENT MODEL' 
_refine.solvent_model_param_bsol                 ? 
_refine.solvent_model_param_ksol                 ? 
_refine.pdbx_R_complete                          ? 
_refine.ls_R_factor_gt                           ? 
_refine.ls_goodness_of_fit_gt                    ? 
_refine.ls_goodness_of_fit_ref                   ? 
_refine.ls_shift_over_su_max                     ? 
_refine.ls_shift_over_su_max_lt                  ? 
_refine.ls_shift_over_su_mean                    ? 
_refine.ls_shift_over_su_mean_lt                 ? 
_refine.pdbx_ls_sigma_I                          ? 
_refine.pdbx_ls_sigma_F                          1.410 
_refine.pdbx_ls_sigma_Fsqd                       ? 
_refine.pdbx_data_cutoff_high_absF               ? 
_refine.pdbx_data_cutoff_high_rms_absF           ? 
_refine.pdbx_data_cutoff_low_absF                ? 
_refine.pdbx_isotropic_thermal_model             ? 
_refine.pdbx_ls_cross_valid_method               THROUGHOUT 
_refine.pdbx_method_to_determine_struct          SAD 
_refine.pdbx_starting_model                      ? 
_refine.pdbx_stereochemistry_target_values       ML 
_refine.pdbx_R_Free_selection_details            RANDOM 
_refine.pdbx_stereochem_target_val_spec_case     ? 
_refine.pdbx_overall_ESU_R                       ? 
_refine.pdbx_overall_ESU_R_Free                  ? 
_refine.pdbx_solvent_vdw_probe_radii             1.1100 
_refine.pdbx_solvent_ion_probe_radii             ? 
_refine.pdbx_solvent_shrinkage_radii             0.9000 
_refine.pdbx_real_space_R                        ? 
_refine.pdbx_density_correlation                 ? 
_refine.pdbx_pd_number_of_powder_patterns        ? 
_refine.pdbx_pd_number_of_points                 ? 
_refine.pdbx_pd_meas_number_of_points            ? 
_refine.pdbx_pd_proc_ls_prof_R_factor            ? 
_refine.pdbx_pd_proc_ls_prof_wR_factor           ? 
_refine.pdbx_pd_Marquardt_correlation_coeff      ? 
_refine.pdbx_pd_Fsqrd_R_factor                   ? 
_refine.pdbx_pd_ls_matrix_band_width             ? 
_refine.pdbx_overall_phase_error                 19.5300 
_refine.pdbx_overall_SU_R_free_Cruickshank_DPI   ? 
_refine.pdbx_overall_SU_R_free_Blow_DPI          ? 
_refine.pdbx_overall_SU_R_Blow_DPI               ? 
_refine.pdbx_TLS_residual_ADP_flag               ? 
_refine.pdbx_diffrn_id                           1 
_refine.overall_SU_B                             ? 
_refine.overall_SU_ML                            0.1400 
_refine.overall_SU_R_Cruickshank_DPI             ? 
_refine.overall_SU_R_free                        ? 
_refine.overall_FOM_free_R_set                   ? 
_refine.overall_FOM_work_R_set                   0.8774 
_refine.pdbx_average_fsc_overall                 ? 
_refine.pdbx_average_fsc_work                    ? 
_refine.pdbx_average_fsc_free                    ? 
# 
_refine_hist.pdbx_refine_id                   'X-RAY DIFFRACTION' 
_refine_hist.cycle_id                         final 
_refine_hist.details                          ? 
_refine_hist.d_res_high                       1.7800 
_refine_hist.d_res_low                        46.8650 
_refine_hist.number_atoms_solvent             88 
_refine_hist.number_atoms_total               861 
_refine_hist.number_reflns_all                ? 
_refine_hist.number_reflns_obs                ? 
_refine_hist.number_reflns_R_free             ? 
_refine_hist.number_reflns_R_work             ? 
_refine_hist.R_factor_all                     ? 
_refine_hist.R_factor_obs                     ? 
_refine_hist.R_factor_R_free                  ? 
_refine_hist.R_factor_R_work                  ? 
_refine_hist.pdbx_number_residues_total       100 
_refine_hist.pdbx_B_iso_mean_ligand           ? 
_refine_hist.pdbx_B_iso_mean_solvent          30.97 
_refine_hist.pdbx_number_atoms_protein        773 
_refine_hist.pdbx_number_atoms_nucleic_acid   0 
_refine_hist.pdbx_number_atoms_ligand         0 
_refine_hist.pdbx_number_atoms_lipid          ? 
_refine_hist.pdbx_number_atoms_carb           ? 
_refine_hist.pdbx_pseudo_atom_details         ? 
# 
loop_
_refine_ls_restr.pdbx_refine_id 
_refine_ls_restr.criterion 
_refine_ls_restr.dev_ideal 
_refine_ls_restr.dev_ideal_target 
_refine_ls_restr.number 
_refine_ls_restr.rejects 
_refine_ls_restr.type 
_refine_ls_restr.weight 
_refine_ls_restr.pdbx_restraint_function 
'X-RAY DIFFRACTION' ? 0.006  ? 784  ? f_bond_d           ? ? 
'X-RAY DIFFRACTION' ? 1.173  ? 1063 ? f_angle_d          ? ? 
'X-RAY DIFFRACTION' ? 0.038  ? 118  ? f_chiral_restr     ? ? 
'X-RAY DIFFRACTION' ? 0.006  ? 141  ? f_plane_restr      ? ? 
'X-RAY DIFFRACTION' ? 12.579 ? 285  ? f_dihedral_angle_d ? ? 
# 
loop_
_refine_ls_shell.pdbx_refine_id 
_refine_ls_shell.d_res_high 
_refine_ls_shell.d_res_low 
_refine_ls_shell.number_reflns_all 
_refine_ls_shell.number_reflns_obs 
_refine_ls_shell.number_reflns_R_free 
_refine_ls_shell.number_reflns_R_work 
_refine_ls_shell.percent_reflns_obs 
_refine_ls_shell.percent_reflns_R_free 
_refine_ls_shell.R_factor_all 
_refine_ls_shell.R_factor_obs 
_refine_ls_shell.R_factor_R_free 
_refine_ls_shell.R_factor_R_free_error 
_refine_ls_shell.R_factor_R_work 
_refine_ls_shell.redundancy_reflns_all 
_refine_ls_shell.redundancy_reflns_obs 
_refine_ls_shell.wR_factor_all 
_refine_ls_shell.wR_factor_obs 
_refine_ls_shell.wR_factor_R_free 
_refine_ls_shell.wR_factor_R_work 
_refine_ls_shell.pdbx_R_complete 
_refine_ls_shell.pdbx_total_number_of_bins_used 
_refine_ls_shell.pdbx_phase_error 
_refine_ls_shell.pdbx_fsc_work 
_refine_ls_shell.pdbx_fsc_free 
'X-RAY DIFFRACTION' 1.7800 1.9170  . . 129 2490 99.0000 . . . 0.2229 0.0000 0.1858 . . . . . . . . . . . 
'X-RAY DIFFRACTION' 1.9170 2.1100  . . 113 2500 99.0000 . . . 0.1970 0.0000 0.1726 . . . . . . . . . . . 
'X-RAY DIFFRACTION' 2.1100 2.4153  . . 166 2451 99.0000 . . . 0.2063 0.0000 0.1791 . . . . . . . . . . . 
'X-RAY DIFFRACTION' 2.4153 3.0429  . . 124 2514 99.0000 . . . 0.1956 0.0000 0.1872 . . . . . . . . . . . 
'X-RAY DIFFRACTION' 3.0429 46.8650 . . 107 2489 95.0000 . . . 0.2069 0.0000 0.1803 . . . . . . . . . . . 
# 
_struct.entry_id                     5ZYS 
_struct.title                        'Structure of Nephrin/MAGI1 complex' 
_struct.pdbx_model_details           ? 
_struct.pdbx_formula_weight          ? 
_struct.pdbx_formula_weight_method   ? 
_struct.pdbx_model_type_details      ? 
_struct.pdbx_CASP_flag               N 
# 
_struct_keywords.entry_id        5ZYS 
_struct_keywords.text            'Slit diaphragm, Nephrotic syndrome, MAGI1- Nephrin complex, CELL ADHESION' 
_struct_keywords.pdbx_keywords   'CELL ADHESION' 
# 
loop_
_struct_asym.id 
_struct_asym.pdbx_blank_PDB_chainid_flag 
_struct_asym.pdbx_modified 
_struct_asym.entity_id 
_struct_asym.details 
A N N 1 ? 
B N N 2 ? 
C N N 3 ? 
D N N 3 ? 
# 
loop_
_struct_ref.id 
_struct_ref.db_name 
_struct_ref.db_code 
_struct_ref.pdbx_db_accession 
_struct_ref.pdbx_db_isoform 
_struct_ref.entity_id 
_struct_ref.pdbx_seq_one_letter_code 
_struct_ref.pdbx_align_begin 
1 UNP MAGI1_MOUSE Q6RHR9 ? 1 
;IPDYQEQDIFLWRKETGFGFRILGGNEPGEPIYIGHIVPLGAADTDGRLRSGDELICVDGTPVIGKSHQLVVQLMQQAAK
QGHVNLTVRRKVV
;
826 
2 PDB 5ZYS        5ZYS   ? 2 ?                                                                                                1   
# 
loop_
_struct_ref_seq.align_id 
_struct_ref_seq.ref_id 
_struct_ref_seq.pdbx_PDB_id_code 
_struct_ref_seq.pdbx_strand_id 
_struct_ref_seq.seq_align_beg 
_struct_ref_seq.pdbx_seq_align_beg_ins_code 
_struct_ref_seq.seq_align_end 
_struct_ref_seq.pdbx_seq_align_end_ins_code 
_struct_ref_seq.pdbx_db_accession 
_struct_ref_seq.db_align_beg 
_struct_ref_seq.pdbx_db_align_beg_ins_code 
_struct_ref_seq.db_align_end 
_struct_ref_seq.pdbx_db_align_end_ins_code 
_struct_ref_seq.pdbx_auth_seq_align_beg 
_struct_ref_seq.pdbx_auth_seq_align_end 
1 1 5ZYS A 5 ? 97 ? Q6RHR9 826  ? 918  ? 826  918  
2 2 5ZYS B 1 ? 10 ? 5ZYS   1247 ? 1256 ? 1247 1256 
# 
loop_
_struct_ref_seq_dif.align_id 
_struct_ref_seq_dif.pdbx_pdb_id_code 
_struct_ref_seq_dif.mon_id 
_struct_ref_seq_dif.pdbx_pdb_strand_id 
_struct_ref_seq_dif.seq_num 
_struct_ref_seq_dif.pdbx_pdb_ins_code 
_struct_ref_seq_dif.pdbx_seq_db_name 
_struct_ref_seq_dif.pdbx_seq_db_accession_code 
_struct_ref_seq_dif.db_mon_id 
_struct_ref_seq_dif.pdbx_seq_db_seq_num 
_struct_ref_seq_dif.details 
_struct_ref_seq_dif.pdbx_auth_seq_num 
_struct_ref_seq_dif.pdbx_ordinal 
1 5ZYS GLY A 1 ? UNP Q6RHR9 ? ? 'expression tag' 822 1 
1 5ZYS PRO A 2 ? UNP Q6RHR9 ? ? 'expression tag' 823 2 
1 5ZYS GLY A 3 ? UNP Q6RHR9 ? ? 'expression tag' 824 3 
1 5ZYS SER A 4 ? UNP Q6RHR9 ? ? 'expression tag' 825 4 
# 
_pdbx_struct_assembly.id                   1 
_pdbx_struct_assembly.details              author_and_software_defined_assembly 
_pdbx_struct_assembly.method_details       PISA 
_pdbx_struct_assembly.oligomeric_details   dimeric 
_pdbx_struct_assembly.oligomeric_count     2 
# 
loop_
_pdbx_struct_assembly_prop.biol_id 
_pdbx_struct_assembly_prop.type 
_pdbx_struct_assembly_prop.value 
_pdbx_struct_assembly_prop.details 
1 'ABSA (A^2)' 990  ? 
1 MORE         -5   ? 
1 'SSA (A^2)'  5710 ? 
# 
_pdbx_struct_assembly_gen.assembly_id       1 
_pdbx_struct_assembly_gen.oper_expression   1 
_pdbx_struct_assembly_gen.asym_id_list      A,B,C,D 
# 
_pdbx_struct_assembly_auth_evidence.id                     1 
_pdbx_struct_assembly_auth_evidence.assembly_id            1 
_pdbx_struct_assembly_auth_evidence.experimental_support   'gel filtration' 
_pdbx_struct_assembly_auth_evidence.details                ? 
# 
_pdbx_struct_oper_list.id                   1 
_pdbx_struct_oper_list.type                 'identity operation' 
_pdbx_struct_oper_list.name                 1_555 
_pdbx_struct_oper_list.symmetry_operation   x,y,z 
_pdbx_struct_oper_list.matrix[1][1]         1.0000000000 
_pdbx_struct_oper_list.matrix[1][2]         0.0000000000 
_pdbx_struct_oper_list.matrix[1][3]         0.0000000000 
_pdbx_struct_oper_list.vector[1]            0.0000000000 
_pdbx_struct_oper_list.matrix[2][1]         0.0000000000 
_pdbx_struct_oper_list.matrix[2][2]         1.0000000000 
_pdbx_struct_oper_list.matrix[2][3]         0.0000000000 
_pdbx_struct_oper_list.vector[2]            0.0000000000 
_pdbx_struct_oper_list.matrix[3][1]         0.0000000000 
_pdbx_struct_oper_list.matrix[3][2]         0.0000000000 
_pdbx_struct_oper_list.matrix[3][3]         1.0000000000 
_pdbx_struct_oper_list.vector[3]            0.0000000000 
# 
loop_
_struct_conf.conf_type_id 
_struct_conf.id 
_struct_conf.pdbx_PDB_helix_id 
_struct_conf.beg_label_comp_id 
_struct_conf.beg_label_asym_id 
_struct_conf.beg_label_seq_id 
_struct_conf.pdbx_beg_PDB_ins_code 
_struct_conf.end_label_comp_id 
_struct_conf.end_label_asym_id 
_struct_conf.end_label_seq_id 
_struct_conf.pdbx_end_PDB_ins_code 
_struct_conf.beg_auth_comp_id 
_struct_conf.beg_auth_asym_id 
_struct_conf.beg_auth_seq_id 
_struct_conf.end_auth_comp_id 
_struct_conf.end_auth_asym_id 
_struct_conf.end_auth_seq_id 
_struct_conf.pdbx_PDB_helix_class 
_struct_conf.details 
_struct_conf.pdbx_PDB_helix_length 
HELX_P HELX_P1 AA1 GLY A 45 ? GLY A 51 ? GLY A 866 GLY A 872 1 ? 7  
HELX_P HELX_P2 AA2 SER A 71 ? GLY A 86 ? SER A 892 GLY A 907 1 ? 16 
# 
_struct_conf_type.id          HELX_P 
_struct_conf_type.criteria    ? 
_struct_conf_type.reference   ? 
# 
loop_
_struct_sheet.id 
_struct_sheet.type 
_struct_sheet.number_strands 
_struct_sheet.details 
AA1 ? 4 ? 
AA2 ? 3 ? 
# 
loop_
_struct_sheet_order.sheet_id 
_struct_sheet_order.range_id_1 
_struct_sheet_order.range_id_2 
_struct_sheet_order.offset 
_struct_sheet_order.sense 
AA1 1 2 ? anti-parallel 
AA1 2 3 ? anti-parallel 
AA1 3 4 ? anti-parallel 
AA2 1 2 ? anti-parallel 
AA2 2 3 ? anti-parallel 
# 
loop_
_struct_sheet_range.sheet_id 
_struct_sheet_range.id 
_struct_sheet_range.beg_label_comp_id 
_struct_sheet_range.beg_label_asym_id 
_struct_sheet_range.beg_label_seq_id 
_struct_sheet_range.pdbx_beg_PDB_ins_code 
_struct_sheet_range.end_label_comp_id 
_struct_sheet_range.end_label_asym_id 
_struct_sheet_range.end_label_seq_id 
_struct_sheet_range.pdbx_end_PDB_ins_code 
_struct_sheet_range.beg_auth_comp_id 
_struct_sheet_range.beg_auth_asym_id 
_struct_sheet_range.beg_auth_seq_id 
_struct_sheet_range.end_auth_comp_id 
_struct_sheet_range.end_auth_asym_id 
_struct_sheet_range.end_auth_seq_id 
AA1 1 TYR A 8  ? TRP A 16 ? TYR A 829  TRP A 837  
AA1 2 HIS A 87 ? LYS A 95 ? HIS A 908  LYS A 916  
AA1 3 GLU A 58 ? VAL A 62 ? GLU A 879  VAL A 883  
AA1 4 THR A 65 ? PRO A 66 ? THR A 886  PRO A 887  
AA2 1 ILE A 36 ? ILE A 41 ? ILE A 857  ILE A 862  
AA2 2 PHE A 24 ? GLY A 28 ? PHE A 845  GLY A 849  
AA2 3 HIS B 8  ? LEU B 9  ? HIS B 1254 LEU B 1255 
# 
loop_
_pdbx_struct_sheet_hbond.sheet_id 
_pdbx_struct_sheet_hbond.range_id_1 
_pdbx_struct_sheet_hbond.range_id_2 
_pdbx_struct_sheet_hbond.range_1_label_atom_id 
_pdbx_struct_sheet_hbond.range_1_label_comp_id 
_pdbx_struct_sheet_hbond.range_1_label_asym_id 
_pdbx_struct_sheet_hbond.range_1_label_seq_id 
_pdbx_struct_sheet_hbond.range_1_PDB_ins_code 
_pdbx_struct_sheet_hbond.range_1_auth_atom_id 
_pdbx_struct_sheet_hbond.range_1_auth_comp_id 
_pdbx_struct_sheet_hbond.range_1_auth_asym_id 
_pdbx_struct_sheet_hbond.range_1_auth_seq_id 
_pdbx_struct_sheet_hbond.range_2_label_atom_id 
_pdbx_struct_sheet_hbond.range_2_label_comp_id 
_pdbx_struct_sheet_hbond.range_2_label_asym_id 
_pdbx_struct_sheet_hbond.range_2_label_seq_id 
_pdbx_struct_sheet_hbond.range_2_PDB_ins_code 
_pdbx_struct_sheet_hbond.range_2_auth_atom_id 
_pdbx_struct_sheet_hbond.range_2_auth_comp_id 
_pdbx_struct_sheet_hbond.range_2_auth_asym_id 
_pdbx_struct_sheet_hbond.range_2_auth_seq_id 
AA1 1 2 N ILE A 13 ? N ILE A 834 O LEU A 90 ? O LEU A 911  
AA1 2 3 O ARG A 93 ? O ARG A 914 N GLU A 58 ? N GLU A 879  
AA1 3 4 N VAL A 62 ? N VAL A 883 O THR A 65 ? O THR A 886  
AA2 1 2 O GLY A 39 ? O GLY A 860 N ARG A 25 ? N ARG A 846  
AA2 2 3 N ILE A 26 ? N ILE A 847 O HIS B 8  ? O HIS B 1254 
# 
_pdbx_struct_special_symmetry.id              1 
_pdbx_struct_special_symmetry.PDB_model_num   1 
_pdbx_struct_special_symmetry.auth_asym_id    A 
_pdbx_struct_special_symmetry.auth_comp_id    HOH 
_pdbx_struct_special_symmetry.auth_seq_id     1011 
_pdbx_struct_special_symmetry.PDB_ins_code    ? 
_pdbx_struct_special_symmetry.label_asym_id   C 
_pdbx_struct_special_symmetry.label_comp_id   HOH 
_pdbx_struct_special_symmetry.label_seq_id    . 
# 
loop_
_pdbx_unobs_or_zero_occ_residues.id 
_pdbx_unobs_or_zero_occ_residues.PDB_model_num 
_pdbx_unobs_or_zero_occ_residues.polymer_flag 
_pdbx_unobs_or_zero_occ_residues.occupancy_flag 
_pdbx_unobs_or_zero_occ_residues.auth_asym_id 
_pdbx_unobs_or_zero_occ_residues.auth_comp_id 
_pdbx_unobs_or_zero_occ_residues.auth_seq_id 
_pdbx_unobs_or_zero_occ_residues.PDB_ins_code 
_pdbx_unobs_or_zero_occ_residues.label_asym_id 
_pdbx_unobs_or_zero_occ_residues.label_comp_id 
_pdbx_unobs_or_zero_occ_residues.label_seq_id 
1 1 Y 1 A GLY 822 ? A GLY 1  
2 1 Y 1 A PRO 823 ? A PRO 2  
3 1 Y 1 A GLY 824 ? A GLY 3  
4 1 Y 1 A SER 825 ? A SER 4  
5 1 Y 1 A ILE 826 ? A ILE 5  
6 1 Y 1 A PRO 827 ? A PRO 6  
7 1 Y 1 A VAL 918 ? A VAL 97 
# 
loop_
_chem_comp_atom.comp_id 
_chem_comp_atom.atom_id 
_chem_comp_atom.type_symbol 
_chem_comp_atom.pdbx_aromatic_flag 
_chem_comp_atom.pdbx_stereo_config 
_chem_comp_atom.pdbx_ordinal 
ALA N    N N N 1   
ALA CA   C N S 2   
ALA C    C N N 3   
ALA O    O N N 4   
ALA CB   C N N 5   
ALA OXT  O N N 6   
ALA H    H N N 7   
ALA H2   H N N 8   
ALA HA   H N N 9   
ALA HB1  H N N 10  
ALA HB2  H N N 11  
ALA HB3  H N N 12  
ALA HXT  H N N 13  
ARG N    N N N 14  
ARG CA   C N S 15  
ARG C    C N N 16  
ARG O    O N N 17  
ARG CB   C N N 18  
ARG CG   C N N 19  
ARG CD   C N N 20  
ARG NE   N N N 21  
ARG CZ   C N N 22  
ARG NH1  N N N 23  
ARG NH2  N N N 24  
ARG OXT  O N N 25  
ARG H    H N N 26  
ARG H2   H N N 27  
ARG HA   H N N 28  
ARG HB2  H N N 29  
ARG HB3  H N N 30  
ARG HG2  H N N 31  
ARG HG3  H N N 32  
ARG HD2  H N N 33  
ARG HD3  H N N 34  
ARG HE   H N N 35  
ARG HH11 H N N 36  
ARG HH12 H N N 37  
ARG HH21 H N N 38  
ARG HH22 H N N 39  
ARG HXT  H N N 40  
ASN N    N N N 41  
ASN CA   C N S 42  
ASN C    C N N 43  
ASN O    O N N 44  
ASN CB   C N N 45  
ASN CG   C N N 46  
ASN OD1  O N N 47  
ASN ND2  N N N 48  
ASN OXT  O N N 49  
ASN H    H N N 50  
ASN H2   H N N 51  
ASN HA   H N N 52  
ASN HB2  H N N 53  
ASN HB3  H N N 54  
ASN HD21 H N N 55  
ASN HD22 H N N 56  
ASN HXT  H N N 57  
ASP N    N N N 58  
ASP CA   C N S 59  
ASP C    C N N 60  
ASP O    O N N 61  
ASP CB   C N N 62  
ASP CG   C N N 63  
ASP OD1  O N N 64  
ASP OD2  O N N 65  
ASP OXT  O N N 66  
ASP H    H N N 67  
ASP H2   H N N 68  
ASP HA   H N N 69  
ASP HB2  H N N 70  
ASP HB3  H N N 71  
ASP HD2  H N N 72  
ASP HXT  H N N 73  
CYS N    N N N 74  
CYS CA   C N R 75  
CYS C    C N N 76  
CYS O    O N N 77  
CYS CB   C N N 78  
CYS SG   S N N 79  
CYS OXT  O N N 80  
CYS H    H N N 81  
CYS H2   H N N 82  
CYS HA   H N N 83  
CYS HB2  H N N 84  
CYS HB3  H N N 85  
CYS HG   H N N 86  
CYS HXT  H N N 87  
GLN N    N N N 88  
GLN CA   C N S 89  
GLN C    C N N 90  
GLN O    O N N 91  
GLN CB   C N N 92  
GLN CG   C N N 93  
GLN CD   C N N 94  
GLN OE1  O N N 95  
GLN NE2  N N N 96  
GLN OXT  O N N 97  
GLN H    H N N 98  
GLN H2   H N N 99  
GLN HA   H N N 100 
GLN HB2  H N N 101 
GLN HB3  H N N 102 
GLN HG2  H N N 103 
GLN HG3  H N N 104 
GLN HE21 H N N 105 
GLN HE22 H N N 106 
GLN HXT  H N N 107 
GLU N    N N N 108 
GLU CA   C N S 109 
GLU C    C N N 110 
GLU O    O N N 111 
GLU CB   C N N 112 
GLU CG   C N N 113 
GLU CD   C N N 114 
GLU OE1  O N N 115 
GLU OE2  O N N 116 
GLU OXT  O N N 117 
GLU H    H N N 118 
GLU H2   H N N 119 
GLU HA   H N N 120 
GLU HB2  H N N 121 
GLU HB3  H N N 122 
GLU HG2  H N N 123 
GLU HG3  H N N 124 
GLU HE2  H N N 125 
GLU HXT  H N N 126 
GLY N    N N N 127 
GLY CA   C N N 128 
GLY C    C N N 129 
GLY O    O N N 130 
GLY OXT  O N N 131 
GLY H    H N N 132 
GLY H2   H N N 133 
GLY HA2  H N N 134 
GLY HA3  H N N 135 
GLY HXT  H N N 136 
HIS N    N N N 137 
HIS CA   C N S 138 
HIS C    C N N 139 
HIS O    O N N 140 
HIS CB   C N N 141 
HIS CG   C Y N 142 
HIS ND1  N Y N 143 
HIS CD2  C Y N 144 
HIS CE1  C Y N 145 
HIS NE2  N Y N 146 
HIS OXT  O N N 147 
HIS H    H N N 148 
HIS H2   H N N 149 
HIS HA   H N N 150 
HIS HB2  H N N 151 
HIS HB3  H N N 152 
HIS HD1  H N N 153 
HIS HD2  H N N 154 
HIS HE1  H N N 155 
HIS HE2  H N N 156 
HIS HXT  H N N 157 
HOH O    O N N 158 
HOH H1   H N N 159 
HOH H2   H N N 160 
ILE N    N N N 161 
ILE CA   C N S 162 
ILE C    C N N 163 
ILE O    O N N 164 
ILE CB   C N S 165 
ILE CG1  C N N 166 
ILE CG2  C N N 167 
ILE CD1  C N N 168 
ILE OXT  O N N 169 
ILE H    H N N 170 
ILE H2   H N N 171 
ILE HA   H N N 172 
ILE HB   H N N 173 
ILE HG12 H N N 174 
ILE HG13 H N N 175 
ILE HG21 H N N 176 
ILE HG22 H N N 177 
ILE HG23 H N N 178 
ILE HD11 H N N 179 
ILE HD12 H N N 180 
ILE HD13 H N N 181 
ILE HXT  H N N 182 
LEU N    N N N 183 
LEU CA   C N S 184 
LEU C    C N N 185 
LEU O    O N N 186 
LEU CB   C N N 187 
LEU CG   C N N 188 
LEU CD1  C N N 189 
LEU CD2  C N N 190 
LEU OXT  O N N 191 
LEU H    H N N 192 
LEU H2   H N N 193 
LEU HA   H N N 194 
LEU HB2  H N N 195 
LEU HB3  H N N 196 
LEU HG   H N N 197 
LEU HD11 H N N 198 
LEU HD12 H N N 199 
LEU HD13 H N N 200 
LEU HD21 H N N 201 
LEU HD22 H N N 202 
LEU HD23 H N N 203 
LEU HXT  H N N 204 
LYS N    N N N 205 
LYS CA   C N S 206 
LYS C    C N N 207 
LYS O    O N N 208 
LYS CB   C N N 209 
LYS CG   C N N 210 
LYS CD   C N N 211 
LYS CE   C N N 212 
LYS NZ   N N N 213 
LYS OXT  O N N 214 
LYS H    H N N 215 
LYS H2   H N N 216 
LYS HA   H N N 217 
LYS HB2  H N N 218 
LYS HB3  H N N 219 
LYS HG2  H N N 220 
LYS HG3  H N N 221 
LYS HD2  H N N 222 
LYS HD3  H N N 223 
LYS HE2  H N N 224 
LYS HE3  H N N 225 
LYS HZ1  H N N 226 
LYS HZ2  H N N 227 
LYS HZ3  H N N 228 
LYS HXT  H N N 229 
MET N    N N N 230 
MET CA   C N S 231 
MET C    C N N 232 
MET O    O N N 233 
MET CB   C N N 234 
MET CG   C N N 235 
MET SD   S N N 236 
MET CE   C N N 237 
MET OXT  O N N 238 
MET H    H N N 239 
MET H2   H N N 240 
MET HA   H N N 241 
MET HB2  H N N 242 
MET HB3  H N N 243 
MET HG2  H N N 244 
MET HG3  H N N 245 
MET HE1  H N N 246 
MET HE2  H N N 247 
MET HE3  H N N 248 
MET HXT  H N N 249 
PHE N    N N N 250 
PHE CA   C N S 251 
PHE C    C N N 252 
PHE O    O N N 253 
PHE CB   C N N 254 
PHE CG   C Y N 255 
PHE CD1  C Y N 256 
PHE CD2  C Y N 257 
PHE CE1  C Y N 258 
PHE CE2  C Y N 259 
PHE CZ   C Y N 260 
PHE OXT  O N N 261 
PHE H    H N N 262 
PHE H2   H N N 263 
PHE HA   H N N 264 
PHE HB2  H N N 265 
PHE HB3  H N N 266 
PHE HD1  H N N 267 
PHE HD2  H N N 268 
PHE HE1  H N N 269 
PHE HE2  H N N 270 
PHE HZ   H N N 271 
PHE HXT  H N N 272 
PRO N    N N N 273 
PRO CA   C N S 274 
PRO C    C N N 275 
PRO O    O N N 276 
PRO CB   C N N 277 
PRO CG   C N N 278 
PRO CD   C N N 279 
PRO OXT  O N N 280 
PRO H    H N N 281 
PRO HA   H N N 282 
PRO HB2  H N N 283 
PRO HB3  H N N 284 
PRO HG2  H N N 285 
PRO HG3  H N N 286 
PRO HD2  H N N 287 
PRO HD3  H N N 288 
PRO HXT  H N N 289 
SER N    N N N 290 
SER CA   C N S 291 
SER C    C N N 292 
SER O    O N N 293 
SER CB   C N N 294 
SER OG   O N N 295 
SER OXT  O N N 296 
SER H    H N N 297 
SER H2   H N N 298 
SER HA   H N N 299 
SER HB2  H N N 300 
SER HB3  H N N 301 
SER HG   H N N 302 
SER HXT  H N N 303 
THR N    N N N 304 
THR CA   C N S 305 
THR C    C N N 306 
THR O    O N N 307 
THR CB   C N R 308 
THR OG1  O N N 309 
THR CG2  C N N 310 
THR OXT  O N N 311 
THR H    H N N 312 
THR H2   H N N 313 
THR HA   H N N 314 
THR HB   H N N 315 
THR HG1  H N N 316 
THR HG21 H N N 317 
THR HG22 H N N 318 
THR HG23 H N N 319 
THR HXT  H N N 320 
TRP N    N N N 321 
TRP CA   C N S 322 
TRP C    C N N 323 
TRP O    O N N 324 
TRP CB   C N N 325 
TRP CG   C Y N 326 
TRP CD1  C Y N 327 
TRP CD2  C Y N 328 
TRP NE1  N Y N 329 
TRP CE2  C Y N 330 
TRP CE3  C Y N 331 
TRP CZ2  C Y N 332 
TRP CZ3  C Y N 333 
TRP CH2  C Y N 334 
TRP OXT  O N N 335 
TRP H    H N N 336 
TRP H2   H N N 337 
TRP HA   H N N 338 
TRP HB2  H N N 339 
TRP HB3  H N N 340 
TRP HD1  H N N 341 
TRP HE1  H N N 342 
TRP HE3  H N N 343 
TRP HZ2  H N N 344 
TRP HZ3  H N N 345 
TRP HH2  H N N 346 
TRP HXT  H N N 347 
TYR N    N N N 348 
TYR CA   C N S 349 
TYR C    C N N 350 
TYR O    O N N 351 
TYR CB   C N N 352 
TYR CG   C Y N 353 
TYR CD1  C Y N 354 
TYR CD2  C Y N 355 
TYR CE1  C Y N 356 
TYR CE2  C Y N 357 
TYR CZ   C Y N 358 
TYR OH   O N N 359 
TYR OXT  O N N 360 
TYR H    H N N 361 
TYR H2   H N N 362 
TYR HA   H N N 363 
TYR HB2  H N N 364 
TYR HB3  H N N 365 
TYR HD1  H N N 366 
TYR HD2  H N N 367 
TYR HE1  H N N 368 
TYR HE2  H N N 369 
TYR HH   H N N 370 
TYR HXT  H N N 371 
VAL N    N N N 372 
VAL CA   C N S 373 
VAL C    C N N 374 
VAL O    O N N 375 
VAL CB   C N N 376 
VAL CG1  C N N 377 
VAL CG2  C N N 378 
VAL OXT  O N N 379 
VAL H    H N N 380 
VAL H2   H N N 381 
VAL HA   H N N 382 
VAL HB   H N N 383 
VAL HG11 H N N 384 
VAL HG12 H N N 385 
VAL HG13 H N N 386 
VAL HG21 H N N 387 
VAL HG22 H N N 388 
VAL HG23 H N N 389 
VAL HXT  H N N 390 
# 
loop_
_chem_comp_bond.comp_id 
_chem_comp_bond.atom_id_1 
_chem_comp_bond.atom_id_2 
_chem_comp_bond.value_order 
_chem_comp_bond.pdbx_aromatic_flag 
_chem_comp_bond.pdbx_stereo_config 
_chem_comp_bond.pdbx_ordinal 
ALA N   CA   sing N N 1   
ALA N   H    sing N N 2   
ALA N   H2   sing N N 3   
ALA CA  C    sing N N 4   
ALA CA  CB   sing N N 5   
ALA CA  HA   sing N N 6   
ALA C   O    doub N N 7   
ALA C   OXT  sing N N 8   
ALA CB  HB1  sing N N 9   
ALA CB  HB2  sing N N 10  
ALA CB  HB3  sing N N 11  
ALA OXT HXT  sing N N 12  
ARG N   CA   sing N N 13  
ARG N   H    sing N N 14  
ARG N   H2   sing N N 15  
ARG CA  C    sing N N 16  
ARG CA  CB   sing N N 17  
ARG CA  HA   sing N N 18  
ARG C   O    doub N N 19  
ARG C   OXT  sing N N 20  
ARG CB  CG   sing N N 21  
ARG CB  HB2  sing N N 22  
ARG CB  HB3  sing N N 23  
ARG CG  CD   sing N N 24  
ARG CG  HG2  sing N N 25  
ARG CG  HG3  sing N N 26  
ARG CD  NE   sing N N 27  
ARG CD  HD2  sing N N 28  
ARG CD  HD3  sing N N 29  
ARG NE  CZ   sing N N 30  
ARG NE  HE   sing N N 31  
ARG CZ  NH1  sing N N 32  
ARG CZ  NH2  doub N N 33  
ARG NH1 HH11 sing N N 34  
ARG NH1 HH12 sing N N 35  
ARG NH2 HH21 sing N N 36  
ARG NH2 HH22 sing N N 37  
ARG OXT HXT  sing N N 38  
ASN N   CA   sing N N 39  
ASN N   H    sing N N 40  
ASN N   H2   sing N N 41  
ASN CA  C    sing N N 42  
ASN CA  CB   sing N N 43  
ASN CA  HA   sing N N 44  
ASN C   O    doub N N 45  
ASN C   OXT  sing N N 46  
ASN CB  CG   sing N N 47  
ASN CB  HB2  sing N N 48  
ASN CB  HB3  sing N N 49  
ASN CG  OD1  doub N N 50  
ASN CG  ND2  sing N N 51  
ASN ND2 HD21 sing N N 52  
ASN ND2 HD22 sing N N 53  
ASN OXT HXT  sing N N 54  
ASP N   CA   sing N N 55  
ASP N   H    sing N N 56  
ASP N   H2   sing N N 57  
ASP CA  C    sing N N 58  
ASP CA  CB   sing N N 59  
ASP CA  HA   sing N N 60  
ASP C   O    doub N N 61  
ASP C   OXT  sing N N 62  
ASP CB  CG   sing N N 63  
ASP CB  HB2  sing N N 64  
ASP CB  HB3  sing N N 65  
ASP CG  OD1  doub N N 66  
ASP CG  OD2  sing N N 67  
ASP OD2 HD2  sing N N 68  
ASP OXT HXT  sing N N 69  
CYS N   CA   sing N N 70  
CYS N   H    sing N N 71  
CYS N   H2   sing N N 72  
CYS CA  C    sing N N 73  
CYS CA  CB   sing N N 74  
CYS CA  HA   sing N N 75  
CYS C   O    doub N N 76  
CYS C   OXT  sing N N 77  
CYS CB  SG   sing N N 78  
CYS CB  HB2  sing N N 79  
CYS CB  HB3  sing N N 80  
CYS SG  HG   sing N N 81  
CYS OXT HXT  sing N N 82  
GLN N   CA   sing N N 83  
GLN N   H    sing N N 84  
GLN N   H2   sing N N 85  
GLN CA  C    sing N N 86  
GLN CA  CB   sing N N 87  
GLN CA  HA   sing N N 88  
GLN C   O    doub N N 89  
GLN C   OXT  sing N N 90  
GLN CB  CG   sing N N 91  
GLN CB  HB2  sing N N 92  
GLN CB  HB3  sing N N 93  
GLN CG  CD   sing N N 94  
GLN CG  HG2  sing N N 95  
GLN CG  HG3  sing N N 96  
GLN CD  OE1  doub N N 97  
GLN CD  NE2  sing N N 98  
GLN NE2 HE21 sing N N 99  
GLN NE2 HE22 sing N N 100 
GLN OXT HXT  sing N N 101 
GLU N   CA   sing N N 102 
GLU N   H    sing N N 103 
GLU N   H2   sing N N 104 
GLU CA  C    sing N N 105 
GLU CA  CB   sing N N 106 
GLU CA  HA   sing N N 107 
GLU C   O    doub N N 108 
GLU C   OXT  sing N N 109 
GLU CB  CG   sing N N 110 
GLU CB  HB2  sing N N 111 
GLU CB  HB3  sing N N 112 
GLU CG  CD   sing N N 113 
GLU CG  HG2  sing N N 114 
GLU CG  HG3  sing N N 115 
GLU CD  OE1  doub N N 116 
GLU CD  OE2  sing N N 117 
GLU OE2 HE2  sing N N 118 
GLU OXT HXT  sing N N 119 
GLY N   CA   sing N N 120 
GLY N   H    sing N N 121 
GLY N   H2   sing N N 122 
GLY CA  C    sing N N 123 
GLY CA  HA2  sing N N 124 
GLY CA  HA3  sing N N 125 
GLY C   O    doub N N 126 
GLY C   OXT  sing N N 127 
GLY OXT HXT  sing N N 128 
HIS N   CA   sing N N 129 
HIS N   H    sing N N 130 
HIS N   H2   sing N N 131 
HIS CA  C    sing N N 132 
HIS CA  CB   sing N N 133 
HIS CA  HA   sing N N 134 
HIS C   O    doub N N 135 
HIS C   OXT  sing N N 136 
HIS CB  CG   sing N N 137 
HIS CB  HB2  sing N N 138 
HIS CB  HB3  sing N N 139 
HIS CG  ND1  sing Y N 140 
HIS CG  CD2  doub Y N 141 
HIS ND1 CE1  doub Y N 142 
HIS ND1 HD1  sing N N 143 
HIS CD2 NE2  sing Y N 144 
HIS CD2 HD2  sing N N 145 
HIS CE1 NE2  sing Y N 146 
HIS CE1 HE1  sing N N 147 
HIS NE2 HE2  sing N N 148 
HIS OXT HXT  sing N N 149 
HOH O   H1   sing N N 150 
HOH O   H2   sing N N 151 
ILE N   CA   sing N N 152 
ILE N   H    sing N N 153 
ILE N   H2   sing N N 154 
ILE CA  C    sing N N 155 
ILE CA  CB   sing N N 156 
ILE CA  HA   sing N N 157 
ILE C   O    doub N N 158 
ILE C   OXT  sing N N 159 
ILE CB  CG1  sing N N 160 
ILE CB  CG2  sing N N 161 
ILE CB  HB   sing N N 162 
ILE CG1 CD1  sing N N 163 
ILE CG1 HG12 sing N N 164 
ILE CG1 HG13 sing N N 165 
ILE CG2 HG21 sing N N 166 
ILE CG2 HG22 sing N N 167 
ILE CG2 HG23 sing N N 168 
ILE CD1 HD11 sing N N 169 
ILE CD1 HD12 sing N N 170 
ILE CD1 HD13 sing N N 171 
ILE OXT HXT  sing N N 172 
LEU N   CA   sing N N 173 
LEU N   H    sing N N 174 
LEU N   H2   sing N N 175 
LEU CA  C    sing N N 176 
LEU CA  CB   sing N N 177 
LEU CA  HA   sing N N 178 
LEU C   O    doub N N 179 
LEU C   OXT  sing N N 180 
LEU CB  CG   sing N N 181 
LEU CB  HB2  sing N N 182 
LEU CB  HB3  sing N N 183 
LEU CG  CD1  sing N N 184 
LEU CG  CD2  sing N N 185 
LEU CG  HG   sing N N 186 
LEU CD1 HD11 sing N N 187 
LEU CD1 HD12 sing N N 188 
LEU CD1 HD13 sing N N 189 
LEU CD2 HD21 sing N N 190 
LEU CD2 HD22 sing N N 191 
LEU CD2 HD23 sing N N 192 
LEU OXT HXT  sing N N 193 
LYS N   CA   sing N N 194 
LYS N   H    sing N N 195 
LYS N   H2   sing N N 196 
LYS CA  C    sing N N 197 
LYS CA  CB   sing N N 198 
LYS CA  HA   sing N N 199 
LYS C   O    doub N N 200 
LYS C   OXT  sing N N 201 
LYS CB  CG   sing N N 202 
LYS CB  HB2  sing N N 203 
LYS CB  HB3  sing N N 204 
LYS CG  CD   sing N N 205 
LYS CG  HG2  sing N N 206 
LYS CG  HG3  sing N N 207 
LYS CD  CE   sing N N 208 
LYS CD  HD2  sing N N 209 
LYS CD  HD3  sing N N 210 
LYS CE  NZ   sing N N 211 
LYS CE  HE2  sing N N 212 
LYS CE  HE3  sing N N 213 
LYS NZ  HZ1  sing N N 214 
LYS NZ  HZ2  sing N N 215 
LYS NZ  HZ3  sing N N 216 
LYS OXT HXT  sing N N 217 
MET N   CA   sing N N 218 
MET N   H    sing N N 219 
MET N   H2   sing N N 220 
MET CA  C    sing N N 221 
MET CA  CB   sing N N 222 
MET CA  HA   sing N N 223 
MET C   O    doub N N 224 
MET C   OXT  sing N N 225 
MET CB  CG   sing N N 226 
MET CB  HB2  sing N N 227 
MET CB  HB3  sing N N 228 
MET CG  SD   sing N N 229 
MET CG  HG2  sing N N 230 
MET CG  HG3  sing N N 231 
MET SD  CE   sing N N 232 
MET CE  HE1  sing N N 233 
MET CE  HE2  sing N N 234 
MET CE  HE3  sing N N 235 
MET OXT HXT  sing N N 236 
PHE N   CA   sing N N 237 
PHE N   H    sing N N 238 
PHE N   H2   sing N N 239 
PHE CA  C    sing N N 240 
PHE CA  CB   sing N N 241 
PHE CA  HA   sing N N 242 
PHE C   O    doub N N 243 
PHE C   OXT  sing N N 244 
PHE CB  CG   sing N N 245 
PHE CB  HB2  sing N N 246 
PHE CB  HB3  sing N N 247 
PHE CG  CD1  doub Y N 248 
PHE CG  CD2  sing Y N 249 
PHE CD1 CE1  sing Y N 250 
PHE CD1 HD1  sing N N 251 
PHE CD2 CE2  doub Y N 252 
PHE CD2 HD2  sing N N 253 
PHE CE1 CZ   doub Y N 254 
PHE CE1 HE1  sing N N 255 
PHE CE2 CZ   sing Y N 256 
PHE CE2 HE2  sing N N 257 
PHE CZ  HZ   sing N N 258 
PHE OXT HXT  sing N N 259 
PRO N   CA   sing N N 260 
PRO N   CD   sing N N 261 
PRO N   H    sing N N 262 
PRO CA  C    sing N N 263 
PRO CA  CB   sing N N 264 
PRO CA  HA   sing N N 265 
PRO C   O    doub N N 266 
PRO C   OXT  sing N N 267 
PRO CB  CG   sing N N 268 
PRO CB  HB2  sing N N 269 
PRO CB  HB3  sing N N 270 
PRO CG  CD   sing N N 271 
PRO CG  HG2  sing N N 272 
PRO CG  HG3  sing N N 273 
PRO CD  HD2  sing N N 274 
PRO CD  HD3  sing N N 275 
PRO OXT HXT  sing N N 276 
SER N   CA   sing N N 277 
SER N   H    sing N N 278 
SER N   H2   sing N N 279 
SER CA  C    sing N N 280 
SER CA  CB   sing N N 281 
SER CA  HA   sing N N 282 
SER C   O    doub N N 283 
SER C   OXT  sing N N 284 
SER CB  OG   sing N N 285 
SER CB  HB2  sing N N 286 
SER CB  HB3  sing N N 287 
SER OG  HG   sing N N 288 
SER OXT HXT  sing N N 289 
THR N   CA   sing N N 290 
THR N   H    sing N N 291 
THR N   H2   sing N N 292 
THR CA  C    sing N N 293 
THR CA  CB   sing N N 294 
THR CA  HA   sing N N 295 
THR C   O    doub N N 296 
THR C   OXT  sing N N 297 
THR CB  OG1  sing N N 298 
THR CB  CG2  sing N N 299 
THR CB  HB   sing N N 300 
THR OG1 HG1  sing N N 301 
THR CG2 HG21 sing N N 302 
THR CG2 HG22 sing N N 303 
THR CG2 HG23 sing N N 304 
THR OXT HXT  sing N N 305 
TRP N   CA   sing N N 306 
TRP N   H    sing N N 307 
TRP N   H2   sing N N 308 
TRP CA  C    sing N N 309 
TRP CA  CB   sing N N 310 
TRP CA  HA   sing N N 311 
TRP C   O    doub N N 312 
TRP C   OXT  sing N N 313 
TRP CB  CG   sing N N 314 
TRP CB  HB2  sing N N 315 
TRP CB  HB3  sing N N 316 
TRP CG  CD1  doub Y N 317 
TRP CG  CD2  sing Y N 318 
TRP CD1 NE1  sing Y N 319 
TRP CD1 HD1  sing N N 320 
TRP CD2 CE2  doub Y N 321 
TRP CD2 CE3  sing Y N 322 
TRP NE1 CE2  sing Y N 323 
TRP NE1 HE1  sing N N 324 
TRP CE2 CZ2  sing Y N 325 
TRP CE3 CZ3  doub Y N 326 
TRP CE3 HE3  sing N N 327 
TRP CZ2 CH2  doub Y N 328 
TRP CZ2 HZ2  sing N N 329 
TRP CZ3 CH2  sing Y N 330 
TRP CZ3 HZ3  sing N N 331 
TRP CH2 HH2  sing N N 332 
TRP OXT HXT  sing N N 333 
TYR N   CA   sing N N 334 
TYR N   H    sing N N 335 
TYR N   H2   sing N N 336 
TYR CA  C    sing N N 337 
TYR CA  CB   sing N N 338 
TYR CA  HA   sing N N 339 
TYR C   O    doub N N 340 
TYR C   OXT  sing N N 341 
TYR CB  CG   sing N N 342 
TYR CB  HB2  sing N N 343 
TYR CB  HB3  sing N N 344 
TYR CG  CD1  doub Y N 345 
TYR CG  CD2  sing Y N 346 
TYR CD1 CE1  sing Y N 347 
TYR CD1 HD1  sing N N 348 
TYR CD2 CE2  doub Y N 349 
TYR CD2 HD2  sing N N 350 
TYR CE1 CZ   doub Y N 351 
TYR CE1 HE1  sing N N 352 
TYR CE2 CZ   sing Y N 353 
TYR CE2 HE2  sing N N 354 
TYR CZ  OH   sing N N 355 
TYR OH  HH   sing N N 356 
TYR OXT HXT  sing N N 357 
VAL N   CA   sing N N 358 
VAL N   H    sing N N 359 
VAL N   H2   sing N N 360 
VAL CA  C    sing N N 361 
VAL CA  CB   sing N N 362 
VAL CA  HA   sing N N 363 
VAL C   O    doub N N 364 
VAL C   OXT  sing N N 365 
VAL CB  CG1  sing N N 366 
VAL CB  CG2  sing N N 367 
VAL CB  HB   sing N N 368 
VAL CG1 HG11 sing N N 369 
VAL CG1 HG12 sing N N 370 
VAL CG1 HG13 sing N N 371 
VAL CG2 HG21 sing N N 372 
VAL CG2 HG22 sing N N 373 
VAL CG2 HG23 sing N N 374 
VAL OXT HXT  sing N N 375 
# 
_atom_sites.entry_id                    5ZYS 
_atom_sites.Cartn_transf_matrix[1][1]   ? 
_atom_sites.Cartn_transf_matrix[1][2]   ? 
_atom_sites.Cartn_transf_matrix[1][3]   ? 
_atom_sites.Cartn_transf_matrix[2][1]   ? 
_atom_sites.Cartn_transf_matrix[2][2]   ? 
_atom_sites.Cartn_transf_matrix[2][3]   ? 
_atom_sites.Cartn_transf_matrix[3][1]   ? 
_atom_sites.Cartn_transf_matrix[3][2]   ? 
_atom_sites.Cartn_transf_matrix[3][3]   ? 
_atom_sites.Cartn_transf_vector[1]      ? 
_atom_sites.Cartn_transf_vector[2]      ? 
_atom_sites.Cartn_transf_vector[3]      ? 
_atom_sites.fract_transf_matrix[1][1]   0.00302660 
_atom_sites.fract_transf_matrix[1][2]   0.00007498 
_atom_sites.fract_transf_matrix[1][3]   0.01023043 
_atom_sites.fract_transf_matrix[2][1]   -0.01022651 
_atom_sites.fract_transf_matrix[2][2]   0.00032738 
_atom_sites.fract_transf_matrix[2][3]   0.00302305 
_atom_sites.fract_transf_matrix[3][1]   -0.00029268 
_atom_sites.fract_transf_matrix[3][2]   -0.01066371 
_atom_sites.fract_transf_matrix[3][3]   0.00016474 
_atom_sites.fract_transf_vector[1]      -0.346049 
_atom_sites.fract_transf_vector[2]      -0.004155 
_atom_sites.fract_transf_vector[3]      -0.309009 
_atom_sites.solution_primary            ? 
_atom_sites.solution_secondary          ? 
_atom_sites.solution_hydrogens          ? 
_atom_sites.special_details             ? 
# 
loop_
_atom_type.symbol 
C 
N 
O 
S 
# 
loop_
_atom_site.group_PDB 
_atom_site.id 
_atom_site.type_symbol 
_atom_site.label_atom_id 
_atom_site.label_alt_id 
_atom_site.label_comp_id 
_atom_site.label_asym_id 
_atom_site.label_entity_id 
_atom_site.label_seq_id 
_atom_site.pdbx_PDB_ins_code 
_atom_site.Cartn_x 
_atom_site.Cartn_y 
_atom_site.Cartn_z 
_atom_site.occupancy 
_atom_site.B_iso_or_equiv 
_atom_site.pdbx_formal_charge 
_atom_site.auth_seq_id 
_atom_site.auth_comp_id 
_atom_site.auth_asym_id 
_atom_site.auth_atom_id 
_atom_site.pdbx_PDB_model_num 
ATOM   1   N N   . ASP A 1 7  ? -17.650 4.318   7.772   1.00 29.36 ? 828  ASP A N   1 
ATOM   2   C CA  . ASP A 1 7  ? -17.609 2.940   8.247   1.00 31.08 ? 828  ASP A CA  1 
ATOM   3   C C   . ASP A 1 7  ? -16.179 2.467   8.486   1.00 28.46 ? 828  ASP A C   1 
ATOM   4   O O   . ASP A 1 7  ? -15.933 1.278   8.684   1.00 33.26 ? 828  ASP A O   1 
ATOM   5   C CB  . ASP A 1 7  ? -18.301 2.009   7.244   1.00 49.59 ? 828  ASP A CB  1 
ATOM   6   C CG  . ASP A 1 7  ? -17.637 2.022   5.875   1.00 71.86 ? 828  ASP A CG  1 
ATOM   7   O OD1 . ASP A 1 7  ? -16.772 2.891   5.635   1.00 40.04 ? 828  ASP A OD1 1 
ATOM   8   O OD2 . ASP A 1 7  ? -17.979 1.159   5.035   1.00 58.04 ? 828  ASP A OD2 1 
ATOM   9   N N   . TYR A 1 8  ? -15.238 3.402   8.480   1.00 27.61 ? 829  TYR A N   1 
ATOM   10  C CA  . TYR A 1 8  ? -13.831 3.032   8.500   1.00 20.24 ? 829  TYR A CA  1 
ATOM   11  C C   . TYR A 1 8  ? -13.053 3.661   9.643   1.00 18.64 ? 829  TYR A C   1 
ATOM   12  O O   . TYR A 1 8  ? -13.465 4.668   10.211  1.00 23.00 ? 829  TYR A O   1 
ATOM   13  C CB  . TYR A 1 8  ? -13.169 3.430   7.180   1.00 22.80 ? 829  TYR A CB  1 
ATOM   14  C CG  . TYR A 1 8  ? -13.313 4.900   6.862   1.00 22.18 ? 829  TYR A CG  1 
ATOM   15  C CD1 . TYR A 1 8  ? -12.429 5.838   7.392   1.00 25.78 ? 829  TYR A CD1 1 
ATOM   16  C CD2 . TYR A 1 8  ? -14.329 5.355   6.029   1.00 25.38 ? 829  TYR A CD2 1 
ATOM   17  C CE1 . TYR A 1 8  ? -12.557 7.183   7.106   1.00 27.86 ? 829  TYR A CE1 1 
ATOM   18  C CE2 . TYR A 1 8  ? -14.461 6.701   5.736   1.00 35.17 ? 829  TYR A CE2 1 
ATOM   19  C CZ  . TYR A 1 8  ? -13.575 7.609   6.276   1.00 34.87 ? 829  TYR A CZ  1 
ATOM   20  O OH  . TYR A 1 8  ? -13.699 8.952   5.995   1.00 39.39 ? 829  TYR A OH  1 
ATOM   21  N N   . GLN A 1 9  ? -11.917 3.048   9.948   1.00 20.53 ? 830  GLN A N   1 
ATOM   22  C CA  . GLN A 1 9  ? -10.883 3.663   10.766  1.00 22.54 ? 830  GLN A CA  1 
ATOM   23  C C   . GLN A 1 9  ? -9.745  4.078   9.845   1.00 25.07 ? 830  GLN A C   1 
ATOM   24  O O   . GLN A 1 9  ? -9.392  3.338   8.936   1.00 26.43 ? 830  GLN A O   1 
ATOM   25  C CB  . GLN A 1 9  ? -10.374 2.693   11.834  1.00 23.58 ? 830  GLN A CB  1 
ATOM   26  N N   . GLU A 1 10 ? -9.162  5.247   10.083  1.00 14.67 ? 831  GLU A N   1 
ATOM   27  C CA  . GLU A 1 10 ? -8.039  5.697   9.267   1.00 13.35 ? 831  GLU A CA  1 
ATOM   28  C C   . GLU A 1 10 ? -6.721  5.603   10.036  1.00 19.41 ? 831  GLU A C   1 
ATOM   29  O O   . GLU A 1 10 ? -6.677  5.875   11.233  1.00 21.60 ? 831  GLU A O   1 
ATOM   30  C CB  . GLU A 1 10 ? -8.284  7.129   8.805   1.00 25.04 ? 831  GLU A CB  1 
ATOM   31  C CG  . GLU A 1 10 ? -7.464  7.559   7.622   1.00 26.14 ? 831  GLU A CG  1 
ATOM   32  C CD  . GLU A 1 10 ? -7.908  8.903   7.086   1.00 16.93 ? 831  GLU A CD  1 
ATOM   33  O OE1 . GLU A 1 10 ? -7.138  9.866   7.235   1.00 24.04 ? 831  GLU A OE1 1 
ATOM   34  O OE2 . GLU A 1 10 ? -9.019  8.988   6.513   1.00 22.21 ? 831  GLU A OE2 1 
ATOM   35  N N   . GLN A 1 11 ? -5.647  5.210   9.357   1.00 16.12 ? 832  GLN A N   1 
ATOM   36  C CA  . GLN A 1 11 ? -4.342  5.126   10.001  1.00 16.88 ? 832  GLN A CA  1 
ATOM   37  C C   . GLN A 1 11 ? -3.270  5.746   9.118   1.00 21.42 ? 832  GLN A C   1 
ATOM   38  O O   . GLN A 1 11 ? -3.304  5.584   7.900   1.00 19.87 ? 832  GLN A O   1 
ATOM   39  C CB  . GLN A 1 11 ? -4.000  3.667   10.315  1.00 25.15 ? 832  GLN A CB  1 
ATOM   40  C CG  . GLN A 1 11 ? -3.116  3.485   11.526  1.00 55.37 ? 832  GLN A CG  1 
ATOM   41  C CD  . GLN A 1 11 ? -3.048  2.040   11.976  1.00 26.90 ? 832  GLN A CD  1 
ATOM   42  O OE1 . GLN A 1 11 ? -3.712  1.169   11.408  1.00 34.36 ? 832  GLN A OE1 1 
ATOM   43  N NE2 . GLN A 1 11 ? -2.261  1.781   13.010  1.00 35.71 ? 832  GLN A NE2 1 
ATOM   44  N N   . ASP A 1 12 ? -2.330  6.467   9.730   1.00 17.09 ? 833  ASP A N   1 
ATOM   45  C CA  . ASP A 1 12 ? -1.181  7.006   9.009   1.00 16.57 ? 833  ASP A CA  1 
ATOM   46  C C   . ASP A 1 12 ? 0.048   6.210   9.418   1.00 26.64 ? 833  ASP A C   1 
ATOM   47  O O   . ASP A 1 12 ? 0.458   6.241   10.575  1.00 27.40 ? 833  ASP A O   1 
ATOM   48  C CB  . ASP A 1 12 ? -0.989  8.503   9.301   1.00 21.86 ? 833  ASP A CB  1 
ATOM   49  C CG  . ASP A 1 12 ? 0.097   9.154   8.434   1.00 61.17 ? 833  ASP A CG  1 
ATOM   50  O OD1 . ASP A 1 12 ? 0.925   8.450   7.805   1.00 39.23 ? 833  ASP A OD1 1 
ATOM   51  O OD2 . ASP A 1 12 ? 0.119   10.401  8.383   1.00 75.09 ? 833  ASP A OD2 1 
ATOM   52  N N   . ILE A 1 13 ? 0.629   5.507   8.455   1.00 14.23 ? 834  ILE A N   1 
ATOM   53  C CA  . ILE A 1 13 ? 1.705   4.563   8.719   1.00 12.24 ? 834  ILE A CA  1 
ATOM   54  C C   . ILE A 1 13 ? 2.989   5.006   8.038   1.00 17.20 ? 834  ILE A C   1 
ATOM   55  O O   . ILE A 1 13 ? 2.996   5.328   6.852   1.00 21.70 ? 834  ILE A O   1 
ATOM   56  C CB  . ILE A 1 13 ? 1.327   3.141   8.227   1.00 16.28 ? 834  ILE A CB  1 
ATOM   57  C CG1 . ILE A 1 13 ? 0.098   2.635   8.978   1.00 19.18 ? 834  ILE A CG1 1 
ATOM   58  C CG2 . ILE A 1 13 ? 2.488   2.175   8.395   1.00 17.42 ? 834  ILE A CG2 1 
ATOM   59  C CD1 . ILE A 1 13 ? -0.561  1.417   8.336   1.00 15.81 ? 834  ILE A CD1 1 
ATOM   60  N N   . PHE A 1 14 ? 4.074   5.042   8.801   1.00 15.87 ? 835  PHE A N   1 
ATOM   61  C CA  . PHE A 1 14 ? 5.383   5.355   8.246   1.00 21.11 ? 835  PHE A CA  1 
ATOM   62  C C   . PHE A 1 14 ? 6.211   4.085   8.212   1.00 15.95 ? 835  PHE A C   1 
ATOM   63  O O   . PHE A 1 14 ? 6.253   3.357   9.199   1.00 15.73 ? 835  PHE A O   1 
ATOM   64  C CB  . PHE A 1 14 ? 6.097   6.428   9.081   1.00 16.37 ? 835  PHE A CB  1 
ATOM   65  C CG  . PHE A 1 14 ? 7.517   6.685   8.647   1.00 16.92 ? 835  PHE A CG  1 
ATOM   66  C CD1 . PHE A 1 14 ? 7.796   7.634   7.674   1.00 17.88 ? 835  PHE A CD1 1 
ATOM   67  C CD2 . PHE A 1 14 ? 8.570   5.963   9.197   1.00 15.85 ? 835  PHE A CD2 1 
ATOM   68  C CE1 . PHE A 1 14 ? 9.103   7.871   7.265   1.00 18.37 ? 835  PHE A CE1 1 
ATOM   69  C CE2 . PHE A 1 14 ? 9.876   6.184   8.787   1.00 16.24 ? 835  PHE A CE2 1 
ATOM   70  C CZ  . PHE A 1 14 ? 10.144  7.143   7.818   1.00 16.21 ? 835  PHE A CZ  1 
ATOM   71  N N   . LEU A 1 15 ? 6.881   3.836   7.091   1.00 15.60 ? 836  LEU A N   1 
ATOM   72  C CA  . LEU A 1 15 ? 7.772   2.685   6.959   1.00 17.33 ? 836  LEU A CA  1 
ATOM   73  C C   . LEU A 1 15 ? 9.136   3.086   6.418   1.00 12.90 ? 836  LEU A C   1 
ATOM   74  O O   . LEU A 1 15 ? 9.214   3.821   5.436   1.00 15.92 ? 836  LEU A O   1 
ATOM   75  C CB  . LEU A 1 15 ? 7.174   1.631   6.016   1.00 15.57 ? 836  LEU A CB  1 
ATOM   76  C CG  . LEU A 1 15 ? 5.791   1.055   6.310   1.00 13.77 ? 836  LEU A CG  1 
ATOM   77  C CD1 . LEU A 1 15 ? 5.347   0.167   5.145   1.00 15.35 ? 836  LEU A CD1 1 
ATOM   78  C CD2 . LEU A 1 15 ? 5.814   0.267   7.596   1.00 17.61 ? 836  LEU A CD2 1 
ATOM   79  N N   . TRP A 1 16 ? 10.204  2.592   7.041   1.00 15.27 ? 837  TRP A N   1 
ATOM   80  C CA  . TRP A 1 16 ? 11.520  2.626   6.408   1.00 14.22 ? 837  TRP A CA  1 
ATOM   81  C C   . TRP A 1 16 ? 11.578  1.520   5.364   1.00 15.51 ? 837  TRP A C   1 
ATOM   82  O O   . TRP A 1 16 ? 11.117  0.414   5.622   1.00 18.13 ? 837  TRP A O   1 
ATOM   83  C CB  . TRP A 1 16 ? 12.654  2.413   7.413   1.00 16.82 ? 837  TRP A CB  1 
ATOM   84  C CG  . TRP A 1 16 ? 12.869  3.515   8.392   1.00 14.61 ? 837  TRP A CG  1 
ATOM   85  C CD1 . TRP A 1 16 ? 12.648  3.467   9.731   1.00 21.76 ? 837  TRP A CD1 1 
ATOM   86  C CD2 . TRP A 1 16 ? 13.370  4.831   8.109   1.00 19.41 ? 837  TRP A CD2 1 
ATOM   87  N NE1 . TRP A 1 16 ? 12.973  4.672   10.308  1.00 19.60 ? 837  TRP A NE1 1 
ATOM   88  C CE2 . TRP A 1 16 ? 13.415  5.525   9.335   1.00 22.79 ? 837  TRP A CE2 1 
ATOM   89  C CE3 . TRP A 1 16 ? 13.770  5.485   6.942   1.00 18.24 ? 837  TRP A CE3 1 
ATOM   90  C CZ2 . TRP A 1 16 ? 13.851  6.848   9.427   1.00 19.47 ? 837  TRP A CZ2 1 
ATOM   91  C CZ3 . TRP A 1 16 ? 14.207  6.803   7.036   1.00 20.19 ? 837  TRP A CZ3 1 
ATOM   92  C CH2 . TRP A 1 16 ? 14.243  7.468   8.274   1.00 19.03 ? 837  TRP A CH2 1 
ATOM   93  N N   . ARG A 1 17 ? 12.150  1.807   4.202   1.00 15.70 ? 838  ARG A N   1 
ATOM   94  C CA  . ARG A 1 17 ? 12.331  0.773   3.188   1.00 16.02 ? 838  ARG A CA  1 
ATOM   95  C C   . ARG A 1 17 ? 13.419  -0.200  3.626   1.00 34.27 ? 838  ARG A C   1 
ATOM   96  O O   . ARG A 1 17 ? 14.398  0.200   4.255   1.00 24.33 ? 838  ARG A O   1 
ATOM   97  C CB  . ARG A 1 17 ? 12.695  1.391   1.839   1.00 21.40 ? 838  ARG A CB  1 
ATOM   98  C CG  . ARG A 1 17 ? 12.574  0.415   0.684   1.00 21.41 ? 838  ARG A CG  1 
ATOM   99  C CD  . ARG A 1 17 ? 13.049  1.007   -0.623  1.00 30.89 ? 838  ARG A CD  1 
ATOM   100 N NE  . ARG A 1 17 ? 12.506  0.254   -1.750  1.00 77.20 ? 838  ARG A NE  1 
ATOM   101 C CZ  . ARG A 1 17 ? 13.168  -0.686  -2.416  1.00 55.19 ? 838  ARG A CZ  1 
ATOM   102 N NH1 . ARG A 1 17 ? 14.416  -0.994  -2.079  1.00 49.97 ? 838  ARG A NH1 1 
ATOM   103 N NH2 . ARG A 1 17 ? 12.578  -1.319  -3.423  1.00 24.79 ? 838  ARG A NH2 1 
ATOM   104 N N   . LYS A 1 18 ? 13.236  -1.479  3.312   1.00 21.53 ? 839  LYS A N   1 
ATOM   105 C CA  . LYS A 1 18 ? 14.312  -2.456  3.456   1.00 23.65 ? 839  LYS A CA  1 
ATOM   106 C C   . LYS A 1 18 ? 14.940  -2.670  2.083   1.00 21.82 ? 839  LYS A C   1 
ATOM   107 O O   . LYS A 1 18 ? 14.446  -2.146  1.090   1.00 27.47 ? 839  LYS A O   1 
ATOM   108 C CB  . LYS A 1 18 ? 13.791  -3.768  4.036   1.00 27.92 ? 839  LYS A CB  1 
ATOM   109 C CG  . LYS A 1 18 ? 13.232  -3.642  5.447   1.00 36.12 ? 839  LYS A CG  1 
ATOM   110 C CD  . LYS A 1 18 ? 12.586  -4.940  5.906   1.00 44.96 ? 839  LYS A CD  1 
ATOM   111 C CE  . LYS A 1 18 ? 13.373  -5.587  7.032   1.00 63.65 ? 839  LYS A CE  1 
ATOM   112 N NZ  . LYS A 1 18 ? 13.341  -4.764  8.270   1.00 37.63 ? 839  LYS A NZ  1 
ATOM   113 N N   . GLU A 1 19 ? 16.029  -3.431  2.017   1.00 27.23 ? 840  GLU A N   1 
ATOM   114 C CA  . GLU A 1 19 ? 16.667  -3.705  0.731   1.00 27.68 ? 840  GLU A CA  1 
ATOM   115 C C   . GLU A 1 19 ? 15.688  -4.368  -0.238  1.00 27.47 ? 840  GLU A C   1 
ATOM   116 O O   . GLU A 1 19 ? 15.802  -4.230  -1.455  1.00 32.22 ? 840  GLU A O   1 
ATOM   117 C CB  . GLU A 1 19 ? 17.904  -4.587  0.920   1.00 37.43 ? 840  GLU A CB  1 
ATOM   118 C CG  . GLU A 1 19 ? 19.213  -3.814  0.952   1.00 52.07 ? 840  GLU A CG  1 
ATOM   119 C CD  . GLU A 1 19 ? 19.450  -3.022  -0.320  1.00 71.09 ? 840  GLU A CD  1 
ATOM   120 O OE1 . GLU A 1 19 ? 19.532  -3.638  -1.402  1.00 70.65 ? 840  GLU A OE1 1 
ATOM   121 O OE2 . GLU A 1 19 ? 19.548  -1.780  -0.237  1.00 68.30 ? 840  GLU A OE2 1 
ATOM   122 N N   . THR A 1 20 ? 14.712  -5.071  0.322   1.00 24.14 ? 841  THR A N   1 
ATOM   123 C CA  . THR A 1 20 ? 13.741  -5.815  -0.465  1.00 24.88 ? 841  THR A CA  1 
ATOM   124 C C   . THR A 1 20 ? 12.449  -5.033  -0.723  1.00 48.94 ? 841  THR A C   1 
ATOM   125 O O   . THR A 1 20 ? 11.503  -5.574  -1.291  1.00 33.58 ? 841  THR A O   1 
ATOM   126 C CB  . THR A 1 20 ? 13.373  -7.123  0.229   1.00 20.42 ? 841  THR A CB  1 
ATOM   127 O OG1 . THR A 1 20 ? 12.938  -6.839  1.562   1.00 27.68 ? 841  THR A OG1 1 
ATOM   128 C CG2 . THR A 1 20 ? 14.581  -8.053  0.294   1.00 29.79 ? 841  THR A CG2 1 
ATOM   129 N N   . GLY A 1 21 ? 12.402  -3.774  -0.293  1.00 23.01 ? 842  GLY A N   1 
ATOM   130 C CA  . GLY A 1 21 ? 11.214  -2.950  -0.482  1.00 27.06 ? 842  GLY A CA  1 
ATOM   131 C C   . GLY A 1 21 ? 10.435  -2.735  0.805   1.00 25.19 ? 842  GLY A C   1 
ATOM   132 O O   . GLY A 1 21 ? 10.990  -2.864  1.893   1.00 27.26 ? 842  GLY A O   1 
ATOM   133 N N   . PHE A 1 22 ? 9.146   -2.417  0.683   1.00 14.87 ? 843  PHE A N   1 
ATOM   134 C CA  . PHE A 1 22 ? 8.309   -2.173  1.856   1.00 15.86 ? 843  PHE A CA  1 
ATOM   135 C C   . PHE A 1 22 ? 7.522   -3.401  2.318   1.00 15.69 ? 843  PHE A C   1 
ATOM   136 O O   . PHE A 1 22 ? 6.964   -3.404  3.410   1.00 17.55 ? 843  PHE A O   1 
ATOM   137 C CB  . PHE A 1 22 ? 7.348   -1.014  1.577   1.00 16.38 ? 843  PHE A CB  1 
ATOM   138 C CG  . PHE A 1 22 ? 8.039   0.298   1.328   1.00 18.03 ? 843  PHE A CG  1 
ATOM   139 C CD1 . PHE A 1 22 ? 8.578   1.025   2.381   1.00 21.59 ? 843  PHE A CD1 1 
ATOM   140 C CD2 . PHE A 1 22 ? 8.156   0.802   0.043   1.00 21.75 ? 843  PHE A CD2 1 
ATOM   141 C CE1 . PHE A 1 22 ? 9.220   2.235   2.155   1.00 16.56 ? 843  PHE A CE1 1 
ATOM   142 C CE2 . PHE A 1 22 ? 8.792   2.014   -0.190  1.00 21.13 ? 843  PHE A CE2 1 
ATOM   143 C CZ  . PHE A 1 22 ? 9.326   2.733   0.869   1.00 16.55 ? 843  PHE A CZ  1 
ATOM   144 N N   . GLY A 1 23 ? 7.463   -4.443  1.494   1.00 16.78 ? 844  GLY A N   1 
ATOM   145 C CA  . GLY A 1 23 ? 6.932   -5.712  1.964   1.00 16.99 ? 844  GLY A CA  1 
ATOM   146 C C   . GLY A 1 23 ? 5.427   -5.896  1.888   1.00 15.22 ? 844  GLY A C   1 
ATOM   147 O O   . GLY A 1 23 ? 4.823   -6.540  2.750   1.00 17.04 ? 844  GLY A O   1 
ATOM   148 N N   . PHE A 1 24 ? 4.799   -5.336  0.862   1.00 17.07 ? 845  PHE A N   1 
ATOM   149 C CA  . PHE A 1 24 ? 3.382   -5.612  0.660   1.00 14.97 ? 845  PHE A CA  1 
ATOM   150 C C   . PHE A 1 24 ? 2.996   -5.466  -0.802  1.00 15.34 ? 845  PHE A C   1 
ATOM   151 O O   . PHE A 1 24 ? 3.680   -4.800  -1.581  1.00 14.89 ? 845  PHE A O   1 
ATOM   152 C CB  . PHE A 1 24 ? 2.494   -4.707  1.542   1.00 19.08 ? 845  PHE A CB  1 
ATOM   153 C CG  . PHE A 1 24 ? 2.594   -3.228  1.229   1.00 15.74 ? 845  PHE A CG  1 
ATOM   154 C CD1 . PHE A 1 24 ? 3.582   -2.447  1.810   1.00 20.47 ? 845  PHE A CD1 1 
ATOM   155 C CD2 . PHE A 1 24 ? 1.681   -2.619  0.383   1.00 13.39 ? 845  PHE A CD2 1 
ATOM   156 C CE1 . PHE A 1 24 ? 3.671   -1.092  1.537   1.00 20.43 ? 845  PHE A CE1 1 
ATOM   157 C CE2 . PHE A 1 24 ? 1.762   -1.258  0.104   1.00 19.17 ? 845  PHE A CE2 1 
ATOM   158 C CZ  . PHE A 1 24 ? 2.755   -0.491  0.685   1.00 19.95 ? 845  PHE A CZ  1 
ATOM   159 N N   . ARG A 1 25 ? 1.895   -6.110  -1.170  1.00 13.97 ? 846  ARG A N   1 
ATOM   160 C CA  . ARG A 1 25 ? 1.405   -6.036  -2.534  1.00 13.44 ? 846  ARG A CA  1 
ATOM   161 C C   . ARG A 1 25 ? 0.230   -5.070  -2.627  1.00 14.71 ? 846  ARG A C   1 
ATOM   162 O O   . ARG A 1 25 ? -0.560  -4.939  -1.688  1.00 15.20 ? 846  ARG A O   1 
ATOM   163 C CB  . ARG A 1 25 ? 1.010   -7.428  -3.033  1.00 16.36 ? 846  ARG A CB  1 
ATOM   164 C CG  . ARG A 1 25 ? 2.111   -8.457  -2.841  1.00 16.13 ? 846  ARG A CG  1 
ATOM   165 C CD  . ARG A 1 25 ? 1.780   -9.783  -3.525  1.00 20.26 ? 846  ARG A CD  1 
ATOM   166 N NE  . ARG A 1 25 ? 2.033   -9.675  -4.953  1.00 27.95 ? 846  ARG A NE  1 
ATOM   167 C CZ  . ARG A 1 25 ? 3.166   -10.037 -5.544  1.00 15.16 ? 846  ARG A CZ  1 
ATOM   168 N NH1 . ARG A 1 25 ? 3.297   -9.877  -6.851  1.00 17.80 ? 846  ARG A NH1 1 
ATOM   169 N NH2 . ARG A 1 25 ? 4.151   -10.583 -4.840  1.00 18.95 ? 846  ARG A NH2 1 
ATOM   170 N N   . ILE A 1 26 ? 0.137   -4.377  -3.758  1.00 13.43 ? 847  ILE A N   1 
ATOM   171 C CA  . ILE A 1 26 ? -0.929  -3.407  -3.970  1.00 12.76 ? 847  ILE A CA  1 
ATOM   172 C C   . ILE A 1 26 ? -1.869  -3.871  -5.067  1.00 15.55 ? 847  ILE A C   1 
ATOM   173 O O   . ILE A 1 26 ? -1.434  -4.243  -6.164  1.00 16.43 ? 847  ILE A O   1 
ATOM   174 C CB  . ILE A 1 26 ? -0.369  -2.028  -4.331  1.00 15.93 ? 847  ILE A CB  1 
ATOM   175 C CG1 . ILE A 1 26 ? 0.464   -1.487  -3.167  1.00 17.85 ? 847  ILE A CG1 1 
ATOM   176 C CG2 . ILE A 1 26 ? -1.500  -1.068  -4.687  1.00 19.46 ? 847  ILE A CG2 1 
ATOM   177 C CD1 . ILE A 1 26 ? 1.190   -0.203  -3.492  1.00 17.57 ? 847  ILE A CD1 1 
ATOM   178 N N   . LEU A 1 27 ? -3.159  -3.843  -4.748  1.00 14.96 ? 848  LEU A N   1 
ATOM   179 C CA  . LEU A 1 27 ? -4.223  -4.306  -5.623  1.00 16.88 ? 848  LEU A CA  1 
ATOM   180 C C   . LEU A 1 27 ? -5.174  -3.168  -5.955  1.00 11.96 ? 848  LEU A C   1 
ATOM   181 O O   . LEU A 1 27 ? -5.228  -2.170  -5.235  1.00 12.93 ? 848  LEU A O   1 
ATOM   182 C CB  . LEU A 1 27 ? -4.997  -5.445  -4.950  1.00 13.47 ? 848  LEU A CB  1 
ATOM   183 C CG  . LEU A 1 27 ? -4.284  -6.793  -4.835  1.00 16.85 ? 848  LEU A CG  1 
ATOM   184 C CD1 . LEU A 1 27 ? -4.940  -7.631  -3.756  1.00 30.78 ? 848  LEU A CD1 1 
ATOM   185 C CD2 . LEU A 1 27 ? -4.375  -7.512  -6.144  1.00 35.44 ? 848  LEU A CD2 1 
ATOM   186 N N   . GLY A 1 28 ? -5.919  -3.316  -7.045  1.00 11.79 ? 849  GLY A N   1 
ATOM   187 C CA  . GLY A 1 28 ? -7.037  -2.428  -7.321  1.00 10.82 ? 849  GLY A CA  1 
ATOM   188 C C   . GLY A 1 28 ? -6.679  -1.189  -8.113  1.00 13.69 ? 849  GLY A C   1 
ATOM   189 O O   . GLY A 1 28 ? -5.571  -1.068  -8.627  1.00 14.37 ? 849  GLY A O   1 
ATOM   190 N N   . GLY A 1 29 ? -7.626  -0.262  -8.209  1.00 10.72 ? 850  GLY A N   1 
ATOM   191 C CA  . GLY A 1 29 ? -7.440  0.936   -9.012  1.00 13.24 ? 850  GLY A CA  1 
ATOM   192 C C   . GLY A 1 29 ? -7.304  0.640   -10.495 1.00 13.12 ? 850  GLY A C   1 
ATOM   193 O O   . GLY A 1 29 ? -6.700  1.416   -11.240 1.00 13.78 ? 850  GLY A O   1 
ATOM   194 N N   . ASN A 1 30 ? -7.863  -0.486  -10.933 1.00 14.72 ? 851  ASN A N   1 
ATOM   195 C CA  . ASN A 1 30 ? -7.728  -0.893  -12.330 1.00 13.51 ? 851  ASN A CA  1 
ATOM   196 C C   . ASN A 1 30 ? -8.898  -0.406  -13.176 1.00 18.23 ? 851  ASN A C   1 
ATOM   197 O O   . ASN A 1 30 ? -8.742  -0.110  -14.354 1.00 17.59 ? 851  ASN A O   1 
ATOM   198 C CB  . ASN A 1 30 ? -7.609  -2.417  -12.436 1.00 12.71 ? 851  ASN A CB  1 
ATOM   199 C CG  . ASN A 1 30 ? -6.438  -2.969  -11.632 1.00 16.61 ? 851  ASN A CG  1 
ATOM   200 O OD1 . ASN A 1 30 ? -5.306  -2.508  -11.764 1.00 17.36 ? 851  ASN A OD1 1 
ATOM   201 N ND2 . ASN A 1 30 ? -6.719  -3.944  -10.770 1.00 16.07 ? 851  ASN A ND2 1 
ATOM   202 N N   . GLU A 1 31 ? -10.076 -0.342  -12.569 1.00 15.70 ? 852  GLU A N   1 
ATOM   203 C CA  . GLU A 1 31 ? -11.269 0.125   -13.269 1.00 17.17 ? 852  GLU A CA  1 
ATOM   204 C C   . GLU A 1 31 ? -11.725 1.416   -12.605 1.00 16.01 ? 852  GLU A C   1 
ATOM   205 O O   . GLU A 1 31 ? -11.389 1.662   -11.444 1.00 15.19 ? 852  GLU A O   1 
ATOM   206 C CB  . GLU A 1 31 ? -12.370 -0.947  -13.243 1.00 21.27 ? 852  GLU A CB  1 
ATOM   207 C CG  . GLU A 1 31 ? -11.918 -2.360  -13.679 1.00 30.12 ? 852  GLU A CG  1 
ATOM   208 C CD  . GLU A 1 31 ? -11.414 -2.435  -15.124 1.00 62.15 ? 852  GLU A CD  1 
ATOM   209 O OE1 . GLU A 1 31 ? -11.733 -1.531  -15.923 1.00 37.74 ? 852  GLU A OE1 1 
ATOM   210 O OE2 . GLU A 1 31 ? -10.698 -3.407  -15.466 1.00 35.04 ? 852  GLU A OE2 1 
ATOM   211 N N   . PRO A 1 32 ? -12.474 2.261   -13.334 1.00 14.87 ? 853  PRO A N   1 
ATOM   212 C CA  . PRO A 1 32 ? -12.963 3.508   -12.739 1.00 15.19 ? 853  PRO A CA  1 
ATOM   213 C C   . PRO A 1 32 ? -13.707 3.256   -11.428 1.00 15.31 ? 853  PRO A C   1 
ATOM   214 O O   . PRO A 1 32 ? -14.556 2.359   -11.349 1.00 20.43 ? 853  PRO A O   1 
ATOM   215 C CB  . PRO A 1 32 ? -13.901 4.067   -13.815 1.00 19.55 ? 853  PRO A CB  1 
ATOM   216 C CG  . PRO A 1 32 ? -13.353 3.528   -15.088 1.00 15.18 ? 853  PRO A CG  1 
ATOM   217 C CD  . PRO A 1 32 ? -12.859 2.141   -14.752 1.00 17.63 ? 853  PRO A CD  1 
ATOM   218 N N   . GLY A 1 33 ? -13.347 4.014   -10.400 1.00 20.29 ? 854  GLY A N   1 
ATOM   219 C CA  . GLY A 1 33 ? -13.985 3.889   -9.103  1.00 24.86 ? 854  GLY A CA  1 
ATOM   220 C C   . GLY A 1 33 ? -13.503 2.732   -8.247  1.00 24.74 ? 854  GLY A C   1 
ATOM   221 O O   . GLY A 1 33 ? -13.853 2.657   -7.071  1.00 25.07 ? 854  GLY A O   1 
ATOM   222 N N   . GLU A 1 34 ? -12.710 1.826   -8.816  1.00 15.50 ? 855  GLU A N   1 
ATOM   223 C CA  . GLU A 1 34 ? -12.210 0.690   -8.037  1.00 14.99 ? 855  GLU A CA  1 
ATOM   224 C C   . GLU A 1 34 ? -11.163 1.120   -7.013  1.00 17.81 ? 855  GLU A C   1 
ATOM   225 O O   . GLU A 1 34 ? -10.136 1.693   -7.372  1.00 12.93 ? 855  GLU A O   1 
ATOM   226 C CB  . GLU A 1 34 ? -11.599 -0.378  -8.950  1.00 14.01 ? 855  GLU A CB  1 
ATOM   227 C CG  . GLU A 1 34 ? -11.209 -1.640  -8.195  1.00 12.81 ? 855  GLU A CG  1 
ATOM   228 C CD  . GLU A 1 34 ? -10.492 -2.651  -9.066  1.00 27.34 ? 855  GLU A CD  1 
ATOM   229 O OE1 . GLU A 1 34 ? -9.891  -2.244  -10.079 1.00 18.22 ? 855  GLU A OE1 1 
ATOM   230 O OE2 . GLU A 1 34 ? -10.520 -3.852  -8.732  1.00 37.49 ? 855  GLU A OE2 1 
ATOM   231 N N   . PRO A 1 35 ? -11.401 0.812   -5.731  1.00 13.48 ? 856  PRO A N   1 
ATOM   232 C CA  . PRO A 1 35 ? -10.453 1.203   -4.683  1.00 13.07 ? 856  PRO A CA  1 
ATOM   233 C C   . PRO A 1 35 ? -9.080  0.576   -4.861  1.00 13.72 ? 856  PRO A C   1 
ATOM   234 O O   . PRO A 1 35 ? -8.932  -0.466  -5.504  1.00 13.38 ? 856  PRO A O   1 
ATOM   235 C CB  . PRO A 1 35 ? -11.099 0.670   -3.399  1.00 17.92 ? 856  PRO A CB  1 
ATOM   236 C CG  . PRO A 1 35 ? -12.521 0.413   -3.741  1.00 20.60 ? 856  PRO A CG  1 
ATOM   237 C CD  . PRO A 1 35 ? -12.564 0.085   -5.192  1.00 15.07 ? 856  PRO A CD  1 
ATOM   238 N N   . ILE A 1 36 ? -8.082  1.232   -4.285  1.00 11.66 ? 857  ILE A N   1 
ATOM   239 C CA  . ILE A 1 36 ? -6.733  0.709   -4.207  1.00 10.72 ? 857  ILE A CA  1 
ATOM   240 C C   . ILE A 1 36 ? -6.554  0.122   -2.809  1.00 13.31 ? 857  ILE A C   1 
ATOM   241 O O   . ILE A 1 36 ? -6.928  0.748   -1.817  1.00 16.93 ? 857  ILE A O   1 
ATOM   242 C CB  . ILE A 1 36 ? -5.699  1.822   -4.472  1.00 10.07 ? 857  ILE A CB  1 
ATOM   243 C CG1 . ILE A 1 36 ? -5.872  2.368   -5.892  1.00 15.40 ? 857  ILE A CG1 1 
ATOM   244 C CG2 . ILE A 1 36 ? -4.299  1.300   -4.289  1.00 12.12 ? 857  ILE A CG2 1 
ATOM   245 C CD1 . ILE A 1 36 ? -5.399  3.789   -6.039  1.00 26.44 ? 857  ILE A CD1 1 
ATOM   246 N N   . TYR A 1 37 ? -6.017  -1.086  -2.703  1.00 12.75 ? 858  TYR A N   1 
ATOM   247 C CA  . TYR A 1 37 ? -5.969  -1.689  -1.381  1.00 14.53 ? 858  TYR A CA  1 
ATOM   248 C C   . TYR A 1 37 ? -4.819  -2.666  -1.231  1.00 15.22 ? 858  TYR A C   1 
ATOM   249 O O   . TYR A 1 37 ? -4.164  -3.039  -2.209  1.00 16.17 ? 858  TYR A O   1 
ATOM   250 C CB  . TYR A 1 37 ? -7.299  -2.377  -1.065  1.00 13.20 ? 858  TYR A CB  1 
ATOM   251 C CG  . TYR A 1 37 ? -7.682  -3.407  -2.090  1.00 15.04 ? 858  TYR A CG  1 
ATOM   252 C CD1 . TYR A 1 37 ? -8.376  -3.051  -3.245  1.00 20.01 ? 858  TYR A CD1 1 
ATOM   253 C CD2 . TYR A 1 37 ? -7.321  -4.730  -1.923  1.00 21.18 ? 858  TYR A CD2 1 
ATOM   254 C CE1 . TYR A 1 37 ? -8.709  -3.999  -4.197  1.00 18.69 ? 858  TYR A CE1 1 
ATOM   255 C CE2 . TYR A 1 37 ? -7.646  -5.672  -2.861  1.00 23.83 ? 858  TYR A CE2 1 
ATOM   256 C CZ  . TYR A 1 37 ? -8.337  -5.311  -3.991  1.00 24.47 ? 858  TYR A CZ  1 
ATOM   257 O OH  . TYR A 1 37 ? -8.646  -6.279  -4.913  1.00 30.69 ? 858  TYR A OH  1 
ATOM   258 N N   . ILE A 1 38 ? -4.570  -3.056  0.012   1.00 12.57 ? 859  ILE A N   1 
ATOM   259 C CA  . ILE A 1 38 ? -3.432  -3.896  0.354   1.00 12.77 ? 859  ILE A CA  1 
ATOM   260 C C   . ILE A 1 38 ? -3.747  -5.372  0.137   1.00 16.33 ? 859  ILE A C   1 
ATOM   261 O O   . ILE A 1 38 ? -4.772  -5.874  0.599   1.00 16.37 ? 859  ILE A O   1 
ATOM   262 C CB  . ILE A 1 38 ? -3.008  -3.676  1.824   1.00 12.70 ? 859  ILE A CB  1 
ATOM   263 C CG1 . ILE A 1 38 ? -2.769  -2.186  2.097   1.00 9.96  ? 859  ILE A CG1 1 
ATOM   264 C CG2 . ILE A 1 38 ? -1.774  -4.498  2.166   1.00 14.92 ? 859  ILE A CG2 1 
ATOM   265 C CD1 . ILE A 1 38 ? -1.777  -1.523  1.144   1.00 14.25 ? 859  ILE A CD1 1 
ATOM   266 N N   . GLY A 1 39 ? -2.865  -6.055  -0.582  1.00 11.29 ? 860  GLY A N   1 
ATOM   267 C CA  . GLY A 1 39 ? -2.965  -7.495  -0.734  1.00 15.58 ? 860  GLY A CA  1 
ATOM   268 C C   . GLY A 1 39 ? -2.090  -8.192  0.294   1.00 14.19 ? 860  GLY A C   1 
ATOM   269 O O   . GLY A 1 39 ? -2.084  -7.833  1.468   1.00 15.26 ? 860  GLY A O   1 
ATOM   270 N N   . HIS A 1 40 ? -1.348  -9.190  -0.166  1.00 13.30 ? 861  HIS A N   1 
ATOM   271 C CA  . HIS A 1 40 ? -0.419  -9.951  0.669   1.00 14.22 ? 861  HIS A CA  1 
ATOM   272 C C   . HIS A 1 40 ? 0.622   -9.072  1.361   1.00 20.46 ? 861  HIS A C   1 
ATOM   273 O O   . HIS A 1 40 ? 1.210   -8.185  0.738   1.00 15.80 ? 861  HIS A O   1 
ATOM   274 C CB  . HIS A 1 40 ? 0.272   -11.007 -0.207  1.00 13.88 ? 861  HIS A CB  1 
ATOM   275 C CG  . HIS A 1 40 ? 1.353   -11.779 0.488   1.00 18.84 ? 861  HIS A CG  1 
ATOM   276 N ND1 . HIS A 1 40 ? 1.098   -12.646 1.525   1.00 20.10 ? 861  HIS A ND1 1 
ATOM   277 C CD2 . HIS A 1 40 ? 2.687   -11.837 0.266   1.00 17.55 ? 861  HIS A CD2 1 
ATOM   278 C CE1 . HIS A 1 40 ? 2.233   -13.193 1.929   1.00 20.51 ? 861  HIS A CE1 1 
ATOM   279 N NE2 . HIS A 1 40 ? 3.211   -12.719 1.181   1.00 18.67 ? 861  HIS A NE2 1 
ATOM   280 N N   . ILE A 1 41 ? 0.831   -9.316  2.655   1.00 15.46 ? 862  ILE A N   1 
ATOM   281 C CA  . ILE A 1 41 ? 1.918   -8.687  3.400   1.00 18.34 ? 862  ILE A CA  1 
ATOM   282 C C   . ILE A 1 41 ? 3.016   -9.715  3.643   1.00 20.75 ? 862  ILE A C   1 
ATOM   283 O O   . ILE A 1 41 ? 2.754   -10.821 4.131   1.00 22.50 ? 862  ILE A O   1 
ATOM   284 C CB  . ILE A 1 41 ? 1.426   -8.098  4.731   1.00 15.36 ? 862  ILE A CB  1 
ATOM   285 C CG1 . ILE A 1 41 ? 0.463   -6.932  4.469   1.00 17.93 ? 862  ILE A CG1 1 
ATOM   286 C CG2 . ILE A 1 41 ? 2.603   -7.649  5.603   1.00 18.42 ? 862  ILE A CG2 1 
ATOM   287 C CD1 . ILE A 1 41 ? -0.216  -6.399  5.726   1.00 18.87 ? 862  ILE A CD1 1 
ATOM   288 N N   . VAL A 1 42 ? 4.240   -9.350  3.289   1.00 15.58 ? 863  VAL A N   1 
ATOM   289 C CA  . VAL A 1 42 ? 5.362   -10.280 3.338   1.00 21.53 ? 863  VAL A CA  1 
ATOM   290 C C   . VAL A 1 42 ? 5.875   -10.457 4.766   1.00 22.82 ? 863  VAL A C   1 
ATOM   291 O O   . VAL A 1 42 ? 6.184   -9.476  5.443   1.00 17.49 ? 863  VAL A O   1 
ATOM   292 C CB  . VAL A 1 42 ? 6.515   -9.797  2.439   1.00 20.35 ? 863  VAL A CB  1 
ATOM   293 C CG1 . VAL A 1 42 ? 7.715   -10.737 2.538   1.00 18.02 ? 863  VAL A CG1 1 
ATOM   294 C CG2 . VAL A 1 42 ? 6.039   -9.661  0.993   1.00 20.93 ? 863  VAL A CG2 1 
ATOM   295 N N   . PRO A 1 43 ? 5.960   -11.714 5.234   1.00 22.88 ? 864  PRO A N   1 
ATOM   296 C CA  . PRO A 1 43 ? 6.505   -11.967 6.571   1.00 23.64 ? 864  PRO A CA  1 
ATOM   297 C C   . PRO A 1 43 ? 7.891   -11.364 6.747   1.00 18.49 ? 864  PRO A C   1 
ATOM   298 O O   . PRO A 1 43 ? 8.738   -11.510 5.867   1.00 21.68 ? 864  PRO A O   1 
ATOM   299 C CB  . PRO A 1 43 ? 6.562   -13.495 6.643   1.00 23.01 ? 864  PRO A CB  1 
ATOM   300 C CG  . PRO A 1 43 ? 5.489   -13.943 5.713   1.00 26.27 ? 864  PRO A CG  1 
ATOM   301 C CD  . PRO A 1 43 ? 5.499   -12.952 4.583   1.00 24.76 ? 864  PRO A CD  1 
ATOM   302 N N   . LEU A 1 44 ? 8.080   -10.671 7.868   1.00 22.52 ? 865  LEU A N   1 
ATOM   303 C CA  . LEU A 1 44 ? 9.349   -10.051 8.264   1.00 25.70 ? 865  LEU A CA  1 
ATOM   304 C C   . LEU A 1 44 ? 9.779   -8.882  7.380   1.00 25.83 ? 865  LEU A C   1 
ATOM   305 O O   . LEU A 1 44 ? 10.881  -8.365  7.535   1.00 26.93 ? 865  LEU A O   1 
ATOM   306 C CB  . LEU A 1 44 ? 10.466  -11.098 8.304   1.00 28.36 ? 865  LEU A CB  1 
ATOM   307 C CG  . LEU A 1 44 ? 10.188  -12.288 9.222   1.00 44.09 ? 865  LEU A CG  1 
ATOM   308 C CD1 . LEU A 1 44 ? 11.361  -13.253 9.217   1.00 34.80 ? 865  LEU A CD1 1 
ATOM   309 C CD2 . LEU A 1 44 ? 9.879   -11.815 10.634  1.00 34.33 ? 865  LEU A CD2 1 
ATOM   310 N N   . GLY A 1 45 ? 8.915   -8.456  6.461   1.00 22.86 ? 866  GLY A N   1 
ATOM   311 C CA  . GLY A 1 45 ? 9.182   -7.249  5.697   1.00 20.32 ? 866  GLY A CA  1 
ATOM   312 C C   . GLY A 1 45 ? 8.886   -6.001  6.517   1.00 16.62 ? 866  GLY A C   1 
ATOM   313 O O   . GLY A 1 45 ? 8.448   -6.101  7.661   1.00 22.98 ? 866  GLY A O   1 
ATOM   314 N N   . ALA A 1 46 ? 9.114   -4.827  5.933   1.00 18.56 ? 867  ALA A N   1 
ATOM   315 C CA  . ALA A 1 46 ? 8.906   -3.561  6.646   1.00 23.26 ? 867  ALA A CA  1 
ATOM   316 C C   . ALA A 1 46 ? 7.483   -3.414  7.189   1.00 22.20 ? 867  ALA A C   1 
ATOM   317 O O   . ALA A 1 46 ? 7.289   -3.081  8.360   1.00 18.70 ? 867  ALA A O   1 
ATOM   318 C CB  . ALA A 1 46 ? 9.239   -2.386  5.739   1.00 18.82 ? 867  ALA A CB  1 
ATOM   319 N N   . ALA A 1 47 ? 6.489   -3.667  6.339   1.00 17.87 ? 868  ALA A N   1 
ATOM   320 C CA  . ALA A 1 47 ? 5.092   -3.534  6.743   1.00 15.95 ? 868  ALA A CA  1 
ATOM   321 C C   . ALA A 1 47 ? 4.724   -4.510  7.858   1.00 17.35 ? 868  ALA A C   1 
ATOM   322 O O   . ALA A 1 47 ? 4.049   -4.142  8.820   1.00 18.67 ? 868  ALA A O   1 
ATOM   323 C CB  . ALA A 1 47 ? 4.172   -3.731  5.535   1.00 19.15 ? 868  ALA A CB  1 
ATOM   324 N N   . ASP A 1 48 ? 5.170   -5.756  7.725   1.00 18.42 ? 869  ASP A N   1 
ATOM   325 C CA  . ASP A 1 48 ? 4.902   -6.769  8.739   1.00 20.68 ? 869  ASP A CA  1 
ATOM   326 C C   . ASP A 1 48 ? 5.549   -6.385  10.063  1.00 19.00 ? 869  ASP A C   1 
ATOM   327 O O   . ASP A 1 48 ? 4.896   -6.402  11.108  1.00 20.98 ? 869  ASP A O   1 
ATOM   328 C CB  . ASP A 1 48 ? 5.417   -8.136  8.287   1.00 20.11 ? 869  ASP A CB  1 
ATOM   329 C CG  . ASP A 1 48 ? 5.061   -9.246  9.258   1.00 26.32 ? 869  ASP A CG  1 
ATOM   330 O OD1 . ASP A 1 48 ? 3.933   -9.238  9.799   1.00 24.45 ? 869  ASP A OD1 1 
ATOM   331 O OD2 . ASP A 1 48 ? 5.918   -10.125 9.483   1.00 24.63 ? 869  ASP A OD2 1 
ATOM   332 N N   . THR A 1 49 ? 6.830   -6.034  9.998   1.00 19.86 ? 870  THR A N   1 
ATOM   333 C CA  . THR A 1 49 ? 7.613   -5.682  11.182  1.00 20.82 ? 870  THR A CA  1 
ATOM   334 C C   . THR A 1 49 ? 6.989   -4.511  11.924  1.00 25.56 ? 870  THR A C   1 
ATOM   335 O O   . THR A 1 49 ? 6.862   -4.531  13.149  1.00 25.46 ? 870  THR A O   1 
ATOM   336 C CB  . THR A 1 49 ? 9.067   -5.327  10.809  1.00 21.23 ? 870  THR A CB  1 
ATOM   337 O OG1 . THR A 1 49 ? 9.642   -6.397  10.050  1.00 44.00 ? 870  THR A OG1 1 
ATOM   338 C CG2 . THR A 1 49 ? 9.897   -5.109  12.054  1.00 35.63 ? 870  THR A CG2 1 
ATOM   339 N N   . ASP A 1 50 ? 6.593   -3.491  11.171  1.00 21.89 ? 871  ASP A N   1 
ATOM   340 C CA  . ASP A 1 50 ? 5.938   -2.332  11.754  1.00 22.95 ? 871  ASP A CA  1 
ATOM   341 C C   . ASP A 1 50 ? 4.629   -2.726  12.435  1.00 20.76 ? 871  ASP A C   1 
ATOM   342 O O   . ASP A 1 50 ? 4.288   -2.196  13.494  1.00 26.43 ? 871  ASP A O   1 
ATOM   343 C CB  . ASP A 1 50 ? 5.686   -1.276  10.683  1.00 17.25 ? 871  ASP A CB  1 
ATOM   344 C CG  . ASP A 1 50 ? 4.847   -0.128  11.187  1.00 22.74 ? 871  ASP A CG  1 
ATOM   345 O OD1 . ASP A 1 50 ? 5.417   0.798   11.802  1.00 23.07 ? 871  ASP A OD1 1 
ATOM   346 O OD2 . ASP A 1 50 ? 3.615   -0.152  10.972  1.00 19.37 ? 871  ASP A OD2 1 
ATOM   347 N N   . GLY A 1 51 ? 3.893   -3.640  11.811  1.00 16.72 ? 872  GLY A N   1 
ATOM   348 C CA  . GLY A 1 51 ? 2.724   -4.245  12.426  1.00 25.06 ? 872  GLY A CA  1 
ATOM   349 C C   . GLY A 1 51 ? 1.370   -3.561  12.292  1.00 21.87 ? 872  GLY A C   1 
ATOM   350 O O   . GLY A 1 51 ? 0.369   -4.092  12.763  1.00 29.08 ? 872  GLY A O   1 
ATOM   351 N N   . ARG A 1 52 ? 1.312   -2.401  11.646  1.00 17.08 ? 873  ARG A N   1 
ATOM   352 C CA  . ARG A 1 52 ? 0.053   -1.662  11.577  1.00 18.42 ? 873  ARG A CA  1 
ATOM   353 C C   . ARG A 1 52 ? -0.758  -1.968  10.325  1.00 20.01 ? 873  ARG A C   1 
ATOM   354 O O   . ARG A 1 52 ? -1.985  -2.023  10.376  1.00 18.77 ? 873  ARG A O   1 
ATOM   355 C CB  . ARG A 1 52 ? 0.309   -0.157  11.658  1.00 15.72 ? 873  ARG A CB  1 
ATOM   356 C CG  . ARG A 1 52 ? 0.806   0.280   13.031  1.00 23.91 ? 873  ARG A CG  1 
ATOM   357 C CD  . ARG A 1 52 ? 1.140   1.752   13.060  1.00 19.34 ? 873  ARG A CD  1 
ATOM   358 N NE  . ARG A 1 52 ? 2.389   2.033   12.362  1.00 18.92 ? 873  ARG A NE  1 
ATOM   359 C CZ  . ARG A 1 52 ? 2.947   3.237   12.317  1.00 19.98 ? 873  ARG A CZ  1 
ATOM   360 N NH1 . ARG A 1 52 ? 2.357   4.262   12.918  1.00 22.75 ? 873  ARG A NH1 1 
ATOM   361 N NH2 . ARG A 1 52 ? 4.084   3.422   11.668  1.00 20.29 ? 873  ARG A NH2 1 
ATOM   362 N N   . LEU A 1 53 ? -0.073  -2.141  9.201   1.00 17.26 ? 874  LEU A N   1 
ATOM   363 C CA  . LEU A 1 53 ? -0.759  -2.403  7.943   1.00 17.15 ? 874  LEU A CA  1 
ATOM   364 C C   . LEU A 1 53 ? -1.446  -3.758  8.006   1.00 21.66 ? 874  LEU A C   1 
ATOM   365 O O   . LEU A 1 53 ? -0.907  -4.697  8.586   1.00 18.10 ? 874  LEU A O   1 
ATOM   366 C CB  . LEU A 1 53 ? 0.228   -2.359  6.773   1.00 16.57 ? 874  LEU A CB  1 
ATOM   367 C CG  . LEU A 1 53 ? -0.396  -2.197  5.389   1.00 13.71 ? 874  LEU A CG  1 
ATOM   368 C CD1 . LEU A 1 53 ? -1.094  -0.844  5.281   1.00 15.39 ? 874  LEU A CD1 1 
ATOM   369 C CD2 . LEU A 1 53 ? 0.657   -2.357  4.307   1.00 14.80 ? 874  LEU A CD2 1 
ATOM   370 N N   . ARG A 1 54 ? -2.636  -3.849  7.415   1.00 15.31 ? 875  ARG A N   1 
ATOM   371 C CA  . ARG A 1 54 ? -3.365  -5.110  7.329   1.00 17.59 ? 875  ARG A CA  1 
ATOM   372 C C   . ARG A 1 54 ? -3.815  -5.368  5.897   1.00 15.09 ? 875  ARG A C   1 
ATOM   373 O O   . ARG A 1 54 ? -4.201  -4.439  5.190   1.00 14.03 ? 875  ARG A O   1 
ATOM   374 C CB  . ARG A 1 54 ? -4.588  -5.097  8.246   1.00 19.37 ? 875  ARG A CB  1 
ATOM   375 C CG  . ARG A 1 54 ? -4.269  -5.112  9.731   1.00 25.39 ? 875  ARG A CG  1 
ATOM   376 C CD  . ARG A 1 54 ? -3.916  -6.513  10.200  1.00 55.94 ? 875  ARG A CD  1 
ATOM   377 N NE  . ARG A 1 54 ? -3.640  -6.551  11.633  1.00 58.98 ? 875  ARG A NE  1 
ATOM   378 C CZ  . ARG A 1 54 ? -2.445  -6.326  12.169  1.00 59.90 ? 875  ARG A CZ  1 
ATOM   379 N NH1 . ARG A 1 54 ? -1.407  -6.042  11.391  1.00 34.34 ? 875  ARG A NH1 1 
ATOM   380 N NH2 . ARG A 1 54 ? -2.287  -6.383  13.485  1.00 65.74 ? 875  ARG A NH2 1 
ATOM   381 N N   . SER A 1 55 ? -3.767  -6.626  5.475   1.00 16.35 ? 876  SER A N   1 
ATOM   382 C CA  . SER A 1 55 ? -4.328  -6.994  4.181   1.00 14.07 ? 876  SER A CA  1 
ATOM   383 C C   . SER A 1 55 ? -5.780  -6.542  4.113   1.00 16.76 ? 876  SER A C   1 
ATOM   384 O O   . SER A 1 55 ? -6.536  -6.705  5.075   1.00 18.11 ? 876  SER A O   1 
ATOM   385 C CB  . SER A 1 55 ? -4.216  -8.504  3.956   1.00 16.26 ? 876  SER A CB  1 
ATOM   386 O OG  . SER A 1 55 ? -2.862  -8.899  3.872   1.00 19.59 ? 876  SER A OG  1 
ATOM   387 N N   . GLY A 1 56 ? -6.162  -5.943  2.990   1.00 13.31 ? 877  GLY A N   1 
ATOM   388 C CA  . GLY A 1 56 ? -7.519  -5.458  2.821   1.00 14.42 ? 877  GLY A CA  1 
ATOM   389 C C   . GLY A 1 56 ? -7.681  -3.981  3.136   1.00 17.78 ? 877  GLY A C   1 
ATOM   390 O O   . GLY A 1 56 ? -8.707  -3.386  2.800   1.00 17.68 ? 877  GLY A O   1 
ATOM   391 N N   . ASP A 1 57 ? -6.677  -3.378  3.778   1.00 13.82 ? 878  ASP A N   1 
ATOM   392 C CA  . ASP A 1 57 ? -6.740  -1.943  4.066   1.00 15.39 ? 878  ASP A CA  1 
ATOM   393 C C   . ASP A 1 57 ? -6.842  -1.174  2.757   1.00 18.86 ? 878  ASP A C   1 
ATOM   394 O O   . ASP A 1 57 ? -6.154  -1.516  1.798   1.00 17.01 ? 878  ASP A O   1 
ATOM   395 C CB  . ASP A 1 57 ? -5.504  -1.452  4.828   1.00 15.54 ? 878  ASP A CB  1 
ATOM   396 C CG  . ASP A 1 57 ? -5.503  -1.859  6.289   1.00 14.68 ? 878  ASP A CG  1 
ATOM   397 O OD1 . ASP A 1 57 ? -6.540  -2.336  6.797   1.00 18.81 ? 878  ASP A OD1 1 
ATOM   398 O OD2 . ASP A 1 57 ? -4.454  -1.675  6.933   1.00 17.65 ? 878  ASP A OD2 1 
ATOM   399 N N   . GLU A 1 58 ? -7.679  -0.139  2.712   1.00 14.39 ? 879  GLU A N   1 
ATOM   400 C CA  . GLU A 1 58 ? -7.752  0.712   1.523   1.00 14.00 ? 879  GLU A CA  1 
ATOM   401 C C   . GLU A 1 58 ? -6.700  1.807   1.574   1.00 20.34 ? 879  GLU A C   1 
ATOM   402 O O   . GLU A 1 58 ? -6.586  2.523   2.559   1.00 17.99 ? 879  GLU A O   1 
ATOM   403 C CB  . GLU A 1 58 ? -9.137  1.351   1.363   1.00 14.79 ? 879  GLU A CB  1 
ATOM   404 C CG  . GLU A 1 58 ? -9.214  2.215   0.104   1.00 15.82 ? 879  GLU A CG  1 
ATOM   405 C CD  . GLU A 1 58 ? -10.556 2.879   -0.099  1.00 22.98 ? 879  GLU A CD  1 
ATOM   406 O OE1 . GLU A 1 58 ? -11.487 2.621   0.692   1.00 25.07 ? 879  GLU A OE1 1 
ATOM   407 O OE2 . GLU A 1 58 ? -10.670 3.665   -1.065  1.00 17.72 ? 879  GLU A OE2 1 
ATOM   408 N N   . LEU A 1 59 ? -5.948  1.951   0.493   1.00 12.44 ? 880  LEU A N   1 
ATOM   409 C CA  . LEU A 1 59 ? -4.917  2.966   0.421   1.00 14.24 ? 880  LEU A CA  1 
ATOM   410 C C   . LEU A 1 59 ? -5.526  4.254   -0.114  1.00 16.17 ? 880  LEU A C   1 
ATOM   411 O O   . LEU A 1 59 ? -6.107  4.255   -1.195  1.00 16.10 ? 880  LEU A O   1 
ATOM   412 C CB  . LEU A 1 59 ? -3.773  2.464   -0.468  1.00 20.64 ? 880  LEU A CB  1 
ATOM   413 C CG  . LEU A 1 59 ? -2.419  3.164   -0.448  1.00 22.23 ? 880  LEU A CG  1 
ATOM   414 C CD1 . LEU A 1 59 ? -1.963  3.400   0.981   1.00 18.76 ? 880  LEU A CD1 1 
ATOM   415 C CD2 . LEU A 1 59 ? -1.412  2.310   -1.193  1.00 26.78 ? 880  LEU A CD2 1 
ATOM   416 N N   . ILE A 1 60 ? -5.421  5.350   0.639   1.00 13.46 ? 881  ILE A N   1 
ATOM   417 C CA  . ILE A 1 60 ? -6.040  6.595   0.184   1.00 12.37 ? 881  ILE A CA  1 
ATOM   418 C C   . ILE A 1 60 ? -5.037  7.727   -0.068  1.00 13.53 ? 881  ILE A C   1 
ATOM   419 O O   . ILE A 1 60 ? -5.336  8.665   -0.812  1.00 14.68 ? 881  ILE A O   1 
ATOM   420 C CB  . ILE A 1 60 ? -7.120  7.076   1.168   1.00 19.59 ? 881  ILE A CB  1 
ATOM   421 C CG1 . ILE A 1 60 ? -6.532  7.402   2.532   1.00 23.91 ? 881  ILE A CG1 1 
ATOM   422 C CG2 . ILE A 1 60 ? -8.228  6.022   1.299   1.00 18.09 ? 881  ILE A CG2 1 
ATOM   423 C CD1 . ILE A 1 60 ? -7.412  8.353   3.342   1.00 26.64 ? 881  ILE A CD1 1 
ATOM   424 N N   . CYS A 1 61 ? -3.852  7.634   0.532   1.00 13.50 ? 882  CYS A N   1 
ATOM   425 C CA  . CYS A 1 61 ? -2.788  8.619   0.294   1.00 14.07 ? 882  CYS A CA  1 
ATOM   426 C C   . CYS A 1 61 ? -1.406  7.992   0.391   1.00 14.38 ? 882  CYS A C   1 
ATOM   427 O O   . CYS A 1 61 ? -1.158  7.149   1.252   1.00 16.79 ? 882  CYS A O   1 
ATOM   428 C CB  . CYS A 1 61 ? -2.860  9.769   1.298   1.00 19.62 ? 882  CYS A CB  1 
ATOM   429 S SG  . CYS A 1 61 ? -4.347  10.753  1.247   1.00 26.81 ? 882  CYS A SG  1 
ATOM   430 N N   . VAL A 1 62 ? -0.502  8.419   -0.486  1.00 13.70 ? 883  VAL A N   1 
ATOM   431 C CA  . VAL A 1 62 ? 0.907   8.043   -0.395  1.00 12.73 ? 883  VAL A CA  1 
ATOM   432 C C   . VAL A 1 62 ? 1.755   9.307   -0.387  1.00 13.70 ? 883  VAL A C   1 
ATOM   433 O O   . VAL A 1 62 ? 1.682   10.105  -1.317  1.00 14.98 ? 883  VAL A O   1 
ATOM   434 C CB  . VAL A 1 62 ? 1.350   7.141   -1.559  1.00 15.49 ? 883  VAL A CB  1 
ATOM   435 C CG1 . VAL A 1 62 ? 2.835   6.815   -1.441  1.00 14.97 ? 883  VAL A CG1 1 
ATOM   436 C CG2 . VAL A 1 62 ? 0.535   5.861   -1.577  1.00 15.29 ? 883  VAL A CG2 1 
ATOM   437 N N   . ASP A 1 63 ? 2.532   9.491   0.675   1.00 14.37 ? 884  ASP A N   1 
ATOM   438 C CA  . ASP A 1 63 ? 3.428   10.646  0.807   1.00 20.25 ? 884  ASP A CA  1 
ATOM   439 C C   . ASP A 1 63 ? 2.744   11.981  0.491   1.00 20.54 ? 884  ASP A C   1 
ATOM   440 O O   . ASP A 1 63 ? 3.301   12.829  -0.209  1.00 21.22 ? 884  ASP A O   1 
ATOM   441 C CB  . ASP A 1 63 ? 4.652   10.466  -0.094  1.00 19.22 ? 884  ASP A CB  1 
ATOM   442 C CG  . ASP A 1 63 ? 5.604   9.394   0.419   1.00 16.58 ? 884  ASP A CG  1 
ATOM   443 O OD1 . ASP A 1 63 ? 5.666   9.173   1.650   1.00 17.71 ? 884  ASP A OD1 1 
ATOM   444 O OD2 . ASP A 1 63 ? 6.298   8.774   -0.414  1.00 17.85 ? 884  ASP A OD2 1 
ATOM   445 N N   . GLY A 1 64 ? 1.528   12.152  1.001   1.00 19.55 ? 885  GLY A N   1 
ATOM   446 C CA  . GLY A 1 64 ? 0.791   13.391  0.821   1.00 25.36 ? 885  GLY A CA  1 
ATOM   447 C C   . GLY A 1 64 ? 0.054   13.550  -0.496  1.00 26.52 ? 885  GLY A C   1 
ATOM   448 O O   . GLY A 1 64 ? -0.538  14.594  -0.754  1.00 24.16 ? 885  GLY A O   1 
ATOM   449 N N   . THR A 1 65 ? 0.095   12.527  -1.341  1.00 17.90 ? 886  THR A N   1 
ATOM   450 C CA  . THR A 1 65 ? -0.626  12.571  -2.607  1.00 17.46 ? 886  THR A CA  1 
ATOM   451 C C   . THR A 1 65 ? -1.829  11.657  -2.490  1.00 15.74 ? 886  THR A C   1 
ATOM   452 O O   . THR A 1 65 ? -1.672  10.463  -2.223  1.00 15.34 ? 886  THR A O   1 
ATOM   453 C CB  . THR A 1 65 ? 0.240   12.121  -3.805  1.00 20.58 ? 886  THR A CB  1 
ATOM   454 O OG1 . THR A 1 65 ? 1.294   13.063  -4.031  1.00 25.29 ? 886  THR A OG1 1 
ATOM   455 C CG2 . THR A 1 65 ? -0.600  12.018  -5.052  1.00 18.86 ? 886  THR A CG2 1 
ATOM   456 N N   . PRO A 1 66 ? -3.035  12.209  -2.677  1.00 16.46 ? 887  PRO A N   1 
ATOM   457 C CA  . PRO A 1 66 ? -4.225  11.363  -2.556  1.00 14.23 ? 887  PRO A CA  1 
ATOM   458 C C   . PRO A 1 66 ? -4.354  10.426  -3.743  1.00 17.92 ? 887  PRO A C   1 
ATOM   459 O O   . PRO A 1 66 ? -4.028  10.805  -4.868  1.00 18.13 ? 887  PRO A O   1 
ATOM   460 C CB  . PRO A 1 66 ? -5.385  12.372  -2.512  1.00 18.85 ? 887  PRO A CB  1 
ATOM   461 C CG  . PRO A 1 66 ? -4.851  13.603  -3.148  1.00 27.61 ? 887  PRO A CG  1 
ATOM   462 C CD  . PRO A 1 66 ? -3.370  13.627  -2.885  1.00 24.07 ? 887  PRO A CD  1 
ATOM   463 N N   . VAL A 1 67 ? -4.823  9.208   -3.496  1.00 17.24 ? 888  VAL A N   1 
ATOM   464 C CA  . VAL A 1 67 ? -5.031  8.271   -4.586  1.00 14.47 ? 888  VAL A CA  1 
ATOM   465 C C   . VAL A 1 67 ? -6.461  7.740   -4.623  1.00 17.82 ? 888  VAL A C   1 
ATOM   466 O O   . VAL A 1 67 ? -6.762  6.838   -5.389  1.00 15.11 ? 888  VAL A O   1 
ATOM   467 C CB  . VAL A 1 67 ? -4.041  7.095   -4.508  1.00 18.01 ? 888  VAL A CB  1 
ATOM   468 C CG1 . VAL A 1 67 ? -2.618  7.607   -4.717  1.00 21.07 ? 888  VAL A CG1 1 
ATOM   469 C CG2 . VAL A 1 67 ? -4.171  6.352   -3.178  1.00 17.42 ? 888  VAL A CG2 1 
ATOM   470 N N   . ILE A 1 68 ? -7.344  8.311   -3.807  1.00 18.20 ? 889  ILE A N   1 
ATOM   471 C CA  . ILE A 1 68 ? -8.768  7.989   -3.897  1.00 16.45 ? 889  ILE A CA  1 
ATOM   472 C C   . ILE A 1 68 ? -9.303  8.330   -5.281  1.00 17.99 ? 889  ILE A C   1 
ATOM   473 O O   . ILE A 1 68 ? -9.132  9.449   -5.767  1.00 18.40 ? 889  ILE A O   1 
ATOM   474 C CB  . ILE A 1 68 ? -9.603  8.745   -2.844  1.00 22.34 ? 889  ILE A CB  1 
ATOM   475 C CG1 . ILE A 1 68 ? -9.239  8.275   -1.441  1.00 22.11 ? 889  ILE A CG1 1 
ATOM   476 C CG2 . ILE A 1 68 ? -11.088 8.532   -3.090  1.00 25.76 ? 889  ILE A CG2 1 
ATOM   477 C CD1 . ILE A 1 68 ? -9.909  9.080   -0.339  1.00 27.42 ? 889  ILE A CD1 1 
ATOM   478 N N   . GLY A 1 69 ? -9.939  7.351   -5.915  1.00 15.89 ? 890  GLY A N   1 
ATOM   479 C CA  . GLY A 1 69 ? -10.468 7.514   -7.256  1.00 18.00 ? 890  GLY A CA  1 
ATOM   480 C C   . GLY A 1 69 ? -9.396  7.488   -8.332  1.00 14.22 ? 890  GLY A C   1 
ATOM   481 O O   . GLY A 1 69 ? -9.690  7.699   -9.507  1.00 20.51 ? 890  GLY A O   1 
ATOM   482 N N   . LYS A 1 70 ? -8.157  7.226   -7.934  1.00 13.21 ? 891  LYS A N   1 
ATOM   483 C CA  . LYS A 1 70 ? -7.029  7.244   -8.871  1.00 14.06 ? 891  LYS A CA  1 
ATOM   484 C C   . LYS A 1 70 ? -6.550  5.837   -9.212  1.00 13.47 ? 891  LYS A C   1 
ATOM   485 O O   . LYS A 1 70 ? -7.114  4.856   -8.743  1.00 14.60 ? 891  LYS A O   1 
ATOM   486 C CB  . LYS A 1 70 ? -5.874  8.070   -8.306  1.00 17.13 ? 891  LYS A CB  1 
ATOM   487 C CG  . LYS A 1 70 ? -6.249  9.510   -8.012  1.00 18.55 ? 891  LYS A CG  1 
ATOM   488 C CD  . LYS A 1 70 ? -6.986  10.126  -9.189  1.00 24.51 ? 891  LYS A CD  1 
ATOM   489 C CE  . LYS A 1 70 ? -6.547  11.554  -9.443  1.00 65.03 ? 891  LYS A CE  1 
ATOM   490 N NZ  . LYS A 1 70 ? -6.687  12.396  -8.229  1.00 71.51 ? 891  LYS A NZ  1 
ATOM   491 N N   . SER A 1 71 ? -5.502  5.743   -10.027 1.00 14.79 ? 892  SER A N   1 
ATOM   492 C CA  . SER A 1 71 ? -5.180  4.470   -10.679 1.00 10.82 ? 892  SER A CA  1 
ATOM   493 C C   . SER A 1 71 ? -4.102  3.640   -10.001 1.00 12.15 ? 892  SER A C   1 
ATOM   494 O O   . SER A 1 71 ? -3.243  4.153   -9.290  1.00 12.79 ? 892  SER A O   1 
ATOM   495 C CB  . SER A 1 71 ? -4.751  4.726   -12.126 1.00 13.62 ? 892  SER A CB  1 
ATOM   496 O OG  . SER A 1 71 ? -3.479  5.361   -12.177 1.00 12.60 ? 892  SER A OG  1 
ATOM   497 N N   . HIS A 1 72 ? -4.165  2.337   -10.247 1.00 12.44 ? 893  HIS A N   1 
ATOM   498 C CA  . HIS A 1 72 ? -3.092  1.405   -9.928  1.00 13.73 ? 893  HIS A CA  1 
ATOM   499 C C   . HIS A 1 72 ? -1.738  1.930   -10.409 1.00 12.74 ? 893  HIS A C   1 
ATOM   500 O O   . HIS A 1 72 ? -0.734  1.853   -9.703  1.00 14.55 ? 893  HIS A O   1 
ATOM   501 C CB  . HIS A 1 72 ? -3.398  0.056   -10.580 1.00 12.75 ? 893  HIS A CB  1 
ATOM   502 C CG  . HIS A 1 72 ? -2.517  -1.067  -10.125 1.00 12.21 ? 893  HIS A CG  1 
ATOM   503 N ND1 . HIS A 1 72 ? -2.860  -1.900  -9.085  1.00 18.25 ? 893  HIS A ND1 1 
ATOM   504 C CD2 . HIS A 1 72 ? -1.326  -1.508  -10.591 1.00 12.31 ? 893  HIS A CD2 1 
ATOM   505 C CE1 . HIS A 1 72 ? -1.903  -2.801  -8.913  1.00 17.77 ? 893  HIS A CE1 1 
ATOM   506 N NE2 . HIS A 1 72 ? -0.967  -2.590  -9.819  1.00 18.94 ? 893  HIS A NE2 1 
ATOM   507 N N   . GLN A 1 73 ? -1.714  2.470   -11.622 1.00 12.00 ? 894  GLN A N   1 
ATOM   508 C CA  . GLN A 1 73 ? -0.471  2.972   -12.194 1.00 11.49 ? 894  GLN A CA  1 
ATOM   509 C C   . GLN A 1 73 ? 0.092   4.119   -11.365 1.00 13.76 ? 894  GLN A C   1 
ATOM   510 O O   . GLN A 1 73 ? 1.296   4.164   -11.077 1.00 14.69 ? 894  GLN A O   1 
ATOM   511 C CB  . GLN A 1 73 ? -0.700  3.428   -13.632 1.00 12.71 ? 894  GLN A CB  1 
ATOM   512 C CG  . GLN A 1 73 ? 0.569   3.839   -14.342 1.00 14.37 ? 894  GLN A CG  1 
ATOM   513 C CD  . GLN A 1 73 ? 0.282   4.300   -15.741 1.00 15.24 ? 894  GLN A CD  1 
ATOM   514 O OE1 . GLN A 1 73 ? -0.437  5.277   -15.942 1.00 15.06 ? 894  GLN A OE1 1 
ATOM   515 N NE2 . GLN A 1 73 ? 0.833   3.599   -16.724 1.00 15.41 ? 894  GLN A NE2 1 
ATOM   516 N N   . LEU A 1 74 ? -0.779  5.048   -10.984 1.00 9.86  ? 895  LEU A N   1 
ATOM   517 C CA  . LEU A 1 74 ? -0.343  6.190   -10.183 1.00 13.79 ? 895  LEU A CA  1 
ATOM   518 C C   . LEU A 1 74 ? 0.215   5.740   -8.843  1.00 14.88 ? 895  LEU A C   1 
ATOM   519 O O   . LEU A 1 74 ? 1.276   6.195   -8.433  1.00 13.82 ? 895  LEU A O   1 
ATOM   520 C CB  . LEU A 1 74 ? -1.485  7.173   -9.938  1.00 12.75 ? 895  LEU A CB  1 
ATOM   521 C CG  . LEU A 1 74 ? -1.104  8.313   -8.984  1.00 11.75 ? 895  LEU A CG  1 
ATOM   522 C CD1 . LEU A 1 74 ? -0.048  9.206   -9.617  1.00 19.31 ? 895  LEU A CD1 1 
ATOM   523 C CD2 . LEU A 1 74 ? -2.324  9.129   -8.582  1.00 18.30 ? 895  LEU A CD2 1 
ATOM   524 N N   . VAL A 1 75 ? -0.501  4.854   -8.156  1.00 12.54 ? 896  VAL A N   1 
ATOM   525 C CA  . VAL A 1 75 ? -0.060  4.450   -6.818  1.00 15.20 ? 896  VAL A CA  1 
ATOM   526 C C   . VAL A 1 75 ? 1.279   3.711   -6.895  1.00 12.71 ? 896  VAL A C   1 
ATOM   527 O O   . VAL A 1 75 ? 2.139   3.903   -6.033  1.00 13.13 ? 896  VAL A O   1 
ATOM   528 C CB  . VAL A 1 75 ? -1.125  3.588   -6.080  1.00 19.60 ? 896  VAL A CB  1 
ATOM   529 C CG1 . VAL A 1 75 ? -1.289  2.235   -6.712  1.00 22.95 ? 896  VAL A CG1 1 
ATOM   530 C CG2 . VAL A 1 75 ? -0.733  3.404   -4.622  1.00 24.99 ? 896  VAL A CG2 1 
ATOM   531 N N   . VAL A 1 76 ? 1.495   2.919   -7.945  1.00 12.56 ? 897  VAL A N   1 
ATOM   532 C CA  . VAL A 1 76 ? 2.773   2.221   -8.081  1.00 12.07 ? 897  VAL A CA  1 
ATOM   533 C C   . VAL A 1 76 ? 3.884   3.232   -8.367  1.00 11.67 ? 897  VAL A C   1 
ATOM   534 O O   . VAL A 1 76 ? 4.989   3.127   -7.824  1.00 14.09 ? 897  VAL A O   1 
ATOM   535 C CB  . VAL A 1 76 ? 2.727   1.143   -9.182  1.00 16.70 ? 897  VAL A CB  1 
ATOM   536 C CG1 . VAL A 1 76 ? 4.118   0.573   -9.437  1.00 15.16 ? 897  VAL A CG1 1 
ATOM   537 C CG2 . VAL A 1 76 ? 1.764   0.020   -8.779  1.00 13.63 ? 897  VAL A CG2 1 
ATOM   538 N N   . GLN A 1 77 ? 3.586   4.222   -9.200  1.00 13.71 ? 898  GLN A N   1 
ATOM   539 C CA  . GLN A 1 77 ? 4.533   5.304   -9.458  1.00 13.60 ? 898  GLN A CA  1 
ATOM   540 C C   . GLN A 1 77 ? 4.927   6.002   -8.152  1.00 15.93 ? 898  GLN A C   1 
ATOM   541 O O   . GLN A 1 77 ? 6.111   6.244   -7.893  1.00 14.33 ? 898  GLN A O   1 
ATOM   542 C CB  . GLN A 1 77 ? 3.936   6.317   -10.429 1.00 12.92 ? 898  GLN A CB  1 
ATOM   543 C CG  . GLN A 1 77 ? 4.812   7.530   -10.652 1.00 20.06 ? 898  GLN A CG  1 
ATOM   544 C CD  . GLN A 1 77 ? 4.223   8.486   -11.660 1.00 41.83 ? 898  GLN A CD  1 
ATOM   545 O OE1 . GLN A 1 77 ? 4.275   8.244   -12.867 1.00 69.34 ? 898  GLN A OE1 1 
ATOM   546 N NE2 . GLN A 1 77 ? 3.653   9.581   -11.172 1.00 62.01 ? 898  GLN A NE2 1 
ATOM   547 N N   . LEU A 1 78 ? 3.936   6.324   -7.327  1.00 12.60 ? 899  LEU A N   1 
ATOM   548 C CA  . LEU A 1 78 ? 4.226   6.986   -6.054  1.00 13.26 ? 899  LEU A CA  1 
ATOM   549 C C   . LEU A 1 78 ? 5.055   6.095   -5.142  1.00 16.74 ? 899  LEU A C   1 
ATOM   550 O O   . LEU A 1 78 ? 5.920   6.582   -4.405  1.00 15.24 ? 899  LEU A O   1 
ATOM   551 C CB  . LEU A 1 78 ? 2.939   7.393   -5.344  1.00 13.82 ? 899  LEU A CB  1 
ATOM   552 C CG  . LEU A 1 78 ? 2.123   8.457   -6.068  1.00 14.33 ? 899  LEU A CG  1 
ATOM   553 C CD1 . LEU A 1 78 ? 0.766   8.624   -5.404  1.00 15.68 ? 899  LEU A CD1 1 
ATOM   554 C CD2 . LEU A 1 78 ? 2.877   9.787   -6.101  1.00 22.59 ? 899  LEU A CD2 1 
ATOM   555 N N   . MET A 1 79 ? 4.796   4.791   -5.174  1.00 12.75 ? 900  MET A N   1 
ATOM   556 C CA  . MET A 1 79 ? 5.590   3.875   -4.359  1.00 12.37 ? 900  MET A CA  1 
ATOM   557 C C   . MET A 1 79 ? 7.023   3.757   -4.888  1.00 17.05 ? 900  MET A C   1 
ATOM   558 O O   . MET A 1 79 ? 7.962   3.559   -4.117  1.00 17.57 ? 900  MET A O   1 
ATOM   559 C CB  . MET A 1 79 ? 4.952   2.484   -4.304  1.00 13.68 ? 900  MET A CB  1 
ATOM   560 C CG  . MET A 1 79 ? 3.634   2.414   -3.560  1.00 13.84 ? 900  MET A CG  1 
ATOM   561 S SD  . MET A 1 79 ? 3.759   3.016   -1.862  1.00 17.32 ? 900  MET A SD  1 
ATOM   562 C CE  . MET A 1 79 ? 5.104   2.006   -1.244  1.00 18.23 ? 900  MET A CE  1 
ATOM   563 N N   . GLN A 1 80 ? 7.191   3.853   -6.203  1.00 14.12 ? 901  GLN A N   1 
ATOM   564 C CA  . GLN A 1 80 ? 8.536   3.805   -6.775  1.00 14.48 ? 901  GLN A CA  1 
ATOM   565 C C   . GLN A 1 80 ? 9.331   5.045   -6.372  1.00 20.47 ? 901  GLN A C   1 
ATOM   566 O O   . GLN A 1 80 ? 10.530  4.966   -6.105  1.00 18.53 ? 901  GLN A O   1 
ATOM   567 C CB  . GLN A 1 80 ? 8.473   3.661   -8.295  1.00 16.41 ? 901  GLN A CB  1 
ATOM   568 C CG  . GLN A 1 80 ? 7.969   2.288   -8.717  1.00 20.10 ? 901  GLN A CG  1 
ATOM   569 C CD  . GLN A 1 80 ? 7.773   2.157   -10.210 1.00 21.11 ? 901  GLN A CD  1 
ATOM   570 O OE1 . GLN A 1 80 ? 7.838   3.141   -10.950 1.00 21.40 ? 901  GLN A OE1 1 
ATOM   571 N NE2 . GLN A 1 80 ? 7.533   0.927   -10.664 1.00 22.28 ? 901  GLN A NE2 1 
ATOM   572 N N   . GLN A 1 81 ? 8.656   6.188   -6.311  1.00 18.25 ? 902  GLN A N   1 
ATOM   573 C CA  . GLN A 1 81 ? 9.302   7.414   -5.843  1.00 17.57 ? 902  GLN A CA  1 
ATOM   574 C C   . GLN A 1 81 ? 9.675   7.299   -4.363  1.00 20.12 ? 902  GLN A C   1 
ATOM   575 O O   . GLN A 1 81 ? 10.758  7.734   -3.951  1.00 19.98 ? 902  GLN A O   1 
ATOM   576 C CB  . GLN A 1 81 ? 8.389   8.618   -6.093  1.00 16.48 ? 902  GLN A CB  1 
ATOM   577 C CG  . GLN A 1 81 ? 8.166   8.878   -7.582  1.00 22.36 ? 902  GLN A CG  1 
ATOM   578 C CD  . GLN A 1 81 ? 7.110   9.932   -7.871  1.00 43.22 ? 902  GLN A CD  1 
ATOM   579 O OE1 . GLN A 1 81 ? 6.383   10.373  -6.979  1.00 38.29 ? 902  GLN A OE1 1 
ATOM   580 N NE2 . GLN A 1 81 ? 7.021   10.341  -9.130  1.00 41.76 ? 902  GLN A NE2 1 
ATOM   581 N N   . ALA A 1 82 ? 8.791   6.693   -3.574  1.00 15.82 ? 903  ALA A N   1 
ATOM   582 C CA  . ALA A 1 82 ? 9.047   6.478   -2.146  1.00 18.13 ? 903  ALA A CA  1 
ATOM   583 C C   . ALA A 1 82 ? 10.233  5.533   -1.945  1.00 21.58 ? 903  ALA A C   1 
ATOM   584 O O   . ALA A 1 82 ? 11.064  5.732   -1.050  1.00 19.13 ? 903  ALA A O   1 
ATOM   585 C CB  . ALA A 1 82 ? 7.799   5.920   -1.455  1.00 17.41 ? 903  ALA A CB  1 
ATOM   586 N N   . ALA A 1 83 ? 10.314  4.510   -2.789  1.00 20.31 ? 904  ALA A N   1 
ATOM   587 C CA  . ALA A 1 83 ? 11.414  3.553   -2.721  1.00 20.98 ? 904  ALA A CA  1 
ATOM   588 C C   . ALA A 1 83 ? 12.752  4.256   -2.934  1.00 19.44 ? 904  ALA A C   1 
ATOM   589 O O   . ALA A 1 83 ? 13.734  3.973   -2.240  1.00 24.79 ? 904  ALA A O   1 
ATOM   590 C CB  . ALA A 1 83 ? 11.223  2.449   -3.749  1.00 25.03 ? 904  ALA A CB  1 
ATOM   591 N N   . LYS A 1 84 ? 12.777  5.177   -3.892  1.00 19.96 ? 905  LYS A N   1 
ATOM   592 C CA  . LYS A 1 84 ? 13.984  5.939   -4.192  1.00 21.07 ? 905  LYS A CA  1 
ATOM   593 C C   . LYS A 1 84 ? 14.427  6.737   -2.977  1.00 20.14 ? 905  LYS A C   1 
ATOM   594 O O   . LYS A 1 84 ? 15.620  6.855   -2.696  1.00 19.83 ? 905  LYS A O   1 
ATOM   595 C CB  . LYS A 1 84 ? 13.750  6.876   -5.381  1.00 22.05 ? 905  LYS A CB  1 
ATOM   596 N N   . GLN A 1 85 ? 13.460  7.278   -2.248  1.00 17.66 ? 906  GLN A N   1 
ATOM   597 C CA  . GLN A 1 85 ? 13.780  8.127   -1.108  1.00 16.09 ? 906  GLN A CA  1 
ATOM   598 C C   . GLN A 1 85 ? 14.030  7.314   0.163   1.00 18.81 ? 906  GLN A C   1 
ATOM   599 O O   . GLN A 1 85 ? 14.616  7.823   1.124   1.00 21.46 ? 906  GLN A O   1 
ATOM   600 C CB  . GLN A 1 85 ? 12.670  9.159   -0.884  1.00 16.31 ? 906  GLN A CB  1 
ATOM   601 C CG  . GLN A 1 85 ? 12.410  10.054  -2.102  1.00 25.81 ? 906  GLN A CG  1 
ATOM   602 C CD  . GLN A 1 85 ? 13.669  10.739  -2.632  1.00 38.89 ? 906  GLN A CD  1 
ATOM   603 O OE1 . GLN A 1 85 ? 14.642  10.949  -1.901  1.00 32.45 ? 906  GLN A OE1 1 
ATOM   604 N NE2 . GLN A 1 85 ? 13.655  11.084  -3.919  1.00 36.17 ? 906  GLN A NE2 1 
ATOM   605 N N   . GLY A 1 86 ? 13.607  6.051   0.163   1.00 14.78 ? 907  GLY A N   1 
ATOM   606 C CA  . GLY A 1 86 ? 13.925  5.131   1.243   1.00 17.06 ? 907  GLY A CA  1 
ATOM   607 C C   . GLY A 1 86 ? 12.909  5.028   2.371   1.00 17.31 ? 907  GLY A C   1 
ATOM   608 O O   . GLY A 1 86 ? 13.173  4.418   3.403   1.00 15.72 ? 907  GLY A O   1 
ATOM   609 N N   . HIS A 1 87 ? 11.738  5.620   2.184   1.00 16.63 ? 908  HIS A N   1 
ATOM   610 C CA  . HIS A 1 87 ? 10.704  5.583   3.213   1.00 16.22 ? 908  HIS A CA  1 
ATOM   611 C C   . HIS A 1 87 ? 9.377   5.964   2.583   1.00 13.59 ? 908  HIS A C   1 
ATOM   612 O O   . HIS A 1 87 ? 9.356   6.557   1.506   1.00 14.82 ? 908  HIS A O   1 
ATOM   613 C CB  . HIS A 1 87 ? 11.035  6.552   4.347   1.00 16.82 ? 908  HIS A CB  1 
ATOM   614 C CG  . HIS A 1 87 ? 11.361  7.927   3.858   1.00 15.76 ? 908  HIS A CG  1 
ATOM   615 N ND1 . HIS A 1 87 ? 10.389  8.828   3.485   1.00 15.48 ? 908  HIS A ND1 1 
ATOM   616 C CD2 . HIS A 1 87 ? 12.551  8.534   3.633   1.00 13.89 ? 908  HIS A CD2 1 
ATOM   617 C CE1 . HIS A 1 87 ? 10.966  9.940   3.059   1.00 17.56 ? 908  HIS A CE1 1 
ATOM   618 N NE2 . HIS A 1 87 ? 12.275  9.788   3.141   1.00 17.24 ? 908  HIS A NE2 1 
ATOM   619 N N   . VAL A 1 88 ? 8.279   5.652   3.263   1.00 16.22 ? 909  VAL A N   1 
ATOM   620 C CA  . VAL A 1 88 ? 6.967   6.015   2.747   1.00 12.39 ? 909  VAL A CA  1 
ATOM   621 C C   . VAL A 1 88 ? 6.004   6.332   3.878   1.00 11.79 ? 909  VAL A C   1 
ATOM   622 O O   . VAL A 1 88 ? 6.117   5.791   4.977   1.00 15.85 ? 909  VAL A O   1 
ATOM   623 C CB  . VAL A 1 88 ? 6.376   4.886   1.843   1.00 12.09 ? 909  VAL A CB  1 
ATOM   624 C CG1 . VAL A 1 88 ? 5.985   3.660   2.667   1.00 13.02 ? 909  VAL A CG1 1 
ATOM   625 C CG2 . VAL A 1 88 ? 5.183   5.405   1.031   1.00 11.34 ? 909  VAL A CG2 1 
ATOM   626 N N   . ASN A 1 89 ? 5.089   7.258   3.614   1.00 15.50 ? 910  ASN A N   1 
ATOM   627 C CA  . ASN A 1 89 ? 3.942   7.478   4.478   1.00 16.92 ? 910  ASN A CA  1 
ATOM   628 C C   . ASN A 1 89 ? 2.691   6.998   3.786   1.00 16.62 ? 910  ASN A C   1 
ATOM   629 O O   . ASN A 1 89 ? 2.375   7.460   2.693   1.00 18.72 ? 910  ASN A O   1 
ATOM   630 C CB  . ASN A 1 89 ? 3.783   8.953   4.835   1.00 17.68 ? 910  ASN A CB  1 
ATOM   631 C CG  . ASN A 1 89 ? 4.693   9.380   5.960   1.00 22.86 ? 910  ASN A CG  1 
ATOM   632 O OD1 . ASN A 1 89 ? 4.293   9.398   7.124   1.00 25.89 ? 910  ASN A OD1 1 
ATOM   633 N ND2 . ASN A 1 89 ? 5.922   9.718   5.621   1.00 17.98 ? 910  ASN A ND2 1 
ATOM   634 N N   . LEU A 1 90 ? 1.981   6.079   4.426   1.00 16.57 ? 911  LEU A N   1 
ATOM   635 C CA  . LEU A 1 90 ? 0.739   5.543   3.882   1.00 17.40 ? 911  LEU A CA  1 
ATOM   636 C C   . LEU A 1 90 ? -0.426  6.013   4.729   1.00 24.06 ? 911  LEU A C   1 
ATOM   637 O O   . LEU A 1 90 ? -0.378  5.907   5.951   1.00 25.15 ? 911  LEU A O   1 
ATOM   638 C CB  . LEU A 1 90 ? 0.773   4.017   3.866   1.00 14.05 ? 911  LEU A CB  1 
ATOM   639 C CG  . LEU A 1 90 ? 1.970   3.348   3.183   1.00 19.18 ? 911  LEU A CG  1 
ATOM   640 C CD1 . LEU A 1 90 ? 1.981   1.857   3.506   1.00 22.60 ? 911  LEU A CD1 1 
ATOM   641 C CD2 . LEU A 1 90 ? 1.944   3.584   1.674   1.00 21.39 ? 911  LEU A CD2 1 
ATOM   642 N N   . THR A 1 91 ? -1.470  6.535   4.095   1.00 14.26 ? 912  THR A N   1 
ATOM   643 C CA  . THR A 1 91 ? -2.724  6.723   4.812   1.00 11.20 ? 912  THR A CA  1 
ATOM   644 C C   . THR A 1 91 ? -3.699  5.676   4.320   1.00 12.77 ? 912  THR A C   1 
ATOM   645 O O   . THR A 1 91 ? -3.966  5.580   3.119   1.00 13.12 ? 912  THR A O   1 
ATOM   646 C CB  . THR A 1 91 ? -3.317  8.114   4.614   1.00 18.04 ? 912  THR A CB  1 
ATOM   647 O OG1 . THR A 1 91 ? -2.344  9.096   4.990   1.00 22.43 ? 912  THR A OG1 1 
ATOM   648 C CG2 . THR A 1 91 ? -4.544  8.277   5.488   1.00 19.68 ? 912  THR A CG2 1 
ATOM   649 N N   . VAL A 1 92 ? -4.195  4.866   5.243   1.00 13.45 ? 913  VAL A N   1 
ATOM   650 C CA  . VAL A 1 92 ? -5.096  3.789   4.876   1.00 14.55 ? 913  VAL A CA  1 
ATOM   651 C C   . VAL A 1 92 ? -6.402  3.881   5.639   1.00 16.88 ? 913  VAL A C   1 
ATOM   652 O O   . VAL A 1 92 ? -6.499  4.552   6.667   1.00 14.02 ? 913  VAL A O   1 
ATOM   653 C CB  . VAL A 1 92 ? -4.474  2.390   5.119   1.00 17.33 ? 913  VAL A CB  1 
ATOM   654 C CG1 . VAL A 1 92 ? -3.201  2.203   4.279   1.00 15.91 ? 913  VAL A CG1 1 
ATOM   655 C CG2 . VAL A 1 92 ? -4.201  2.161   6.602   1.00 17.07 ? 913  VAL A CG2 1 
ATOM   656 N N   . ARG A 1 93 ? -7.413  3.210   5.105   1.00 13.76 ? 914  ARG A N   1 
ATOM   657 C CA  . ARG A 1 93 ? -8.696  3.090   5.776   1.00 16.45 ? 914  ARG A CA  1 
ATOM   658 C C   . ARG A 1 93 ? -9.091  1.631   5.847   1.00 19.30 ? 914  ARG A C   1 
ATOM   659 O O   . ARG A 1 93 ? -8.932  0.891   4.878   1.00 19.56 ? 914  ARG A O   1 
ATOM   660 C CB  . ARG A 1 93 ? -9.770  3.891   5.049   1.00 18.36 ? 914  ARG A CB  1 
ATOM   661 C CG  . ARG A 1 93 ? -9.543  5.380   5.106   1.00 19.84 ? 914  ARG A CG  1 
ATOM   662 C CD  . ARG A 1 93 ? -10.608 6.128   4.329   1.00 25.23 ? 914  ARG A CD  1 
ATOM   663 N NE  . ARG A 1 93 ? -10.476 7.561   4.546   1.00 20.79 ? 914  ARG A NE  1 
ATOM   664 C CZ  . ARG A 1 93 ? -11.119 8.490   3.848   1.00 27.09 ? 914  ARG A CZ  1 
ATOM   665 N NH1 . ARG A 1 93 ? -11.954 8.136   2.880   1.00 28.63 ? 914  ARG A NH1 1 
ATOM   666 N NH2 . ARG A 1 93 ? -10.927 9.775   4.124   1.00 28.61 ? 914  ARG A NH2 1 
ATOM   667 N N   . ARG A 1 94 ? -9.594  1.204   6.995   1.00 21.69 ? 915  ARG A N   1 
ATOM   668 C CA  . ARG A 1 94 ? -10.077 -0.164  7.086   1.00 25.75 ? 915  ARG A CA  1 
ATOM   669 C C   . ARG A 1 94 ? -11.482 -0.200  7.655   1.00 27.27 ? 915  ARG A C   1 
ATOM   670 O O   . ARG A 1 94 ? -11.811 0.541   8.581   1.00 23.71 ? 915  ARG A O   1 
ATOM   671 C CB  . ARG A 1 94 ? -9.124  -1.035  7.905   1.00 27.73 ? 915  ARG A CB  1 
ATOM   672 C CG  . ARG A 1 94 ? -8.992  -0.709  9.366   1.00 35.94 ? 915  ARG A CG  1 
ATOM   673 C CD  . ARG A 1 94 ? -8.305  -1.862  10.095  1.00 65.52 ? 915  ARG A CD  1 
ATOM   674 N NE  . ARG A 1 94 ? -6.940  -2.113  9.626   1.00 30.14 ? 915  ARG A NE  1 
ATOM   675 C CZ  . ARG A 1 94 ? -5.889  -1.358  9.937   1.00 77.81 ? 915  ARG A CZ  1 
ATOM   676 N NH1 . ARG A 1 94 ? -4.685  -1.668  9.472   1.00 31.96 ? 915  ARG A NH1 1 
ATOM   677 N NH2 . ARG A 1 94 ? -6.041  -0.290  10.713  1.00 54.52 ? 915  ARG A NH2 1 
ATOM   678 N N   . LYS A 1 95 ? -12.316 -1.049  7.061   1.00 25.97 ? 916  LYS A N   1 
ATOM   679 C CA  . LYS A 1 95 ? -13.710 -1.160  7.451   1.00 35.05 ? 916  LYS A CA  1 
ATOM   680 C C   . LYS A 1 95 ? -13.808 -1.644  8.884   1.00 40.53 ? 916  LYS A C   1 
ATOM   681 O O   . LYS A 1 95 ? -13.113 -2.581  9.281   1.00 33.44 ? 916  LYS A O   1 
ATOM   682 C CB  . LYS A 1 95 ? -14.459 -2.109  6.512   1.00 40.71 ? 916  LYS A CB  1 
ATOM   683 N N   . VAL A 1 96 ? -14.667 -0.994  9.661   1.00 36.28 ? 917  VAL A N   1 
ATOM   684 C CA  . VAL A 1 96 ? -14.864 -1.364  11.054  1.00 38.16 ? 917  VAL A CA  1 
ATOM   685 C C   . VAL A 1 96 ? -16.328 -1.214  11.444  1.00 49.33 ? 917  VAL A C   1 
ATOM   686 O O   . VAL A 1 96 ? -16.977 -2.185  11.828  1.00 68.46 ? 917  VAL A O   1 
ATOM   687 C CB  . VAL A 1 96 ? -13.997 -0.511  11.993  1.00 41.79 ? 917  VAL A CB  1 
ATOM   688 C CG1 . VAL A 1 96 ? -14.505 0.915   12.024  1.00 35.67 ? 917  VAL A CG1 1 
ATOM   689 C CG2 . VAL A 1 96 ? -13.996 -1.105  13.387  1.00 82.34 ? 917  VAL A CG2 1 
ATOM   690 N N   . LEU B 2 1  ? -4.421  -15.532 -10.174 1.00 34.66 ? 1247 LEU B N   1 
ATOM   691 C CA  . LEU B 2 1  ? -3.297  -15.767 -9.278  1.00 30.66 ? 1247 LEU B CA  1 
ATOM   692 C C   . LEU B 2 1  ? -3.783  -16.122 -7.873  1.00 25.83 ? 1247 LEU B C   1 
ATOM   693 O O   . LEU B 2 1  ? -4.814  -15.615 -7.429  1.00 28.98 ? 1247 LEU B O   1 
ATOM   694 C CB  . LEU B 2 1  ? -2.397  -14.529 -9.226  1.00 27.52 ? 1247 LEU B CB  1 
ATOM   695 C CG  . LEU B 2 1  ? -1.697  -14.104 -10.521 1.00 39.87 ? 1247 LEU B CG  1 
ATOM   696 C CD1 . LEU B 2 1  ? -1.244  -12.653 -10.435 1.00 31.62 ? 1247 LEU B CD1 1 
ATOM   697 C CD2 . LEU B 2 1  ? -0.516  -15.014 -10.820 1.00 32.53 ? 1247 LEU B CD2 1 
ATOM   698 N N   . PRO B 2 2  ? -3.038  -16.989 -7.162  1.00 24.35 ? 1248 PRO B N   1 
ATOM   699 C CA  . PRO B 2 2  ? -3.298  -17.234 -5.738  1.00 26.12 ? 1248 PRO B CA  1 
ATOM   700 C C   . PRO B 2 2  ? -3.043  -15.961 -4.940  1.00 21.63 ? 1248 PRO B C   1 
ATOM   701 O O   . PRO B 2 2  ? -2.197  -15.206 -5.382  1.00 20.62 ? 1248 PRO B O   1 
ATOM   702 C CB  . PRO B 2 2  ? -2.282  -18.312 -5.375  1.00 27.26 ? 1248 PRO B CB  1 
ATOM   703 C CG  . PRO B 2 2  ? -1.172  -18.109 -6.339  1.00 28.61 ? 1248 PRO B CG  1 
ATOM   704 C CD  . PRO B 2 2  ? -1.818  -17.676 -7.621  1.00 27.33 ? 1248 PRO B CD  1 
ATOM   705 N N   . PHE B 2 3  ? -3.707  -15.743 -3.805  1.00 21.30 ? 1249 PHE B N   1 
ATOM   706 C CA  . PHE B 2 3  ? -3.653  -14.439 -3.122  1.00 21.27 ? 1249 PHE B CA  1 
ATOM   707 C C   . PHE B 2 3  ? -2.248  -13.915 -2.802  1.00 29.72 ? 1249 PHE B C   1 
ATOM   708 O O   . PHE B 2 3  ? -2.040  -12.699 -2.740  1.00 25.02 ? 1249 PHE B O   1 
ATOM   709 C CB  . PHE B 2 3  ? -4.453  -14.481 -1.823  1.00 18.16 ? 1249 PHE B CB  1 
ATOM   710 C CG  . PHE B 2 3  ? -4.435  -13.181 -1.059  1.00 20.60 ? 1249 PHE B CG  1 
ATOM   711 C CD1 . PHE B 2 3  ? -5.221  -12.114 -1.460  1.00 18.86 ? 1249 PHE B CD1 1 
ATOM   712 C CD2 . PHE B 2 3  ? -3.643  -13.038 0.067   1.00 26.95 ? 1249 PHE B CD2 1 
ATOM   713 C CE1 . PHE B 2 3  ? -5.207  -10.922 -0.752  1.00 17.09 ? 1249 PHE B CE1 1 
ATOM   714 C CE2 . PHE B 2 3  ? -3.623  -11.851 0.776   1.00 19.57 ? 1249 PHE B CE2 1 
ATOM   715 C CZ  . PHE B 2 3  ? -4.410  -10.795 0.368   1.00 19.21 ? 1249 PHE B CZ  1 
ATOM   716 N N   . GLU B 2 4  ? -1.293  -14.788 -2.659  1.00 21.27 ? 1250 GLU B N   1 
ATOM   717 C CA  . GLU B 2 4  ? 0.061   -14.317 -2.300  1.00 21.24 ? 1250 GLU B CA  1 
ATOM   718 C C   . GLU B 2 4  ? 0.785   -13.734 -3.510  1.00 20.76 ? 1250 GLU B C   1 
ATOM   719 O O   . GLU B 2 4  ? 1.795   -13.133 -3.277  1.00 20.83 ? 1250 GLU B O   1 
ATOM   720 C CB  . GLU B 2 4  ? 0.887   -15.440 -1.692  1.00 21.46 ? 1250 GLU B CB  1 
ATOM   721 C CG  . GLU B 2 4  ? 0.249   -16.014 -0.450  1.00 59.11 ? 1250 GLU B CG  1 
ATOM   722 C CD  . GLU B 2 4  ? -0.987  -16.866 -0.692  1.00 91.85 ? 1250 GLU B CD  1 
ATOM   723 O OE1 . GLU B 2 4  ? -1.179  -17.300 -1.827  1.00 33.10 ? 1250 GLU B OE1 1 
ATOM   724 O OE2 . GLU B 2 4  ? -1.763  -17.070 0.288   1.00 74.57 ? 1250 GLU B OE2 1 
ATOM   725 N N   . LEU B 2 5  ? 0.292   -13.907 -4.714  1.00 14.04 ? 1251 LEU B N   1 
ATOM   726 C CA  . LEU B 2 5  ? 1.010   -13.391 -5.907  1.00 16.17 ? 1251 LEU B CA  1 
ATOM   727 C C   . LEU B 2 5  ? 0.215   -12.274 -6.579  1.00 21.10 ? 1251 LEU B C   1 
ATOM   728 O O   . LEU B 2 5  ? 0.699   -11.729 -7.534  1.00 22.07 ? 1251 LEU B O   1 
ATOM   729 C CB  . LEU B 2 5  ? 1.240   -14.529 -6.901  1.00 19.71 ? 1251 LEU B CB  1 
ATOM   730 C CG  . LEU B 2 5  ? 2.215   -15.607 -6.456  1.00 16.34 ? 1251 LEU B CG  1 
ATOM   731 C CD1 . LEU B 2 5  ? 2.335   -16.698 -7.506  1.00 18.79 ? 1251 LEU B CD1 1 
ATOM   732 C CD2 . LEU B 2 5  ? 3.569   -15.007 -6.190  1.00 24.39 ? 1251 LEU B CD2 1 
ATOM   733 N N   . ARG B 2 6  ? -0.972  -12.016 -6.108  1.00 19.16 ? 1252 ARG B N   1 
ATOM   734 C CA  . ARG B 2 6  ? -1.872  -11.037 -6.735  1.00 22.73 ? 1252 ARG B CA  1 
ATOM   735 C C   . ARG B 2 6  ? -1.374  -9.614  -6.458  1.00 20.01 ? 1252 ARG B C   1 
ATOM   736 O O   . ARG B 2 6  ? -0.939  -9.393  -5.387  1.00 19.88 ? 1252 ARG B O   1 
ATOM   737 C CB  . ARG B 2 6  ? -3.221  -11.281 -6.058  1.00 30.00 ? 1252 ARG B CB  1 
ATOM   738 C CG  . ARG B 2 6  ? -4.416  -11.282 -6.985  1.00 30.00 ? 1252 ARG B CG  1 
ATOM   739 C CD  . ARG B 2 6  ? -5.693  -11.688 -6.267  1.00 30.00 ? 1252 ARG B CD  1 
ATOM   740 N NE  . ARG B 2 6  ? -5.810  -13.126 -6.234  1.00 30.00 ? 1252 ARG B NE  1 
ATOM   741 C CZ  . ARG B 2 6  ? -6.681  -13.811 -5.510  1.00 30.00 ? 1252 ARG B CZ  1 
ATOM   742 N NH1 . ARG B 2 6  ? -7.414  -13.197 -4.606  1.00 30.00 ? 1252 ARG B NH1 1 
ATOM   743 N NH2 . ARG B 2 6  ? -6.805  -15.107 -5.692  1.00 30.00 ? 1252 ARG B NH2 1 
ATOM   744 N N   . GLY B 2 7  ? -1.444  -8.708  -7.402  1.00 19.49 ? 1253 GLY B N   1 
ATOM   745 C CA  . GLY B 2 7  ? -1.027  -7.326  -7.123  1.00 16.38 ? 1253 GLY B CA  1 
ATOM   746 C C   . GLY B 2 7  ? 0.446   -7.076  -7.370  1.00 23.79 ? 1253 GLY B C   1 
ATOM   747 O O   . GLY B 2 7  ? 1.151   -8.025  -7.657  1.00 20.77 ? 1253 GLY B O   1 
ATOM   748 N N   . HIS B 2 8  ? 0.856   -5.865  -7.177  1.00 14.57 ? 1254 HIS B N   1 
ATOM   749 C CA  . HIS B 2 8  ? 2.246   -5.464  -7.444  1.00 16.03 ? 1254 HIS B CA  1 
ATOM   750 C C   . HIS B 2 8  ? 3.013   -5.384  -6.129  1.00 16.79 ? 1254 HIS B C   1 
ATOM   751 O O   . HIS B 2 8  ? 2.569   -4.683  -5.275  1.00 17.68 ? 1254 HIS B O   1 
ATOM   752 C CB  . HIS B 2 8  ? 2.214   -4.109  -8.133  1.00 18.65 ? 1254 HIS B CB  1 
ATOM   753 C CG  . HIS B 2 8  ? 3.540   -3.674  -8.608  1.00 25.64 ? 1254 HIS B CG  1 
ATOM   754 N ND1 . HIS B 2 8  ? 4.387   -2.942  -7.841  1.00 30.38 ? 1254 HIS B ND1 1 
ATOM   755 C CD2 . HIS B 2 8  ? 4.178   -3.887  -9.760  1.00 24.86 ? 1254 HIS B CD2 1 
ATOM   756 C CE1 . HIS B 2 8  ? 5.490   -2.722  -8.504  1.00 21.98 ? 1254 HIS B CE1 1 
ATOM   757 N NE2 . HIS B 2 8  ? 5.377   -3.264  -9.671  1.00 32.41 ? 1254 HIS B NE2 1 
ATOM   758 N N   . LEU B 2 9  ? 4.125   -6.071  -6.027  1.00 14.51 ? 1255 LEU B N   1 
ATOM   759 C CA  . LEU B 2 9  ? 4.893   -6.021  -4.771  1.00 13.46 ? 1255 LEU B CA  1 
ATOM   760 C C   . LEU B 2 9  ? 5.699   -4.722  -4.710  1.00 14.11 ? 1255 LEU B C   1 
ATOM   761 O O   . LEU B 2 9  ? 6.319   -4.367  -5.659  1.00 17.31 ? 1255 LEU B O   1 
ATOM   762 C CB  . LEU B 2 9  ? 5.814   -7.236  -4.666  1.00 12.42 ? 1255 LEU B CB  1 
ATOM   763 C CG  . LEU B 2 9  ? 6.588   -7.365  -3.367  1.00 17.27 ? 1255 LEU B CG  1 
ATOM   764 C CD1 . LEU B 2 9  ? 5.660   -7.658  -2.221  1.00 16.44 ? 1255 LEU B CD1 1 
ATOM   765 C CD2 . LEU B 2 9  ? 7.663   -8.421  -3.469  1.00 18.44 ? 1255 LEU B CD2 1 
ATOM   766 N N   . VAL B 2 10 ? 5.641   -4.082  -3.578  1.00 30.00 ? 1256 VAL B N   1 
ATOM   767 C CA  . VAL B 2 10 ? 6.437   -2.858  -3.329  1.00 30.00 ? 1256 VAL B CA  1 
ATOM   768 C C   . VAL B 2 10 ? 7.240   -3.074  -2.037  1.00 30.00 ? 1256 VAL B C   1 
ATOM   769 O O   . VAL B 2 10 ? 8.016   -2.256  -1.739  1.00 30.00 ? 1256 VAL B O   1 
ATOM   770 C CB  . VAL B 2 10 ? 5.550   -1.603  -3.272  1.00 30.00 ? 1256 VAL B CB  1 
ATOM   771 C CG1 . VAL B 2 10 ? 4.833   -1.352  -4.579  1.00 30.00 ? 1256 VAL B CG1 1 
ATOM   772 C CG2 . VAL B 2 10 ? 4.577   -1.667  -2.123  1.00 30.00 ? 1256 VAL B CG2 1 
ATOM   773 O OXT . VAL B 2 10 ? 7.068   -4.100  -1.405  1.00 30.00 ? 1256 VAL B OXT 1 
HETATM 774 O O   . HOH C 3 .  ? 3.396   6.493   -14.222 1.00 31.98 ? 1001 HOH A O   1 
HETATM 775 O O   . HOH C 3 .  ? -9.122  -5.538  -7.184  1.00 32.82 ? 1002 HOH A O   1 
HETATM 776 O O   . HOH C 3 .  ? 3.607   12.721  -3.290  1.00 32.45 ? 1003 HOH A O   1 
HETATM 777 O O   . HOH C 3 .  ? -9.392  -5.228  -10.553 1.00 30.07 ? 1004 HOH A O   1 
HETATM 778 O O   . HOH C 3 .  ? -12.942 4.760   -1.566  1.00 37.16 ? 1005 HOH A O   1 
HETATM 779 O O   . HOH C 3 .  ? 10.508  -7.464  2.272   1.00 34.10 ? 1006 HOH A O   1 
HETATM 780 O O   . HOH C 3 .  ? -1.117  -13.367 2.718   1.00 29.76 ? 1007 HOH A O   1 
HETATM 781 O O   . HOH C 3 .  ? -1.368  7.363   -14.652 1.00 26.94 ? 1008 HOH A O   1 
HETATM 782 O O   . HOH C 3 .  ? 16.244  3.592   -1.563  1.00 39.44 ? 1009 HOH A O   1 
HETATM 783 O O   . HOH C 3 .  ? -5.487  10.239  9.253   1.00 19.05 ? 1010 HOH A O   1 
HETATM 784 O O   . HOH C 3 .  ? -4.489  -0.911  -13.714 0.50 14.47 ? 1011 HOH A O   1 
HETATM 785 O O   . HOH C 3 .  ? 6.071   -6.831  5.209   1.00 17.79 ? 1012 HOH A O   1 
HETATM 786 O O   . HOH C 3 .  ? 8.920   -6.034  -0.789  1.00 36.87 ? 1013 HOH A O   1 
HETATM 787 O O   . HOH C 3 .  ? 17.104  11.294  -2.880  1.00 42.34 ? 1014 HOH A O   1 
HETATM 788 O O   . HOH C 3 .  ? -7.946  -4.598  6.537   1.00 20.48 ? 1015 HOH A O   1 
HETATM 789 O O   . HOH C 3 .  ? 6.111   8.991   -3.076  1.00 19.49 ? 1016 HOH A O   1 
HETATM 790 O O   . HOH C 3 .  ? -9.464  4.309   -7.580  1.00 15.99 ? 1017 HOH A O   1 
HETATM 791 O O   . HOH C 3 .  ? 2.722   -1.673  8.942   1.00 16.80 ? 1018 HOH A O   1 
HETATM 792 O O   . HOH C 3 .  ? 12.246  3.406   -7.488  1.00 33.42 ? 1019 HOH A O   1 
HETATM 793 O O   . HOH C 3 .  ? 7.715   9.206   3.429   1.00 18.48 ? 1020 HOH A O   1 
HETATM 794 O O   . HOH C 3 .  ? 1.510   -5.395  9.613   1.00 23.89 ? 1021 HOH A O   1 
HETATM 795 O O   . HOH C 3 .  ? -8.540  3.750   -2.758  1.00 15.70 ? 1022 HOH A O   1 
HETATM 796 O O   . HOH C 3 .  ? -3.194  -4.227  -11.960 1.00 26.64 ? 1023 HOH A O   1 
HETATM 797 O O   . HOH C 3 .  ? -4.053  12.813  -6.724  1.00 27.77 ? 1024 HOH A O   1 
HETATM 798 O O   . HOH C 3 .  ? 10.180  -4.994  3.419   1.00 21.04 ? 1025 HOH A O   1 
HETATM 799 O O   . HOH C 3 .  ? 14.009  11.808  2.452   1.00 15.91 ? 1026 HOH A O   1 
HETATM 800 O O   . HOH C 3 .  ? 1.925   -11.570 6.645   1.00 44.62 ? 1027 HOH A O   1 
HETATM 801 O O   . HOH C 3 .  ? -3.352  -1.746  12.748  1.00 33.98 ? 1028 HOH A O   1 
HETATM 802 O O   . HOH C 3 .  ? -7.849  11.659  -4.743  1.00 25.21 ? 1029 HOH A O   1 
HETATM 803 O O   . HOH C 3 .  ? 1.484   -8.119  9.224   1.00 41.51 ? 1030 HOH A O   1 
HETATM 804 O O   . HOH C 3 .  ? -1.044  -10.997 4.172   1.00 22.30 ? 1031 HOH A O   1 
HETATM 805 O O   . HOH C 3 .  ? 8.989   9.090   0.258   1.00 18.08 ? 1032 HOH A O   1 
HETATM 806 O O   . HOH C 3 .  ? -1.457  16.908  -2.031  1.00 38.86 ? 1033 HOH A O   1 
HETATM 807 O O   . HOH C 3 .  ? -12.271 1.154   2.943   1.00 31.73 ? 1034 HOH A O   1 
HETATM 808 O O   . HOH C 3 .  ? 3.845   15.551  0.152   1.00 28.88 ? 1035 HOH A O   1 
HETATM 809 O O   . HOH C 3 .  ? 15.529  10.497  0.716   1.00 18.71 ? 1036 HOH A O   1 
HETATM 810 O O   . HOH C 3 .  ? -6.984  -8.822  6.896   1.00 37.79 ? 1037 HOH A O   1 
HETATM 811 O O   . HOH C 3 .  ? 5.947   -13.408 0.953   1.00 32.08 ? 1038 HOH A O   1 
HETATM 812 O O   . HOH C 3 .  ? 14.577  -7.819  3.676   1.00 39.81 ? 1039 HOH A O   1 
HETATM 813 O O   . HOH C 3 .  ? 9.305   -1.552  9.688   1.00 32.16 ? 1040 HOH A O   1 
HETATM 814 O O   . HOH C 3 .  ? -11.998 6.498   -10.826 1.00 22.08 ? 1041 HOH A O   1 
HETATM 815 O O   . HOH C 3 .  ? 13.475  4.874   13.117  1.00 30.29 ? 1042 HOH A O   1 
HETATM 816 O O   . HOH C 3 .  ? -10.285 6.854   12.167  1.00 25.46 ? 1043 HOH A O   1 
HETATM 817 O O   . HOH C 3 .  ? -9.940  4.658   -4.897  1.00 17.08 ? 1044 HOH A O   1 
HETATM 818 O O   . HOH C 3 .  ? 11.644  -1.318  7.870   1.00 31.62 ? 1045 HOH A O   1 
HETATM 819 O O   . HOH C 3 .  ? 9.694   1.050   9.441   1.00 24.17 ? 1046 HOH A O   1 
HETATM 820 O O   . HOH C 3 .  ? 5.156   -11.350 -2.221  1.00 24.35 ? 1047 HOH A O   1 
HETATM 821 O O   . HOH C 3 .  ? 15.594  2.983   4.140   1.00 36.36 ? 1048 HOH A O   1 
HETATM 822 O O   . HOH C 3 .  ? -14.824 7.106   9.378   1.00 37.96 ? 1049 HOH A O   1 
HETATM 823 O O   . HOH C 3 .  ? 17.346  -4.245  4.486   1.00 37.51 ? 1050 HOH A O   1 
HETATM 824 O O   . HOH C 3 .  ? -2.941  -8.695  7.445   1.00 22.10 ? 1051 HOH A O   1 
HETATM 825 O O   . HOH C 3 .  ? 17.854  6.192   -4.579  1.00 46.03 ? 1052 HOH A O   1 
HETATM 826 O O   . HOH C 3 .  ? -2.515  6.784   12.705  1.00 30.57 ? 1053 HOH A O   1 
HETATM 827 O O   . HOH C 3 .  ? -12.751 5.428   1.869   1.00 31.73 ? 1054 HOH A O   1 
HETATM 828 O O   . HOH C 3 .  ? 8.167   2.134   11.179  1.00 40.98 ? 1055 HOH A O   1 
HETATM 829 O O   . HOH C 3 .  ? -10.854 -1.426  3.611   1.00 28.13 ? 1056 HOH A O   1 
HETATM 830 O O   . HOH C 3 .  ? -4.568  8.182   -11.896 1.00 16.75 ? 1057 HOH A O   1 
HETATM 831 O O   . HOH C 3 .  ? -15.196 -0.299  -9.981  1.00 36.81 ? 1058 HOH A O   1 
HETATM 832 O O   . HOH C 3 .  ? 6.238   5.372   12.660  1.00 24.98 ? 1059 HOH A O   1 
HETATM 833 O O   . HOH C 3 .  ? -13.071 10.876  1.893   1.00 38.83 ? 1060 HOH A O   1 
HETATM 834 O O   . HOH C 3 .  ? 6.961   -0.129  -13.555 1.00 36.20 ? 1061 HOH A O   1 
HETATM 835 O O   . HOH C 3 .  ? 10.482  -2.512  -5.434  1.00 41.99 ? 1062 HOH A O   1 
HETATM 836 O O   . HOH C 3 .  ? -0.657  5.044   13.582  1.00 38.69 ? 1063 HOH A O   1 
HETATM 837 O O   . HOH C 3 .  ? -12.713 4.710   -4.775  1.00 36.08 ? 1064 HOH A O   1 
HETATM 838 O O   . HOH C 3 .  ? -4.439  -5.640  -9.051  1.00 17.24 ? 1065 HOH A O   1 
HETATM 839 O O   . HOH C 3 .  ? -10.633 -3.652  5.696   1.00 48.26 ? 1066 HOH A O   1 
HETATM 840 O O   . HOH C 3 .  ? 4.486   1.084   15.079  1.00 47.72 ? 1067 HOH A O   1 
HETATM 841 O O   . HOH C 3 .  ? 2.839   -0.176  16.122  1.00 44.88 ? 1068 HOH A O   1 
HETATM 842 O O   . HOH C 3 .  ? 9.526   -1.428  12.284  1.00 37.13 ? 1069 HOH A O   1 
HETATM 843 O O   . HOH C 3 .  ? -13.719 6.768   -6.136  1.00 41.88 ? 1070 HOH A O   1 
HETATM 844 O O   . HOH C 3 .  ? 8.581   0.138   -5.878  1.00 24.78 ? 1071 HOH A O   1 
HETATM 845 O O   . HOH C 3 .  ? 13.968  1.849   12.964  1.00 43.32 ? 1072 HOH A O   1 
HETATM 846 O O   . HOH C 3 .  ? -8.829  -5.590  8.936   1.00 42.87 ? 1073 HOH A O   1 
HETATM 847 O O   . HOH C 3 .  ? -16.564 0.430   -4.872  1.00 38.23 ? 1074 HOH A O   1 
HETATM 848 O O   . HOH C 3 .  ? -0.307  -9.291  8.483   1.00 45.76 ? 1075 HOH A O   1 
HETATM 849 O O   . HOH C 3 .  ? -2.661  15.263  -6.203  1.00 38.63 ? 1076 HOH A O   1 
HETATM 850 O O   . HOH C 3 .  ? -3.393  10.611  -12.214 1.00 30.76 ? 1077 HOH A O   1 
HETATM 851 O O   . HOH D 3 .  ? 4.326   -13.668 -2.574  1.00 36.56 ? 1301 HOH B O   1 
HETATM 852 O O   . HOH D 3 .  ? 9.685   -0.522  -3.042  1.00 29.24 ? 1302 HOH B O   1 
HETATM 853 O O   . HOH D 3 .  ? -1.850  -9.961  -2.787  1.00 18.00 ? 1303 HOH B O   1 
HETATM 854 O O   . HOH D 3 .  ? 7.029   -5.498  -8.123  1.00 22.42 ? 1304 HOH B O   1 
HETATM 855 O O   . HOH D 3 .  ? -8.174  -10.484 -4.301  1.00 31.44 ? 1305 HOH B O   1 
HETATM 856 O O   . HOH D 3 .  ? -9.118  -16.769 -5.307  1.00 28.36 ? 1306 HOH B O   1 
HETATM 857 O O   . HOH D 3 .  ? -5.644  -17.731 -2.918  1.00 29.03 ? 1307 HOH B O   1 
HETATM 858 O O   . HOH D 3 .  ? -9.327  -14.175 -2.572  1.00 32.72 ? 1308 HOH B O   1 
HETATM 859 O O   . HOH D 3 .  ? -3.098  -9.173  -10.099 1.00 33.44 ? 1309 HOH B O   1 
HETATM 860 O O   . HOH D 3 .  ? 3.290   -8.619  -10.259 1.00 40.10 ? 1310 HOH B O   1 
HETATM 861 O O   . HOH D 3 .  ? -3.276  -19.233 -10.813 1.00 39.14 ? 1311 HOH B O   1 
# 
